data_3SOL
# 
_entry.id   3SOL 
# 
_audit_conform.dict_name       mmcif_pdbx.dic 
_audit_conform.dict_version    5.398 
_audit_conform.dict_location   http://mmcif.pdb.org/dictionaries/ascii/mmcif_pdbx.dic 
# 
loop_
_database_2.database_id 
_database_2.database_code 
_database_2.pdbx_database_accession 
_database_2.pdbx_DOI 
PDB   3SOL         pdb_00003sol 10.2210/pdb3sol/pdb 
RCSB  RCSB066458   ?            ?                   
WWPDB D_1000066458 ?            ?                   
# 
loop_
_pdbx_audit_revision_history.ordinal 
_pdbx_audit_revision_history.data_content_type 
_pdbx_audit_revision_history.major_revision 
_pdbx_audit_revision_history.minor_revision 
_pdbx_audit_revision_history.revision_date 
1 'Structure model' 1 0 2011-07-13 
2 'Structure model' 1 1 2013-05-29 
3 'Structure model' 1 2 2017-11-08 
4 'Structure model' 1 3 2024-11-06 
# 
_pdbx_audit_revision_details.ordinal             1 
_pdbx_audit_revision_details.revision_ordinal    1 
_pdbx_audit_revision_details.data_content_type   'Structure model' 
_pdbx_audit_revision_details.provider            repository 
_pdbx_audit_revision_details.type                'Initial release' 
_pdbx_audit_revision_details.description         ? 
_pdbx_audit_revision_details.details             ? 
# 
loop_
_pdbx_audit_revision_group.ordinal 
_pdbx_audit_revision_group.revision_ordinal 
_pdbx_audit_revision_group.data_content_type 
_pdbx_audit_revision_group.group 
1 2 'Structure model' 'Database references'    
2 3 'Structure model' 'Refinement description' 
3 4 'Structure model' 'Data collection'        
4 4 'Structure model' 'Database references'    
5 4 'Structure model' 'Derived calculations'   
6 4 'Structure model' 'Structure summary'      
# 
loop_
_pdbx_audit_revision_category.ordinal 
_pdbx_audit_revision_category.revision_ordinal 
_pdbx_audit_revision_category.data_content_type 
_pdbx_audit_revision_category.category 
1 3 'Structure model' software                  
2 4 'Structure model' chem_comp_atom            
3 4 'Structure model' chem_comp_bond            
4 4 'Structure model' database_2                
5 4 'Structure model' pdbx_entry_details        
6 4 'Structure model' pdbx_modification_feature 
7 4 'Structure model' struct_ref_seq_dif        
8 4 'Structure model' struct_site               
# 
loop_
_pdbx_audit_revision_item.ordinal 
_pdbx_audit_revision_item.revision_ordinal 
_pdbx_audit_revision_item.data_content_type 
_pdbx_audit_revision_item.item 
1 3 'Structure model' '_software.name'                      
2 4 'Structure model' '_database_2.pdbx_DOI'                
3 4 'Structure model' '_database_2.pdbx_database_accession' 
4 4 'Structure model' '_struct_ref_seq_dif.details'         
5 4 'Structure model' '_struct_site.pdbx_auth_asym_id'      
6 4 'Structure model' '_struct_site.pdbx_auth_comp_id'      
7 4 'Structure model' '_struct_site.pdbx_auth_seq_id'       
# 
_pdbx_database_status.entry_id                        3SOL 
_pdbx_database_status.status_code                     REL 
_pdbx_database_status.deposit_site                    RCSB 
_pdbx_database_status.process_site                    RCSB 
_pdbx_database_status.recvd_initial_deposition_date   2011-06-30 
_pdbx_database_status.status_code_sf                  REL 
_pdbx_database_status.status_code_mr                  ? 
_pdbx_database_status.SG_entry                        ? 
_pdbx_database_status.status_code_cs                  ? 
_pdbx_database_status.pdb_format_compatible           Y 
_pdbx_database_status.methods_development_category    ? 
_pdbx_database_status.status_code_nmr_data            ? 
# 
loop_
_audit_author.name 
_audit_author.pdbx_ordinal 
'Korotkov, K.V.' 1 
'Hol, W.G.J.'    2 
# 
_citation.id                        primary 
_citation.title                     
'Crystal structure of the pilotin from the enterohemorrhagic Escherichia coli type II secretion system.' 
_citation.journal_abbrev            J.Struct.Biol. 
_citation.journal_volume            182 
_citation.page_first                186 
_citation.page_last                 191 
_citation.year                      2013 
_citation.journal_id_ASTM           JSBIEM 
_citation.country                   US 
_citation.journal_id_ISSN           1047-8477 
_citation.journal_id_CSD            0803 
_citation.book_publisher            ? 
_citation.pdbx_database_id_PubMed   23458689 
_citation.pdbx_database_id_DOI      10.1016/j.jsb.2013.02.013 
# 
loop_
_citation_author.citation_id 
_citation_author.name 
_citation_author.ordinal 
_citation_author.identifier_ORCID 
primary 'Korotkov, K.V.' 1 ? 
primary 'Hol, W.G.'      2 ? 
# 
loop_
_entity.id 
_entity.type 
_entity.src_method 
_entity.pdbx_description 
_entity.formula_weight 
_entity.pdbx_number_of_molecules 
_entity.pdbx_ec 
_entity.pdbx_mutation 
_entity.pdbx_fragment 
_entity.details 
1 polymer     man 'Type II secretion pathway related protein' 10873.412 1  ? ? 'unp residues 39-129' ? 
2 non-polymer syn 'CHLORIDE ION'                              35.453    4  ? ? ?                     ? 
3 water       nat water                                       18.015    61 ? ? ?                     ? 
# 
_entity_name_com.entity_id   1 
_entity_name_com.name        'Type II secretion protein' 
# 
_entity_poly.entity_id                      1 
_entity_poly.type                           'polypeptide(L)' 
_entity_poly.nstd_linkage                   no 
_entity_poly.nstd_monomer                   no 
_entity_poly.pdbx_seq_one_letter_code       
;GAMSEQLEQMASIVSATRYLKMRCNRSDLPDEQSILNVANRIAIGKGWQSLTQEDIRKHSDDIYVRLTRDSTPEYIKCRE
FNRRLVPFIGELLA
;
_entity_poly.pdbx_seq_one_letter_code_can   
;GAMSEQLEQMASIVSATRYLKMRCNRSDLPDEQSILNVANRIAIGKGWQSLTQEDIRKHSDDIYVRLTRDSTPEYIKCRE
FNRRLVPFIGELLA
;
_entity_poly.pdbx_strand_id                 A 
_entity_poly.pdbx_target_identifier         ? 
# 
loop_
_pdbx_entity_nonpoly.entity_id 
_pdbx_entity_nonpoly.name 
_pdbx_entity_nonpoly.comp_id 
2 'CHLORIDE ION' CL  
3 water          HOH 
# 
loop_
_entity_poly_seq.entity_id 
_entity_poly_seq.num 
_entity_poly_seq.mon_id 
_entity_poly_seq.hetero 
1 1  GLY n 
1 2  ALA n 
1 3  MET n 
1 4  SER n 
1 5  GLU n 
1 6  GLN n 
1 7  LEU n 
1 8  GLU n 
1 9  GLN n 
1 10 MET n 
1 11 ALA n 
1 12 SER n 
1 13 ILE n 
1 14 VAL n 
1 15 SER n 
1 16 ALA n 
1 17 THR n 
1 18 ARG n 
1 19 TYR n 
1 20 LEU n 
1 21 LYS n 
1 22 MET n 
1 23 ARG n 
1 24 CYS n 
1 25 ASN n 
1 26 ARG n 
1 27 SER n 
1 28 ASP n 
1 29 LEU n 
1 30 PRO n 
1 31 ASP n 
1 32 GLU n 
1 33 GLN n 
1 34 SER n 
1 35 ILE n 
1 36 LEU n 
1 37 ASN n 
1 38 VAL n 
1 39 ALA n 
1 40 ASN n 
1 41 ARG n 
1 42 ILE n 
1 43 ALA n 
1 44 ILE n 
1 45 GLY n 
1 46 LYS n 
1 47 GLY n 
1 48 TRP n 
1 49 GLN n 
1 50 SER n 
1 51 LEU n 
1 52 THR n 
1 53 GLN n 
1 54 GLU n 
1 55 ASP n 
1 56 ILE n 
1 57 ARG n 
1 58 LYS n 
1 59 HIS n 
1 60 SER n 
1 61 ASP n 
1 62 ASP n 
1 63 ILE n 
1 64 TYR n 
1 65 VAL n 
1 66 ARG n 
1 67 LEU n 
1 68 THR n 
1 69 ARG n 
1 70 ASP n 
1 71 SER n 
1 72 THR n 
1 73 PRO n 
1 74 GLU n 
1 75 TYR n 
1 76 ILE n 
1 77 LYS n 
1 78 CYS n 
1 79 ARG n 
1 80 GLU n 
1 81 PHE n 
1 82 ASN n 
1 83 ARG n 
1 84 ARG n 
1 85 LEU n 
1 86 VAL n 
1 87 PRO n 
1 88 PHE n 
1 89 ILE n 
1 90 GLY n 
1 91 GLU n 
1 92 LEU n 
1 93 LEU n 
1 94 ALA n 
# 
_entity_src_gen.entity_id                          1 
_entity_src_gen.pdbx_src_id                        1 
_entity_src_gen.pdbx_alt_source_flag               sample 
_entity_src_gen.pdbx_seq_type                      ? 
_entity_src_gen.pdbx_beg_seq_num                   ? 
_entity_src_gen.pdbx_end_seq_num                   ? 
_entity_src_gen.gene_src_common_name               ? 
_entity_src_gen.gene_src_genus                     ? 
_entity_src_gen.pdbx_gene_src_gene                 'ECO57PM13, etpO, GSPS, L7044' 
_entity_src_gen.gene_src_species                   ? 
_entity_src_gen.gene_src_strain                    O157:H7 
_entity_src_gen.gene_src_tissue                    ? 
_entity_src_gen.gene_src_tissue_fraction           ? 
_entity_src_gen.gene_src_details                   ? 
_entity_src_gen.pdbx_gene_src_fragment             ? 
_entity_src_gen.pdbx_gene_src_scientific_name      'Escherichia coli' 
_entity_src_gen.pdbx_gene_src_ncbi_taxonomy_id     83334 
_entity_src_gen.pdbx_gene_src_variant              ? 
_entity_src_gen.pdbx_gene_src_cell_line            ? 
_entity_src_gen.pdbx_gene_src_atcc                 ? 
_entity_src_gen.pdbx_gene_src_organ                ? 
_entity_src_gen.pdbx_gene_src_organelle            ? 
_entity_src_gen.pdbx_gene_src_cell                 ? 
_entity_src_gen.pdbx_gene_src_cellular_location    ? 
_entity_src_gen.host_org_common_name               ? 
_entity_src_gen.pdbx_host_org_scientific_name      'Escherichia coli' 
_entity_src_gen.pdbx_host_org_ncbi_taxonomy_id     469008 
_entity_src_gen.host_org_genus                     ? 
_entity_src_gen.pdbx_host_org_gene                 ? 
_entity_src_gen.pdbx_host_org_organ                ? 
_entity_src_gen.host_org_species                   ? 
_entity_src_gen.pdbx_host_org_tissue               ? 
_entity_src_gen.pdbx_host_org_tissue_fraction      ? 
_entity_src_gen.pdbx_host_org_strain               'BL21(DE3)' 
_entity_src_gen.pdbx_host_org_variant              ? 
_entity_src_gen.pdbx_host_org_cell_line            ? 
_entity_src_gen.pdbx_host_org_atcc                 ? 
_entity_src_gen.pdbx_host_org_culture_collection   ? 
_entity_src_gen.pdbx_host_org_cell                 ? 
_entity_src_gen.pdbx_host_org_organelle            ? 
_entity_src_gen.pdbx_host_org_cellular_location    ? 
_entity_src_gen.pdbx_host_org_vector_type          plasmid 
_entity_src_gen.pdbx_host_org_vector               ? 
_entity_src_gen.host_org_details                   ? 
_entity_src_gen.expression_system_id               ? 
_entity_src_gen.plasmid_name                       pCDF-NT 
_entity_src_gen.plasmid_details                    ? 
_entity_src_gen.pdbx_description                   ? 
# 
loop_
_chem_comp.id 
_chem_comp.type 
_chem_comp.mon_nstd_flag 
_chem_comp.name 
_chem_comp.pdbx_synonyms 
_chem_comp.formula 
_chem_comp.formula_weight 
ALA 'L-peptide linking' y ALANINE         ? 'C3 H7 N O2'     89.093  
ARG 'L-peptide linking' y ARGININE        ? 'C6 H15 N4 O2 1' 175.209 
ASN 'L-peptide linking' y ASPARAGINE      ? 'C4 H8 N2 O3'    132.118 
ASP 'L-peptide linking' y 'ASPARTIC ACID' ? 'C4 H7 N O4'     133.103 
CL  non-polymer         . 'CHLORIDE ION'  ? 'Cl -1'          35.453  
CYS 'L-peptide linking' y CYSTEINE        ? 'C3 H7 N O2 S'   121.158 
GLN 'L-peptide linking' y GLUTAMINE       ? 'C5 H10 N2 O3'   146.144 
GLU 'L-peptide linking' y 'GLUTAMIC ACID' ? 'C5 H9 N O4'     147.129 
GLY 'peptide linking'   y GLYCINE         ? 'C2 H5 N O2'     75.067  
HIS 'L-peptide linking' y HISTIDINE       ? 'C6 H10 N3 O2 1' 156.162 
HOH non-polymer         . WATER           ? 'H2 O'           18.015  
ILE 'L-peptide linking' y ISOLEUCINE      ? 'C6 H13 N O2'    131.173 
LEU 'L-peptide linking' y LEUCINE         ? 'C6 H13 N O2'    131.173 
LYS 'L-peptide linking' y LYSINE          ? 'C6 H15 N2 O2 1' 147.195 
MET 'L-peptide linking' y METHIONINE      ? 'C5 H11 N O2 S'  149.211 
PHE 'L-peptide linking' y PHENYLALANINE   ? 'C9 H11 N O2'    165.189 
PRO 'L-peptide linking' y PROLINE         ? 'C5 H9 N O2'     115.130 
SER 'L-peptide linking' y SERINE          ? 'C3 H7 N O3'     105.093 
THR 'L-peptide linking' y THREONINE       ? 'C4 H9 N O3'     119.119 
TRP 'L-peptide linking' y TRYPTOPHAN      ? 'C11 H12 N2 O2'  204.225 
TYR 'L-peptide linking' y TYROSINE        ? 'C9 H11 N O3'    181.189 
VAL 'L-peptide linking' y VALINE          ? 'C5 H11 N O2'    117.146 
# 
loop_
_pdbx_poly_seq_scheme.asym_id 
_pdbx_poly_seq_scheme.entity_id 
_pdbx_poly_seq_scheme.seq_id 
_pdbx_poly_seq_scheme.mon_id 
_pdbx_poly_seq_scheme.ndb_seq_num 
_pdbx_poly_seq_scheme.pdb_seq_num 
_pdbx_poly_seq_scheme.auth_seq_num 
_pdbx_poly_seq_scheme.pdb_mon_id 
_pdbx_poly_seq_scheme.auth_mon_id 
_pdbx_poly_seq_scheme.pdb_strand_id 
_pdbx_poly_seq_scheme.pdb_ins_code 
_pdbx_poly_seq_scheme.hetero 
A 1 1  GLY 1  13  ?   ?   ?   A . n 
A 1 2  ALA 2  14  ?   ?   ?   A . n 
A 1 3  MET 3  15  ?   ?   ?   A . n 
A 1 4  SER 4  16  16  SER SER A . n 
A 1 5  GLU 5  17  17  GLU GLU A . n 
A 1 6  GLN 6  18  18  GLN GLN A . n 
A 1 7  LEU 7  19  19  LEU LEU A . n 
A 1 8  GLU 8  20  20  GLU GLU A . n 
A 1 9  GLN 9  21  21  GLN GLN A . n 
A 1 10 MET 10 22  22  MET MET A . n 
A 1 11 ALA 11 23  23  ALA ALA A . n 
A 1 12 SER 12 24  24  SER SER A . n 
A 1 13 ILE 13 25  25  ILE ILE A . n 
A 1 14 VAL 14 26  26  VAL VAL A . n 
A 1 15 SER 15 27  27  SER SER A . n 
A 1 16 ALA 16 28  28  ALA ALA A . n 
A 1 17 THR 17 29  29  THR THR A . n 
A 1 18 ARG 18 30  30  ARG ARG A . n 
A 1 19 TYR 19 31  31  TYR TYR A . n 
A 1 20 LEU 20 32  32  LEU LEU A . n 
A 1 21 LYS 21 33  33  LYS LYS A . n 
A 1 22 MET 22 34  34  MET MET A . n 
A 1 23 ARG 23 35  35  ARG ARG A . n 
A 1 24 CYS 24 36  36  CYS CYS A . n 
A 1 25 ASN 25 37  37  ASN ASN A . n 
A 1 26 ARG 26 38  38  ARG ARG A . n 
A 1 27 SER 27 39  39  SER SER A . n 
A 1 28 ASP 28 40  40  ASP ASP A . n 
A 1 29 LEU 29 41  41  LEU LEU A . n 
A 1 30 PRO 30 42  42  PRO PRO A . n 
A 1 31 ASP 31 43  43  ASP ASP A . n 
A 1 32 GLU 32 44  44  GLU GLU A . n 
A 1 33 GLN 33 45  45  GLN GLN A . n 
A 1 34 SER 34 46  46  SER SER A . n 
A 1 35 ILE 35 47  47  ILE ILE A . n 
A 1 36 LEU 36 48  48  LEU LEU A . n 
A 1 37 ASN 37 49  49  ASN ASN A . n 
A 1 38 VAL 38 50  50  VAL VAL A . n 
A 1 39 ALA 39 51  51  ALA ALA A . n 
A 1 40 ASN 40 52  52  ASN ASN A . n 
A 1 41 ARG 41 53  53  ARG ARG A . n 
A 1 42 ILE 42 54  54  ILE ILE A . n 
A 1 43 ALA 43 55  55  ALA ALA A . n 
A 1 44 ILE 44 56  56  ILE ILE A . n 
A 1 45 GLY 45 57  57  GLY GLY A . n 
A 1 46 LYS 46 58  58  LYS LYS A . n 
A 1 47 GLY 47 59  59  GLY GLY A . n 
A 1 48 TRP 48 60  60  TRP TRP A . n 
A 1 49 GLN 49 61  61  GLN GLN A . n 
A 1 50 SER 50 62  62  SER SER A . n 
A 1 51 LEU 51 63  63  LEU LEU A . n 
A 1 52 THR 52 64  64  THR THR A . n 
A 1 53 GLN 53 65  65  GLN GLN A . n 
A 1 54 GLU 54 66  66  GLU GLU A . n 
A 1 55 ASP 55 67  67  ASP ASP A . n 
A 1 56 ILE 56 68  68  ILE ILE A . n 
A 1 57 ARG 57 69  69  ARG ARG A . n 
A 1 58 LYS 58 70  70  LYS LYS A . n 
A 1 59 HIS 59 71  71  HIS HIS A . n 
A 1 60 SER 60 72  72  SER SER A . n 
A 1 61 ASP 61 73  73  ASP ASP A . n 
A 1 62 ASP 62 74  74  ASP ASP A . n 
A 1 63 ILE 63 75  75  ILE ILE A . n 
A 1 64 TYR 64 76  76  TYR TYR A . n 
A 1 65 VAL 65 77  77  VAL VAL A . n 
A 1 66 ARG 66 78  78  ARG ARG A . n 
A 1 67 LEU 67 79  79  LEU LEU A . n 
A 1 68 THR 68 80  80  THR THR A . n 
A 1 69 ARG 69 81  81  ARG ARG A . n 
A 1 70 ASP 70 82  82  ASP ASP A . n 
A 1 71 SER 71 83  83  SER SER A . n 
A 1 72 THR 72 84  84  THR THR A . n 
A 1 73 PRO 73 85  85  PRO PRO A . n 
A 1 74 GLU 74 86  86  GLU GLU A . n 
A 1 75 TYR 75 87  87  TYR TYR A . n 
A 1 76 ILE 76 88  88  ILE ILE A . n 
A 1 77 LYS 77 89  89  LYS LYS A . n 
A 1 78 CYS 78 90  90  CYS CYS A . n 
A 1 79 ARG 79 91  91  ARG ARG A . n 
A 1 80 GLU 80 92  92  GLU GLU A . n 
A 1 81 PHE 81 93  93  PHE PHE A . n 
A 1 82 ASN 82 94  94  ASN ASN A . n 
A 1 83 ARG 83 95  95  ARG ARG A . n 
A 1 84 ARG 84 96  96  ARG ARG A . n 
A 1 85 LEU 85 97  97  LEU LEU A . n 
A 1 86 VAL 86 98  98  VAL VAL A . n 
A 1 87 PRO 87 99  99  PRO PRO A . n 
A 1 88 PHE 88 100 100 PHE PHE A . n 
A 1 89 ILE 89 101 101 ILE ILE A . n 
A 1 90 GLY 90 102 102 GLY GLY A . n 
A 1 91 GLU 91 103 103 GLU GLU A . n 
A 1 92 LEU 92 104 104 LEU LEU A . n 
A 1 93 LEU 93 105 105 LEU LEU A . n 
A 1 94 ALA 94 106 106 ALA ALA A . n 
# 
loop_
_pdbx_nonpoly_scheme.asym_id 
_pdbx_nonpoly_scheme.entity_id 
_pdbx_nonpoly_scheme.mon_id 
_pdbx_nonpoly_scheme.ndb_seq_num 
_pdbx_nonpoly_scheme.pdb_seq_num 
_pdbx_nonpoly_scheme.auth_seq_num 
_pdbx_nonpoly_scheme.pdb_mon_id 
_pdbx_nonpoly_scheme.auth_mon_id 
_pdbx_nonpoly_scheme.pdb_strand_id 
_pdbx_nonpoly_scheme.pdb_ins_code 
B 2 CL  1  200 200 CL  CL  A . 
C 2 CL  1  1   1   CL  CL  A . 
D 2 CL  1  107 1   CL  CL  A . 
E 2 CL  1  108 1   CL  CL  A . 
F 3 HOH 1  2   2   HOH HOH A . 
F 3 HOH 2  3   3   HOH HOH A . 
F 3 HOH 3  4   4   HOH HOH A . 
F 3 HOH 4  6   6   HOH HOH A . 
F 3 HOH 5  7   7   HOH HOH A . 
F 3 HOH 6  8   8   HOH HOH A . 
F 3 HOH 7  9   9   HOH HOH A . 
F 3 HOH 8  10  10  HOH HOH A . 
F 3 HOH 9  11  11  HOH HOH A . 
F 3 HOH 10 12  12  HOH HOH A . 
F 3 HOH 11 109 13  HOH HOH A . 
F 3 HOH 12 110 14  HOH HOH A . 
F 3 HOH 13 111 15  HOH HOH A . 
F 3 HOH 14 112 16  HOH HOH A . 
F 3 HOH 15 113 17  HOH HOH A . 
F 3 HOH 16 114 18  HOH HOH A . 
F 3 HOH 17 115 19  HOH HOH A . 
F 3 HOH 18 116 20  HOH HOH A . 
F 3 HOH 19 117 21  HOH HOH A . 
F 3 HOH 20 118 23  HOH HOH A . 
F 3 HOH 21 119 24  HOH HOH A . 
F 3 HOH 22 120 26  HOH HOH A . 
F 3 HOH 23 121 27  HOH HOH A . 
F 3 HOH 24 122 29  HOH HOH A . 
F 3 HOH 25 123 30  HOH HOH A . 
F 3 HOH 26 124 31  HOH HOH A . 
F 3 HOH 27 125 32  HOH HOH A . 
F 3 HOH 28 126 34  HOH HOH A . 
F 3 HOH 29 127 35  HOH HOH A . 
F 3 HOH 30 128 39  HOH HOH A . 
F 3 HOH 31 129 43  HOH HOH A . 
F 3 HOH 32 130 44  HOH HOH A . 
F 3 HOH 33 131 46  HOH HOH A . 
F 3 HOH 34 132 48  HOH HOH A . 
F 3 HOH 35 133 50  HOH HOH A . 
F 3 HOH 36 134 51  HOH HOH A . 
F 3 HOH 37 135 54  HOH HOH A . 
F 3 HOH 38 136 56  HOH HOH A . 
F 3 HOH 39 137 58  HOH HOH A . 
F 3 HOH 40 138 59  HOH HOH A . 
F 3 HOH 41 139 60  HOH HOH A . 
F 3 HOH 42 140 61  HOH HOH A . 
F 3 HOH 43 141 62  HOH HOH A . 
F 3 HOH 44 142 64  HOH HOH A . 
F 3 HOH 45 143 67  HOH HOH A . 
F 3 HOH 46 144 73  HOH HOH A . 
F 3 HOH 47 145 76  HOH HOH A . 
F 3 HOH 48 146 79  HOH HOH A . 
F 3 HOH 49 147 81  HOH HOH A . 
F 3 HOH 50 148 82  HOH HOH A . 
F 3 HOH 51 149 84  HOH HOH A . 
F 3 HOH 52 150 86  HOH HOH A . 
F 3 HOH 53 151 89  HOH HOH A . 
F 3 HOH 54 152 91  HOH HOH A . 
F 3 HOH 55 153 92  HOH HOH A . 
F 3 HOH 56 154 93  HOH HOH A . 
F 3 HOH 57 155 95  HOH HOH A . 
F 3 HOH 58 156 96  HOH HOH A . 
F 3 HOH 59 157 97  HOH HOH A . 
F 3 HOH 60 158 98  HOH HOH A . 
F 3 HOH 61 159 99  HOH HOH A . 
# 
loop_
_software.pdbx_ordinal 
_software.name 
_software.version 
_software.date 
_software.type 
_software.contact_author 
_software.contact_author_email 
_software.classification 
_software.location 
_software.language 
_software.citation_id 
1 XSCALE      .    ?               package 'Wolfgang Kabsch'    ?                        'data scaling'    
http://www.mpimf-heidelberg.mpg.de/~kabsch/xds/html_doc/xscale_program.html ?          ? 
2 REFMAC      .    ?               program 'Garib N. Murshudov' garib@ysbl.york.ac.uk    refinement        
http://www.ccp4.ac.uk/dist/html/refmac5.html                                Fortran_77 ? 
3 PDB_EXTRACT 3.10 'June 10, 2010' package PDB                  deposit@deposit.rcsb.org 'data extraction' 
http://sw-tools.pdb.org/apps/PDB_EXTRACT/                                   C++        ? 
4 Blu-Ice     .    ?               ?       ?                    ?                        'data collection' ? ?          ? 
5 XDS         .    ?               ?       ?                    ?                        'data reduction'  ? ?          ? 
6 SOLVE       .    ?               ?       ?                    ?                        phasing           ? ?          ? 
# 
_cell.length_a           73.350 
_cell.length_b           73.350 
_cell.length_c           70.730 
_cell.angle_alpha        90.000 
_cell.angle_beta         90.000 
_cell.angle_gamma        120.000 
_cell.entry_id           3SOL 
_cell.pdbx_unique_axis   ? 
_cell.Z_PDB              12 
_cell.length_a_esd       ? 
_cell.length_b_esd       ? 
_cell.length_c_esd       ? 
_cell.angle_alpha_esd    ? 
_cell.angle_beta_esd     ? 
_cell.angle_gamma_esd    ? 
# 
_symmetry.space_group_name_H-M             'P 61 2 2' 
_symmetry.entry_id                         3SOL 
_symmetry.Int_Tables_number                178 
_symmetry.pdbx_full_space_group_name_H-M   ? 
_symmetry.cell_setting                     ? 
_symmetry.space_group_name_Hall            ? 
# 
_exptl.crystals_number   1 
_exptl.entry_id          3SOL 
_exptl.method            'X-RAY DIFFRACTION' 
# 
_exptl_crystal.id                    1 
_exptl_crystal.density_Matthews      2.53 
_exptl_crystal.density_meas          ? 
_exptl_crystal.density_percent_sol   51.30 
_exptl_crystal.description           ? 
_exptl_crystal.F_000                 ? 
_exptl_crystal.preparation           ? 
# 
_exptl_crystal_grow.crystal_id      1 
_exptl_crystal_grow.method          'VAPOR DIFFUSION, SITTING DROP' 
_exptl_crystal_grow.pH              8.5 
_exptl_crystal_grow.temp            298 
_exptl_crystal_grow.pdbx_details    
'0.2M MG CHLORIDE, 0.1M TRIS-HCL, 30% PEG3350, pH 8.5, vapor diffusion, sitting drop, temperature 298K' 
_exptl_crystal_grow.temp_details    ? 
_exptl_crystal_grow.pdbx_pH_range   ? 
# 
_diffrn.id                     1 
_diffrn.ambient_temp           100 
_diffrn.ambient_temp_details   ? 
_diffrn.crystal_id             1 
# 
_diffrn_detector.diffrn_id              1 
_diffrn_detector.detector               CCD 
_diffrn_detector.type                   'ADSC QUANTUM 210' 
_diffrn_detector.pdbx_collection_date   2006-08-03 
_diffrn_detector.details                ? 
# 
_diffrn_radiation.diffrn_id                        1 
_diffrn_radiation.pdbx_diffrn_protocol             'SINGLE WAVELENGTH' 
_diffrn_radiation.monochromator                    'DOUBLE CRYSTAL SI(111)' 
_diffrn_radiation.wavelength_id                    1 
_diffrn_radiation.pdbx_monochromatic_or_laue_m_l   M 
_diffrn_radiation.pdbx_scattering_type             x-ray 
# 
_diffrn_radiation_wavelength.id           1 
_diffrn_radiation_wavelength.wavelength   0.9794 
_diffrn_radiation_wavelength.wt           1.0 
# 
_diffrn_source.diffrn_id                   1 
_diffrn_source.source                      SYNCHROTRON 
_diffrn_source.type                        'ALS BEAMLINE 8.2.1' 
_diffrn_source.pdbx_wavelength_list        0.9794 
_diffrn_source.pdbx_wavelength             ? 
_diffrn_source.pdbx_synchrotron_site       ALS 
_diffrn_source.pdbx_synchrotron_beamline   8.2.1 
# 
_reflns.entry_id                     3SOL 
_reflns.d_resolution_high            1.900 
_reflns.number_obs                   16858 
_reflns.pdbx_Rmerge_I_obs            0.085 
_reflns.pdbx_netI_over_sigmaI        24.390 
_reflns.percent_possible_obs         99.900 
_reflns.B_iso_Wilson_estimate        30.384 
_reflns.observed_criterion_sigma_I   -3.000 
_reflns.observed_criterion_sigma_F   ? 
_reflns.d_resolution_low             47.261 
_reflns.number_all                   ? 
_reflns.pdbx_Rsym_value              ? 
_reflns.pdbx_redundancy              ? 
_reflns.R_free_details               ? 
_reflns.limit_h_max                  ? 
_reflns.limit_h_min                  ? 
_reflns.limit_k_max                  ? 
_reflns.limit_k_min                  ? 
_reflns.limit_l_max                  ? 
_reflns.limit_l_min                  ? 
_reflns.observed_criterion_F_max     ? 
_reflns.observed_criterion_F_min     ? 
_reflns.pdbx_chi_squared             ? 
_reflns.pdbx_scaling_rejects         ? 
_reflns.pdbx_ordinal                 1 
_reflns.pdbx_diffrn_id               1 
# 
loop_
_reflns_shell.d_res_high 
_reflns_shell.d_res_low 
_reflns_shell.number_measured_obs 
_reflns_shell.number_measured_all 
_reflns_shell.number_unique_obs 
_reflns_shell.Rmerge_I_obs 
_reflns_shell.meanI_over_sigI_obs 
_reflns_shell.pdbx_Rsym_value 
_reflns_shell.pdbx_chi_squared 
_reflns_shell.pdbx_redundancy 
_reflns_shell.percent_possible_obs 
_reflns_shell.number_unique_all 
_reflns_shell.percent_possible_all 
_reflns_shell.pdbx_ordinal 
_reflns_shell.pdbx_diffrn_id 
1.900 1.950 13064 ? 1225 0.010 2.470  ? ? ? ? ? 98.800  1  1 
1.950 2.000 14072 ? 1228 0.010 3.730  ? ? ? ? ? 100.000 2  1 
2.000 2.060 13440 ? 1169 0.010 5.230  ? ? ? ? ? 100.000 3  1 
2.060 2.120 13281 ? 1165 0.010 7.180  ? ? ? ? ? 99.900  4  1 
2.120 2.190 12553 ? 1089 0.010 8.630  ? ? ? ? ? 100.000 5  1 
2.190 2.270 12620 ? 1101 0.010 9.490  ? ? ? ? ? 100.000 6  1 
2.270 2.350 11989 ? 1035 0.010 11.920 ? ? ? ? ? 100.000 7  1 
2.350 2.450 11487 ? 993  0.010 13.030 ? ? ? ? ? 100.000 8  1 
2.450 2.560 11150 ? 960  0.010 17.390 ? ? ? ? ? 100.000 9  1 
2.560 2.680 10672 ? 923  0.010 21.570 ? ? ? ? ? 100.000 10 1 
2.680 2.830 10154 ? 873  0.010 25.850 ? ? ? ? ? 100.000 11 1 
2.830 3.000 9576  ? 822  0.010 31.960 ? ? ? ? ? 100.000 12 1 
3.000 3.210 9042  ? 775  0.010 33.870 ? ? ? ? ? 100.000 13 1 
3.210 3.460 8295  ? 716  0.010 47.260 ? ? ? ? ? 100.000 14 1 
3.460 3.790 7731  ? 667  0.010 60.490 ? ? ? ? ? 100.000 15 1 
3.790 4.240 6975  ? 604  0.010 69.760 ? ? ? ? ? 100.000 16 1 
4.240 4.900 6116  ? 528  0.010 78.410 ? ? ? ? ? 100.000 17 1 
4.900 6.000 5167  ? 448  0.010 70.100 ? ? ? ? ? 100.000 18 1 
6.000 8.480 3972  ? 345  0.010 72.470 ? ? ? ? ? 100.000 19 1 
8.480 ?     2058  ? 192  0.010 94.570 ? ? ? ? ? 99.500  20 1 
# 
_refine.entry_id                                 3SOL 
_refine.ls_d_res_high                            1.9000 
_refine.ls_d_res_low                             47.2600 
_refine.pdbx_ls_sigma_F                          0.000 
_refine.pdbx_data_cutoff_high_absF               ? 
_refine.pdbx_data_cutoff_low_absF                ? 
_refine.ls_percent_reflns_obs                    100.0000 
_refine.ls_number_reflns_obs                     9323 
_refine.ls_number_reflns_all                     ? 
_refine.pdbx_ls_cross_valid_method               THROUGHOUT 
_refine.pdbx_R_Free_selection_details            RANDOM 
_refine.details                                  'HYDROGENS HAVE BEEN ADDED IN THE RIDING POSITIONS U VALUES      : WITH TLS ADDED' 
_refine.ls_R_factor_all                          ? 
_refine.ls_R_factor_obs                          0.1916 
_refine.ls_R_factor_R_work                       0.1901 
_refine.ls_wR_factor_R_work                      0.1758 
_refine.ls_R_factor_R_free                       0.2216 
_refine.ls_wR_factor_R_free                      0.2004 
_refine.ls_percent_reflns_R_free                 4.6000 
_refine.ls_number_reflns_R_free                  426 
_refine.ls_R_factor_R_free_error                 ? 
_refine.B_iso_mean                               38.1188 
_refine.solvent_model_param_bsol                 ? 
_refine.solvent_model_param_ksol                 ? 
_refine.pdbx_isotropic_thermal_model             ? 
_refine.aniso_B[1][1]                            -0.6500 
_refine.aniso_B[2][2]                            -0.6500 
_refine.aniso_B[3][3]                            0.9800 
_refine.aniso_B[1][2]                            -0.3300 
_refine.aniso_B[1][3]                            0.0000 
_refine.aniso_B[2][3]                            0.0000 
_refine.correlation_coeff_Fo_to_Fc               0.9430 
_refine.correlation_coeff_Fo_to_Fc_free          0.9400 
_refine.overall_SU_R_Cruickshank_DPI             0.1386 
_refine.overall_SU_R_free                        0.1289 
_refine.pdbx_overall_ESU_R_Free                  0.1290 
_refine.overall_SU_ML                            0.0830 
_refine.overall_SU_B                             5.1370 
_refine.solvent_model_details                    'BABINET MODEL WITH MASK' 
_refine.pdbx_solvent_vdw_probe_radii             1.4000 
_refine.pdbx_solvent_ion_probe_radii             0.8000 
_refine.pdbx_solvent_shrinkage_radii             0.8000 
_refine.ls_number_parameters                     ? 
_refine.ls_number_restraints                     ? 
_refine.pdbx_starting_model                      ? 
_refine.pdbx_method_to_determine_struct          SAD 
_refine.pdbx_stereochemistry_target_values       'MAXIMUM LIKELIHOOD' 
_refine.pdbx_stereochem_target_val_spec_case     ? 
_refine.overall_FOM_work_R_set                   0.8784 
_refine.B_iso_max                                98.440 
_refine.B_iso_min                                10.900 
_refine.pdbx_overall_phase_error                 ? 
_refine.occupancy_max                            1.000 
_refine.occupancy_min                            0.500 
_refine.pdbx_ls_sigma_I                          ? 
_refine.ls_redundancy_reflns_obs                 ? 
_refine.ls_R_factor_R_free_error_details         ? 
_refine.pdbx_data_cutoff_high_rms_absF           ? 
_refine.overall_FOM_free_R_set                   ? 
_refine.pdbx_diffrn_id                           1 
_refine.pdbx_refine_id                           'X-RAY DIFFRACTION' 
_refine.pdbx_overall_ESU_R                       ? 
_refine.pdbx_TLS_residual_ADP_flag               ? 
_refine.pdbx_overall_SU_R_free_Cruickshank_DPI   ? 
_refine.pdbx_overall_SU_R_Blow_DPI               ? 
_refine.pdbx_overall_SU_R_free_Blow_DPI          ? 
# 
_refine_hist.pdbx_refine_id                   'X-RAY DIFFRACTION' 
_refine_hist.cycle_id                         LAST 
_refine_hist.pdbx_number_atoms_protein        743 
_refine_hist.pdbx_number_atoms_nucleic_acid   0 
_refine_hist.pdbx_number_atoms_ligand         4 
_refine_hist.number_atoms_solvent             61 
_refine_hist.number_atoms_total               808 
_refine_hist.d_res_high                       1.9000 
_refine_hist.d_res_low                        47.2600 
# 
loop_
_refine_ls_restr.type 
_refine_ls_restr.number 
_refine_ls_restr.dev_ideal 
_refine_ls_restr.dev_ideal_target 
_refine_ls_restr.weight 
_refine_ls_restr.pdbx_restraint_function 
_refine_ls_restr.pdbx_refine_id 
r_bond_refined_d       754  0.011  0.022  ? ? 'X-RAY DIFFRACTION' 
r_bond_other_d         540  0.001  0.020  ? ? 'X-RAY DIFFRACTION' 
r_angle_refined_deg    1016 1.102  1.971  ? ? 'X-RAY DIFFRACTION' 
r_angle_other_deg      1303 0.827  3.000  ? ? 'X-RAY DIFFRACTION' 
r_dihedral_angle_1_deg 90   4.408  5.000  ? ? 'X-RAY DIFFRACTION' 
r_dihedral_angle_2_deg 39   35.447 23.077 ? ? 'X-RAY DIFFRACTION' 
r_dihedral_angle_3_deg 145  12.150 15.000 ? ? 'X-RAY DIFFRACTION' 
r_dihedral_angle_4_deg 10   17.704 15.000 ? ? 'X-RAY DIFFRACTION' 
r_chiral_restr         113  0.058  0.200  ? ? 'X-RAY DIFFRACTION' 
r_gen_planes_refined   829  0.004  0.020  ? ? 'X-RAY DIFFRACTION' 
r_gen_planes_other     156  0.001  0.020  ? ? 'X-RAY DIFFRACTION' 
r_mcbond_it            455  0.625  1.500  ? ? 'X-RAY DIFFRACTION' 
r_mcbond_other         181  0.155  1.500  ? ? 'X-RAY DIFFRACTION' 
r_mcangle_it           738  1.232  2.000  ? ? 'X-RAY DIFFRACTION' 
r_scbond_it            299  2.127  3.000  ? ? 'X-RAY DIFFRACTION' 
r_scangle_it           278  3.575  4.500  ? ? 'X-RAY DIFFRACTION' 
# 
_refine_ls_shell.d_res_high                       1.9000 
_refine_ls_shell.d_res_low                        1.9490 
_refine_ls_shell.pdbx_total_number_of_bins_used   20 
_refine_ls_shell.percent_reflns_obs               100.0000 
_refine_ls_shell.number_reflns_R_work             637 
_refine_ls_shell.R_factor_all                     ? 
_refine_ls_shell.R_factor_R_work                  0.1980 
_refine_ls_shell.R_factor_R_free                  0.2550 
_refine_ls_shell.percent_reflns_R_free            ? 
_refine_ls_shell.number_reflns_R_free             28 
_refine_ls_shell.R_factor_R_free_error            ? 
_refine_ls_shell.number_reflns_all                665 
_refine_ls_shell.number_reflns_obs                ? 
_refine_ls_shell.redundancy_reflns_obs            ? 
_refine_ls_shell.pdbx_refine_id                   'X-RAY DIFFRACTION' 
# 
_struct.entry_id                  3SOL 
_struct.title                     'Crystal structure of the type 2 secretion system pilotin GspS' 
_struct.pdbx_model_details        ? 
_struct.pdbx_CASP_flag            ? 
_struct.pdbx_model_type_details   ? 
# 
_struct_keywords.entry_id        3SOL 
_struct_keywords.text            'GENERAL SECRETORY PATHWAY, PROTEIN TRANSPORT, PILOTIN, SECRETIN' 
_struct_keywords.pdbx_keywords   'PROTEIN TRANSPORT' 
# 
loop_
_struct_asym.id 
_struct_asym.pdbx_blank_PDB_chainid_flag 
_struct_asym.pdbx_modified 
_struct_asym.entity_id 
_struct_asym.details 
A N N 1 ? 
B N N 2 ? 
C N N 2 ? 
D N N 2 ? 
E N N 2 ? 
F N N 3 ? 
# 
_struct_ref.id                         1 
_struct_ref.db_name                    UNP 
_struct_ref.db_code                    Q7BSV3_ECO57 
_struct_ref.pdbx_db_accession          Q7BSV3 
_struct_ref.entity_id                  1 
_struct_ref.pdbx_seq_one_letter_code   
;SEQLEQMASIVSATRYLKMRCNRSDLPDEQSILNVANRIAIGKGWQSLTQEDIRKHSDDIYVRLTRDSTPEYIKCREFNR
RLVPFIGELLA
;
_struct_ref.pdbx_align_begin           39 
_struct_ref.pdbx_db_isoform            ? 
# 
_struct_ref_seq.align_id                      1 
_struct_ref_seq.ref_id                        1 
_struct_ref_seq.pdbx_PDB_id_code              3SOL 
_struct_ref_seq.pdbx_strand_id                A 
_struct_ref_seq.seq_align_beg                 4 
_struct_ref_seq.pdbx_seq_align_beg_ins_code   ? 
_struct_ref_seq.seq_align_end                 94 
_struct_ref_seq.pdbx_seq_align_end_ins_code   ? 
_struct_ref_seq.pdbx_db_accession             Q7BSV3 
_struct_ref_seq.db_align_beg                  39 
_struct_ref_seq.pdbx_db_align_beg_ins_code    ? 
_struct_ref_seq.db_align_end                  129 
_struct_ref_seq.pdbx_db_align_end_ins_code    ? 
_struct_ref_seq.pdbx_auth_seq_align_beg       16 
_struct_ref_seq.pdbx_auth_seq_align_end       106 
# 
loop_
_struct_ref_seq_dif.align_id 
_struct_ref_seq_dif.pdbx_pdb_id_code 
_struct_ref_seq_dif.mon_id 
_struct_ref_seq_dif.pdbx_pdb_strand_id 
_struct_ref_seq_dif.seq_num 
_struct_ref_seq_dif.pdbx_pdb_ins_code 
_struct_ref_seq_dif.pdbx_seq_db_name 
_struct_ref_seq_dif.pdbx_seq_db_accession_code 
_struct_ref_seq_dif.db_mon_id 
_struct_ref_seq_dif.pdbx_seq_db_seq_num 
_struct_ref_seq_dif.details 
_struct_ref_seq_dif.pdbx_auth_seq_num 
_struct_ref_seq_dif.pdbx_ordinal 
1 3SOL GLY A 1 ? UNP Q7BSV3 ? ? 'expression tag' 13 1 
1 3SOL ALA A 2 ? UNP Q7BSV3 ? ? 'expression tag' 14 2 
1 3SOL MET A 3 ? UNP Q7BSV3 ? ? 'expression tag' 15 3 
# 
_pdbx_struct_assembly.id                   1 
_pdbx_struct_assembly.details              author_and_software_defined_assembly 
_pdbx_struct_assembly.method_details       PISA 
_pdbx_struct_assembly.oligomeric_details   monomeric 
_pdbx_struct_assembly.oligomeric_count     1 
# 
_pdbx_struct_assembly_gen.assembly_id       1 
_pdbx_struct_assembly_gen.oper_expression   1 
_pdbx_struct_assembly_gen.asym_id_list      A,B,C,D,E,F 
# 
_pdbx_struct_oper_list.id                   1 
_pdbx_struct_oper_list.type                 'identity operation' 
_pdbx_struct_oper_list.name                 1_555 
_pdbx_struct_oper_list.symmetry_operation   x,y,z 
_pdbx_struct_oper_list.matrix[1][1]         1.0000000000 
_pdbx_struct_oper_list.matrix[1][2]         0.0000000000 
_pdbx_struct_oper_list.matrix[1][3]         0.0000000000 
_pdbx_struct_oper_list.vector[1]            0.0000000000 
_pdbx_struct_oper_list.matrix[2][1]         0.0000000000 
_pdbx_struct_oper_list.matrix[2][2]         1.0000000000 
_pdbx_struct_oper_list.matrix[2][3]         0.0000000000 
_pdbx_struct_oper_list.vector[2]            0.0000000000 
_pdbx_struct_oper_list.matrix[3][1]         0.0000000000 
_pdbx_struct_oper_list.matrix[3][2]         0.0000000000 
_pdbx_struct_oper_list.matrix[3][3]         1.0000000000 
_pdbx_struct_oper_list.vector[3]            0.0000000000 
# 
_struct_biol.id        1 
_struct_biol.details   ? 
# 
loop_
_struct_conf.conf_type_id 
_struct_conf.id 
_struct_conf.pdbx_PDB_helix_id 
_struct_conf.beg_label_comp_id 
_struct_conf.beg_label_asym_id 
_struct_conf.beg_label_seq_id 
_struct_conf.pdbx_beg_PDB_ins_code 
_struct_conf.end_label_comp_id 
_struct_conf.end_label_asym_id 
_struct_conf.end_label_seq_id 
_struct_conf.pdbx_end_PDB_ins_code 
_struct_conf.beg_auth_comp_id 
_struct_conf.beg_auth_asym_id 
_struct_conf.beg_auth_seq_id 
_struct_conf.end_auth_comp_id 
_struct_conf.end_auth_asym_id 
_struct_conf.end_auth_seq_id 
_struct_conf.pdbx_PDB_helix_class 
_struct_conf.details 
_struct_conf.pdbx_PDB_helix_length 
HELX_P HELX_P1 1 SER A 4  ? CYS A 24 ? SER A 16 CYS A 36  1 ? 21 
HELX_P HELX_P2 2 ASP A 31 ? LYS A 46 ? ASP A 43 LYS A 58  1 ? 16 
HELX_P HELX_P3 3 THR A 52 ? ASP A 70 ? THR A 64 ASP A 82  1 ? 19 
HELX_P HELX_P4 4 PRO A 73 ? LEU A 85 ? PRO A 85 LEU A 97  1 ? 13 
HELX_P HELX_P5 5 LEU A 85 ? ALA A 94 ? LEU A 97 ALA A 106 1 ? 10 
# 
_struct_conf_type.id          HELX_P 
_struct_conf_type.criteria    ? 
_struct_conf_type.reference   ? 
# 
_struct_conn.id                            disulf1 
_struct_conn.conn_type_id                  disulf 
_struct_conn.pdbx_leaving_atom_flag        ? 
_struct_conn.pdbx_PDB_id                   ? 
_struct_conn.ptnr1_label_asym_id           A 
_struct_conn.ptnr1_label_comp_id           CYS 
_struct_conn.ptnr1_label_seq_id            24 
_struct_conn.ptnr1_label_atom_id           SG 
_struct_conn.pdbx_ptnr1_label_alt_id       ? 
_struct_conn.pdbx_ptnr1_PDB_ins_code       ? 
_struct_conn.pdbx_ptnr1_standard_comp_id   ? 
_struct_conn.ptnr1_symmetry                1_555 
_struct_conn.ptnr2_label_asym_id           A 
_struct_conn.ptnr2_label_comp_id           CYS 
_struct_conn.ptnr2_label_seq_id            78 
_struct_conn.ptnr2_label_atom_id           SG 
_struct_conn.pdbx_ptnr2_label_alt_id       ? 
_struct_conn.pdbx_ptnr2_PDB_ins_code       ? 
_struct_conn.ptnr1_auth_asym_id            A 
_struct_conn.ptnr1_auth_comp_id            CYS 
_struct_conn.ptnr1_auth_seq_id             36 
_struct_conn.ptnr2_auth_asym_id            A 
_struct_conn.ptnr2_auth_comp_id            CYS 
_struct_conn.ptnr2_auth_seq_id             90 
_struct_conn.ptnr2_symmetry                1_555 
_struct_conn.pdbx_ptnr3_label_atom_id      ? 
_struct_conn.pdbx_ptnr3_label_seq_id       ? 
_struct_conn.pdbx_ptnr3_label_comp_id      ? 
_struct_conn.pdbx_ptnr3_label_asym_id      ? 
_struct_conn.pdbx_ptnr3_label_alt_id       ? 
_struct_conn.pdbx_ptnr3_PDB_ins_code       ? 
_struct_conn.details                       ? 
_struct_conn.pdbx_dist_value               2.058 
_struct_conn.pdbx_value_order              ? 
_struct_conn.pdbx_role                     ? 
# 
_struct_conn_type.id          disulf 
_struct_conn_type.criteria    ? 
_struct_conn_type.reference   ? 
# 
_pdbx_modification_feature.ordinal                            1 
_pdbx_modification_feature.label_comp_id                      CYS 
_pdbx_modification_feature.label_asym_id                      A 
_pdbx_modification_feature.label_seq_id                       24 
_pdbx_modification_feature.label_alt_id                       ? 
_pdbx_modification_feature.modified_residue_label_comp_id     CYS 
_pdbx_modification_feature.modified_residue_label_asym_id     A 
_pdbx_modification_feature.modified_residue_label_seq_id      78 
_pdbx_modification_feature.modified_residue_label_alt_id      ? 
_pdbx_modification_feature.auth_comp_id                       CYS 
_pdbx_modification_feature.auth_asym_id                       A 
_pdbx_modification_feature.auth_seq_id                        36 
_pdbx_modification_feature.PDB_ins_code                       ? 
_pdbx_modification_feature.symmetry                           1_555 
_pdbx_modification_feature.modified_residue_auth_comp_id      CYS 
_pdbx_modification_feature.modified_residue_auth_asym_id      A 
_pdbx_modification_feature.modified_residue_auth_seq_id       90 
_pdbx_modification_feature.modified_residue_PDB_ins_code      ? 
_pdbx_modification_feature.modified_residue_symmetry          1_555 
_pdbx_modification_feature.comp_id_linking_atom               SG 
_pdbx_modification_feature.modified_residue_id_linking_atom   SG 
_pdbx_modification_feature.modified_residue_id                . 
_pdbx_modification_feature.ref_pcm_id                         . 
_pdbx_modification_feature.ref_comp_id                        . 
_pdbx_modification_feature.type                               None 
_pdbx_modification_feature.category                           'Disulfide bridge' 
# 
loop_
_struct_site.id 
_struct_site.pdbx_evidence_code 
_struct_site.pdbx_auth_asym_id 
_struct_site.pdbx_auth_comp_id 
_struct_site.pdbx_auth_seq_id 
_struct_site.pdbx_auth_ins_code 
_struct_site.pdbx_num_residues 
_struct_site.details 
AC1 Software A CL 200 ? 4 'BINDING SITE FOR RESIDUE CL A 200' 
AC2 Software A CL 1   ? 3 'BINDING SITE FOR RESIDUE CL A 1'   
AC3 Software A CL 107 ? 5 'BINDING SITE FOR RESIDUE CL A 107' 
AC4 Software A CL 108 ? 6 'BINDING SITE FOR RESIDUE CL A 108' 
# 
loop_
_struct_site_gen.id 
_struct_site_gen.site_id 
_struct_site_gen.pdbx_num_res 
_struct_site_gen.label_comp_id 
_struct_site_gen.label_asym_id 
_struct_site_gen.label_seq_id 
_struct_site_gen.pdbx_auth_ins_code 
_struct_site_gen.auth_comp_id 
_struct_site_gen.auth_asym_id 
_struct_site_gen.auth_seq_id 
_struct_site_gen.label_atom_id 
_struct_site_gen.label_alt_id 
_struct_site_gen.symmetry 
_struct_site_gen.details 
1  AC1 4 CYS A 24 ? CYS A 36  . ? 1_555  ? 
2  AC1 4 CYS A 24 ? CYS A 36  . ? 7_555  ? 
3  AC1 4 ASN A 25 ? ASN A 37  . ? 1_555  ? 
4  AC1 4 ASN A 25 ? ASN A 37  . ? 7_555  ? 
5  AC2 3 HOH F .  ? HOH A 3   . ? 1_555  ? 
6  AC2 3 GLU A 74 ? GLU A 86  . ? 1_555  ? 
7  AC2 3 HOH F .  ? HOH A 128 . ? 1_555  ? 
8  AC3 5 THR A 52 ? THR A 64  . ? 1_555  ? 
9  AC3 5 GLN A 53 ? GLN A 65  . ? 1_555  ? 
10 AC3 5 GLN A 53 ? GLN A 65  . ? 12_555 ? 
11 AC3 5 CL  E .  ? CL  A 108 . ? 12_555 ? 
12 AC3 5 CL  E .  ? CL  A 108 . ? 1_555  ? 
13 AC4 6 GLN A 53 ? GLN A 65  . ? 1_555  ? 
14 AC4 6 GLN A 53 ? GLN A 65  . ? 12_555 ? 
15 AC4 6 GLU A 54 ? GLU A 66  . ? 1_555  ? 
16 AC4 6 GLU A 54 ? GLU A 66  . ? 12_555 ? 
17 AC4 6 CL  D .  ? CL  A 107 . ? 12_555 ? 
18 AC4 6 CL  D .  ? CL  A 107 . ? 1_555  ? 
# 
_pdbx_entry_details.entry_id                   3SOL 
_pdbx_entry_details.compound_details           ? 
_pdbx_entry_details.source_details             ? 
_pdbx_entry_details.nonpolymer_details         ? 
_pdbx_entry_details.sequence_details           ? 
_pdbx_entry_details.has_ligand_of_interest     ? 
_pdbx_entry_details.has_protein_modification   Y 
# 
loop_
_pdbx_struct_special_symmetry.id 
_pdbx_struct_special_symmetry.PDB_model_num 
_pdbx_struct_special_symmetry.auth_asym_id 
_pdbx_struct_special_symmetry.auth_comp_id 
_pdbx_struct_special_symmetry.auth_seq_id 
_pdbx_struct_special_symmetry.PDB_ins_code 
_pdbx_struct_special_symmetry.label_asym_id 
_pdbx_struct_special_symmetry.label_comp_id 
_pdbx_struct_special_symmetry.label_seq_id 
1 1 A CL 200 ? B CL . 
2 1 A CL 108 ? E CL . 
# 
_pdbx_refine_tls.pdbx_refine_id   'X-RAY DIFFRACTION' 
_pdbx_refine_tls.id               1 
_pdbx_refine_tls.details          ? 
_pdbx_refine_tls.method           refined 
_pdbx_refine_tls.origin_x         0.5943 
_pdbx_refine_tls.origin_y         -0.8923 
_pdbx_refine_tls.origin_z         0.5789 
_pdbx_refine_tls.T[1][1]          0.0714 
_pdbx_refine_tls.T[2][2]          0.2077 
_pdbx_refine_tls.T[3][3]          0.1014 
_pdbx_refine_tls.T[1][2]          0.0668 
_pdbx_refine_tls.T[1][3]          -0.0559 
_pdbx_refine_tls.T[2][3]          -0.0345 
_pdbx_refine_tls.L[1][1]          4.0737 
_pdbx_refine_tls.L[2][2]          3.5567 
_pdbx_refine_tls.L[3][3]          1.7260 
_pdbx_refine_tls.L[1][2]          -0.8657 
_pdbx_refine_tls.L[1][3]          -0.0646 
_pdbx_refine_tls.L[2][3]          0.4041 
_pdbx_refine_tls.S[1][1]          0.0599 
_pdbx_refine_tls.S[2][2]          -0.1914 
_pdbx_refine_tls.S[3][3]          0.1315 
_pdbx_refine_tls.S[1][2]          0.3531 
_pdbx_refine_tls.S[1][3]          0.0274 
_pdbx_refine_tls.S[2][3]          0.5723 
_pdbx_refine_tls.S[2][1]          -0.2939 
_pdbx_refine_tls.S[3][1]          -0.1538 
_pdbx_refine_tls.S[3][2]          -0.4940 
# 
_pdbx_refine_tls_group.pdbx_refine_id      'X-RAY DIFFRACTION' 
_pdbx_refine_tls_group.id                  1 
_pdbx_refine_tls_group.refine_tls_id       1 
_pdbx_refine_tls_group.beg_auth_asym_id    A 
_pdbx_refine_tls_group.beg_auth_seq_id     16 
_pdbx_refine_tls_group.end_auth_asym_id    A 
_pdbx_refine_tls_group.end_auth_seq_id     106 
_pdbx_refine_tls_group.selection_details   ? 
_pdbx_refine_tls_group.beg_label_asym_id   . 
_pdbx_refine_tls_group.beg_label_seq_id    . 
_pdbx_refine_tls_group.end_label_asym_id   . 
_pdbx_refine_tls_group.end_label_seq_id    . 
_pdbx_refine_tls_group.selection           ? 
# 
loop_
_pdbx_unobs_or_zero_occ_residues.id 
_pdbx_unobs_or_zero_occ_residues.PDB_model_num 
_pdbx_unobs_or_zero_occ_residues.polymer_flag 
_pdbx_unobs_or_zero_occ_residues.occupancy_flag 
_pdbx_unobs_or_zero_occ_residues.auth_asym_id 
_pdbx_unobs_or_zero_occ_residues.auth_comp_id 
_pdbx_unobs_or_zero_occ_residues.auth_seq_id 
_pdbx_unobs_or_zero_occ_residues.PDB_ins_code 
_pdbx_unobs_or_zero_occ_residues.label_asym_id 
_pdbx_unobs_or_zero_occ_residues.label_comp_id 
_pdbx_unobs_or_zero_occ_residues.label_seq_id 
1 1 Y 1 A GLY 13 ? A GLY 1 
2 1 Y 1 A ALA 14 ? A ALA 2 
3 1 Y 1 A MET 15 ? A MET 3 
# 
loop_
_chem_comp_atom.comp_id 
_chem_comp_atom.atom_id 
_chem_comp_atom.type_symbol 
_chem_comp_atom.pdbx_aromatic_flag 
_chem_comp_atom.pdbx_stereo_config 
_chem_comp_atom.pdbx_ordinal 
ALA N    N  N N 1   
ALA CA   C  N S 2   
ALA C    C  N N 3   
ALA O    O  N N 4   
ALA CB   C  N N 5   
ALA OXT  O  N N 6   
ALA H    H  N N 7   
ALA H2   H  N N 8   
ALA HA   H  N N 9   
ALA HB1  H  N N 10  
ALA HB2  H  N N 11  
ALA HB3  H  N N 12  
ALA HXT  H  N N 13  
ARG N    N  N N 14  
ARG CA   C  N S 15  
ARG C    C  N N 16  
ARG O    O  N N 17  
ARG CB   C  N N 18  
ARG CG   C  N N 19  
ARG CD   C  N N 20  
ARG NE   N  N N 21  
ARG CZ   C  N N 22  
ARG NH1  N  N N 23  
ARG NH2  N  N N 24  
ARG OXT  O  N N 25  
ARG H    H  N N 26  
ARG H2   H  N N 27  
ARG HA   H  N N 28  
ARG HB2  H  N N 29  
ARG HB3  H  N N 30  
ARG HG2  H  N N 31  
ARG HG3  H  N N 32  
ARG HD2  H  N N 33  
ARG HD3  H  N N 34  
ARG HE   H  N N 35  
ARG HH11 H  N N 36  
ARG HH12 H  N N 37  
ARG HH21 H  N N 38  
ARG HH22 H  N N 39  
ARG HXT  H  N N 40  
ASN N    N  N N 41  
ASN CA   C  N S 42  
ASN C    C  N N 43  
ASN O    O  N N 44  
ASN CB   C  N N 45  
ASN CG   C  N N 46  
ASN OD1  O  N N 47  
ASN ND2  N  N N 48  
ASN OXT  O  N N 49  
ASN H    H  N N 50  
ASN H2   H  N N 51  
ASN HA   H  N N 52  
ASN HB2  H  N N 53  
ASN HB3  H  N N 54  
ASN HD21 H  N N 55  
ASN HD22 H  N N 56  
ASN HXT  H  N N 57  
ASP N    N  N N 58  
ASP CA   C  N S 59  
ASP C    C  N N 60  
ASP O    O  N N 61  
ASP CB   C  N N 62  
ASP CG   C  N N 63  
ASP OD1  O  N N 64  
ASP OD2  O  N N 65  
ASP OXT  O  N N 66  
ASP H    H  N N 67  
ASP H2   H  N N 68  
ASP HA   H  N N 69  
ASP HB2  H  N N 70  
ASP HB3  H  N N 71  
ASP HD2  H  N N 72  
ASP HXT  H  N N 73  
CL  CL   CL N N 74  
CYS N    N  N N 75  
CYS CA   C  N R 76  
CYS C    C  N N 77  
CYS O    O  N N 78  
CYS CB   C  N N 79  
CYS SG   S  N N 80  
CYS OXT  O  N N 81  
CYS H    H  N N 82  
CYS H2   H  N N 83  
CYS HA   H  N N 84  
CYS HB2  H  N N 85  
CYS HB3  H  N N 86  
CYS HG   H  N N 87  
CYS HXT  H  N N 88  
GLN N    N  N N 89  
GLN CA   C  N S 90  
GLN C    C  N N 91  
GLN O    O  N N 92  
GLN CB   C  N N 93  
GLN CG   C  N N 94  
GLN CD   C  N N 95  
GLN OE1  O  N N 96  
GLN NE2  N  N N 97  
GLN OXT  O  N N 98  
GLN H    H  N N 99  
GLN H2   H  N N 100 
GLN HA   H  N N 101 
GLN HB2  H  N N 102 
GLN HB3  H  N N 103 
GLN HG2  H  N N 104 
GLN HG3  H  N N 105 
GLN HE21 H  N N 106 
GLN HE22 H  N N 107 
GLN HXT  H  N N 108 
GLU N    N  N N 109 
GLU CA   C  N S 110 
GLU C    C  N N 111 
GLU O    O  N N 112 
GLU CB   C  N N 113 
GLU CG   C  N N 114 
GLU CD   C  N N 115 
GLU OE1  O  N N 116 
GLU OE2  O  N N 117 
GLU OXT  O  N N 118 
GLU H    H  N N 119 
GLU H2   H  N N 120 
GLU HA   H  N N 121 
GLU HB2  H  N N 122 
GLU HB3  H  N N 123 
GLU HG2  H  N N 124 
GLU HG3  H  N N 125 
GLU HE2  H  N N 126 
GLU HXT  H  N N 127 
GLY N    N  N N 128 
GLY CA   C  N N 129 
GLY C    C  N N 130 
GLY O    O  N N 131 
GLY OXT  O  N N 132 
GLY H    H  N N 133 
GLY H2   H  N N 134 
GLY HA2  H  N N 135 
GLY HA3  H  N N 136 
GLY HXT  H  N N 137 
HIS N    N  N N 138 
HIS CA   C  N S 139 
HIS C    C  N N 140 
HIS O    O  N N 141 
HIS CB   C  N N 142 
HIS CG   C  Y N 143 
HIS ND1  N  Y N 144 
HIS CD2  C  Y N 145 
HIS CE1  C  Y N 146 
HIS NE2  N  Y N 147 
HIS OXT  O  N N 148 
HIS H    H  N N 149 
HIS H2   H  N N 150 
HIS HA   H  N N 151 
HIS HB2  H  N N 152 
HIS HB3  H  N N 153 
HIS HD1  H  N N 154 
HIS HD2  H  N N 155 
HIS HE1  H  N N 156 
HIS HE2  H  N N 157 
HIS HXT  H  N N 158 
HOH O    O  N N 159 
HOH H1   H  N N 160 
HOH H2   H  N N 161 
ILE N    N  N N 162 
ILE CA   C  N S 163 
ILE C    C  N N 164 
ILE O    O  N N 165 
ILE CB   C  N S 166 
ILE CG1  C  N N 167 
ILE CG2  C  N N 168 
ILE CD1  C  N N 169 
ILE OXT  O  N N 170 
ILE H    H  N N 171 
ILE H2   H  N N 172 
ILE HA   H  N N 173 
ILE HB   H  N N 174 
ILE HG12 H  N N 175 
ILE HG13 H  N N 176 
ILE HG21 H  N N 177 
ILE HG22 H  N N 178 
ILE HG23 H  N N 179 
ILE HD11 H  N N 180 
ILE HD12 H  N N 181 
ILE HD13 H  N N 182 
ILE HXT  H  N N 183 
LEU N    N  N N 184 
LEU CA   C  N S 185 
LEU C    C  N N 186 
LEU O    O  N N 187 
LEU CB   C  N N 188 
LEU CG   C  N N 189 
LEU CD1  C  N N 190 
LEU CD2  C  N N 191 
LEU OXT  O  N N 192 
LEU H    H  N N 193 
LEU H2   H  N N 194 
LEU HA   H  N N 195 
LEU HB2  H  N N 196 
LEU HB3  H  N N 197 
LEU HG   H  N N 198 
LEU HD11 H  N N 199 
LEU HD12 H  N N 200 
LEU HD13 H  N N 201 
LEU HD21 H  N N 202 
LEU HD22 H  N N 203 
LEU HD23 H  N N 204 
LEU HXT  H  N N 205 
LYS N    N  N N 206 
LYS CA   C  N S 207 
LYS C    C  N N 208 
LYS O    O  N N 209 
LYS CB   C  N N 210 
LYS CG   C  N N 211 
LYS CD   C  N N 212 
LYS CE   C  N N 213 
LYS NZ   N  N N 214 
LYS OXT  O  N N 215 
LYS H    H  N N 216 
LYS H2   H  N N 217 
LYS HA   H  N N 218 
LYS HB2  H  N N 219 
LYS HB3  H  N N 220 
LYS HG2  H  N N 221 
LYS HG3  H  N N 222 
LYS HD2  H  N N 223 
LYS HD3  H  N N 224 
LYS HE2  H  N N 225 
LYS HE3  H  N N 226 
LYS HZ1  H  N N 227 
LYS HZ2  H  N N 228 
LYS HZ3  H  N N 229 
LYS HXT  H  N N 230 
MET N    N  N N 231 
MET CA   C  N S 232 
MET C    C  N N 233 
MET O    O  N N 234 
MET CB   C  N N 235 
MET CG   C  N N 236 
MET SD   S  N N 237 
MET CE   C  N N 238 
MET OXT  O  N N 239 
MET H    H  N N 240 
MET H2   H  N N 241 
MET HA   H  N N 242 
MET HB2  H  N N 243 
MET HB3  H  N N 244 
MET HG2  H  N N 245 
MET HG3  H  N N 246 
MET HE1  H  N N 247 
MET HE2  H  N N 248 
MET HE3  H  N N 249 
MET HXT  H  N N 250 
PHE N    N  N N 251 
PHE CA   C  N S 252 
PHE C    C  N N 253 
PHE O    O  N N 254 
PHE CB   C  N N 255 
PHE CG   C  Y N 256 
PHE CD1  C  Y N 257 
PHE CD2  C  Y N 258 
PHE CE1  C  Y N 259 
PHE CE2  C  Y N 260 
PHE CZ   C  Y N 261 
PHE OXT  O  N N 262 
PHE H    H  N N 263 
PHE H2   H  N N 264 
PHE HA   H  N N 265 
PHE HB2  H  N N 266 
PHE HB3  H  N N 267 
PHE HD1  H  N N 268 
PHE HD2  H  N N 269 
PHE HE1  H  N N 270 
PHE HE2  H  N N 271 
PHE HZ   H  N N 272 
PHE HXT  H  N N 273 
PRO N    N  N N 274 
PRO CA   C  N S 275 
PRO C    C  N N 276 
PRO O    O  N N 277 
PRO CB   C  N N 278 
PRO CG   C  N N 279 
PRO CD   C  N N 280 
PRO OXT  O  N N 281 
PRO H    H  N N 282 
PRO HA   H  N N 283 
PRO HB2  H  N N 284 
PRO HB3  H  N N 285 
PRO HG2  H  N N 286 
PRO HG3  H  N N 287 
PRO HD2  H  N N 288 
PRO HD3  H  N N 289 
PRO HXT  H  N N 290 
SER N    N  N N 291 
SER CA   C  N S 292 
SER C    C  N N 293 
SER O    O  N N 294 
SER CB   C  N N 295 
SER OG   O  N N 296 
SER OXT  O  N N 297 
SER H    H  N N 298 
SER H2   H  N N 299 
SER HA   H  N N 300 
SER HB2  H  N N 301 
SER HB3  H  N N 302 
SER HG   H  N N 303 
SER HXT  H  N N 304 
THR N    N  N N 305 
THR CA   C  N S 306 
THR C    C  N N 307 
THR O    O  N N 308 
THR CB   C  N R 309 
THR OG1  O  N N 310 
THR CG2  C  N N 311 
THR OXT  O  N N 312 
THR H    H  N N 313 
THR H2   H  N N 314 
THR HA   H  N N 315 
THR HB   H  N N 316 
THR HG1  H  N N 317 
THR HG21 H  N N 318 
THR HG22 H  N N 319 
THR HG23 H  N N 320 
THR HXT  H  N N 321 
TRP N    N  N N 322 
TRP CA   C  N S 323 
TRP C    C  N N 324 
TRP O    O  N N 325 
TRP CB   C  N N 326 
TRP CG   C  Y N 327 
TRP CD1  C  Y N 328 
TRP CD2  C  Y N 329 
TRP NE1  N  Y N 330 
TRP CE2  C  Y N 331 
TRP CE3  C  Y N 332 
TRP CZ2  C  Y N 333 
TRP CZ3  C  Y N 334 
TRP CH2  C  Y N 335 
TRP OXT  O  N N 336 
TRP H    H  N N 337 
TRP H2   H  N N 338 
TRP HA   H  N N 339 
TRP HB2  H  N N 340 
TRP HB3  H  N N 341 
TRP HD1  H  N N 342 
TRP HE1  H  N N 343 
TRP HE3  H  N N 344 
TRP HZ2  H  N N 345 
TRP HZ3  H  N N 346 
TRP HH2  H  N N 347 
TRP HXT  H  N N 348 
TYR N    N  N N 349 
TYR CA   C  N S 350 
TYR C    C  N N 351 
TYR O    O  N N 352 
TYR CB   C  N N 353 
TYR CG   C  Y N 354 
TYR CD1  C  Y N 355 
TYR CD2  C  Y N 356 
TYR CE1  C  Y N 357 
TYR CE2  C  Y N 358 
TYR CZ   C  Y N 359 
TYR OH   O  N N 360 
TYR OXT  O  N N 361 
TYR H    H  N N 362 
TYR H2   H  N N 363 
TYR HA   H  N N 364 
TYR HB2  H  N N 365 
TYR HB3  H  N N 366 
TYR HD1  H  N N 367 
TYR HD2  H  N N 368 
TYR HE1  H  N N 369 
TYR HE2  H  N N 370 
TYR HH   H  N N 371 
TYR HXT  H  N N 372 
VAL N    N  N N 373 
VAL CA   C  N S 374 
VAL C    C  N N 375 
VAL O    O  N N 376 
VAL CB   C  N N 377 
VAL CG1  C  N N 378 
VAL CG2  C  N N 379 
VAL OXT  O  N N 380 
VAL H    H  N N 381 
VAL H2   H  N N 382 
VAL HA   H  N N 383 
VAL HB   H  N N 384 
VAL HG11 H  N N 385 
VAL HG12 H  N N 386 
VAL HG13 H  N N 387 
VAL HG21 H  N N 388 
VAL HG22 H  N N 389 
VAL HG23 H  N N 390 
VAL HXT  H  N N 391 
# 
loop_
_chem_comp_bond.comp_id 
_chem_comp_bond.atom_id_1 
_chem_comp_bond.atom_id_2 
_chem_comp_bond.value_order 
_chem_comp_bond.pdbx_aromatic_flag 
_chem_comp_bond.pdbx_stereo_config 
_chem_comp_bond.pdbx_ordinal 
ALA N   CA   sing N N 1   
ALA N   H    sing N N 2   
ALA N   H2   sing N N 3   
ALA CA  C    sing N N 4   
ALA CA  CB   sing N N 5   
ALA CA  HA   sing N N 6   
ALA C   O    doub N N 7   
ALA C   OXT  sing N N 8   
ALA CB  HB1  sing N N 9   
ALA CB  HB2  sing N N 10  
ALA CB  HB3  sing N N 11  
ALA OXT HXT  sing N N 12  
ARG N   CA   sing N N 13  
ARG N   H    sing N N 14  
ARG N   H2   sing N N 15  
ARG CA  C    sing N N 16  
ARG CA  CB   sing N N 17  
ARG CA  HA   sing N N 18  
ARG C   O    doub N N 19  
ARG C   OXT  sing N N 20  
ARG CB  CG   sing N N 21  
ARG CB  HB2  sing N N 22  
ARG CB  HB3  sing N N 23  
ARG CG  CD   sing N N 24  
ARG CG  HG2  sing N N 25  
ARG CG  HG3  sing N N 26  
ARG CD  NE   sing N N 27  
ARG CD  HD2  sing N N 28  
ARG CD  HD3  sing N N 29  
ARG NE  CZ   sing N N 30  
ARG NE  HE   sing N N 31  
ARG CZ  NH1  sing N N 32  
ARG CZ  NH2  doub N N 33  
ARG NH1 HH11 sing N N 34  
ARG NH1 HH12 sing N N 35  
ARG NH2 HH21 sing N N 36  
ARG NH2 HH22 sing N N 37  
ARG OXT HXT  sing N N 38  
ASN N   CA   sing N N 39  
ASN N   H    sing N N 40  
ASN N   H2   sing N N 41  
ASN CA  C    sing N N 42  
ASN CA  CB   sing N N 43  
ASN CA  HA   sing N N 44  
ASN C   O    doub N N 45  
ASN C   OXT  sing N N 46  
ASN CB  CG   sing N N 47  
ASN CB  HB2  sing N N 48  
ASN CB  HB3  sing N N 49  
ASN CG  OD1  doub N N 50  
ASN CG  ND2  sing N N 51  
ASN ND2 HD21 sing N N 52  
ASN ND2 HD22 sing N N 53  
ASN OXT HXT  sing N N 54  
ASP N   CA   sing N N 55  
ASP N   H    sing N N 56  
ASP N   H2   sing N N 57  
ASP CA  C    sing N N 58  
ASP CA  CB   sing N N 59  
ASP CA  HA   sing N N 60  
ASP C   O    doub N N 61  
ASP C   OXT  sing N N 62  
ASP CB  CG   sing N N 63  
ASP CB  HB2  sing N N 64  
ASP CB  HB3  sing N N 65  
ASP CG  OD1  doub N N 66  
ASP CG  OD2  sing N N 67  
ASP OD2 HD2  sing N N 68  
ASP OXT HXT  sing N N 69  
CYS N   CA   sing N N 70  
CYS N   H    sing N N 71  
CYS N   H2   sing N N 72  
CYS CA  C    sing N N 73  
CYS CA  CB   sing N N 74  
CYS CA  HA   sing N N 75  
CYS C   O    doub N N 76  
CYS C   OXT  sing N N 77  
CYS CB  SG   sing N N 78  
CYS CB  HB2  sing N N 79  
CYS CB  HB3  sing N N 80  
CYS SG  HG   sing N N 81  
CYS OXT HXT  sing N N 82  
GLN N   CA   sing N N 83  
GLN N   H    sing N N 84  
GLN N   H2   sing N N 85  
GLN CA  C    sing N N 86  
GLN CA  CB   sing N N 87  
GLN CA  HA   sing N N 88  
GLN C   O    doub N N 89  
GLN C   OXT  sing N N 90  
GLN CB  CG   sing N N 91  
GLN CB  HB2  sing N N 92  
GLN CB  HB3  sing N N 93  
GLN CG  CD   sing N N 94  
GLN CG  HG2  sing N N 95  
GLN CG  HG3  sing N N 96  
GLN CD  OE1  doub N N 97  
GLN CD  NE2  sing N N 98  
GLN NE2 HE21 sing N N 99  
GLN NE2 HE22 sing N N 100 
GLN OXT HXT  sing N N 101 
GLU N   CA   sing N N 102 
GLU N   H    sing N N 103 
GLU N   H2   sing N N 104 
GLU CA  C    sing N N 105 
GLU CA  CB   sing N N 106 
GLU CA  HA   sing N N 107 
GLU C   O    doub N N 108 
GLU C   OXT  sing N N 109 
GLU CB  CG   sing N N 110 
GLU CB  HB2  sing N N 111 
GLU CB  HB3  sing N N 112 
GLU CG  CD   sing N N 113 
GLU CG  HG2  sing N N 114 
GLU CG  HG3  sing N N 115 
GLU CD  OE1  doub N N 116 
GLU CD  OE2  sing N N 117 
GLU OE2 HE2  sing N N 118 
GLU OXT HXT  sing N N 119 
GLY N   CA   sing N N 120 
GLY N   H    sing N N 121 
GLY N   H2   sing N N 122 
GLY CA  C    sing N N 123 
GLY CA  HA2  sing N N 124 
GLY CA  HA3  sing N N 125 
GLY C   O    doub N N 126 
GLY C   OXT  sing N N 127 
GLY OXT HXT  sing N N 128 
HIS N   CA   sing N N 129 
HIS N   H    sing N N 130 
HIS N   H2   sing N N 131 
HIS CA  C    sing N N 132 
HIS CA  CB   sing N N 133 
HIS CA  HA   sing N N 134 
HIS C   O    doub N N 135 
HIS C   OXT  sing N N 136 
HIS CB  CG   sing N N 137 
HIS CB  HB2  sing N N 138 
HIS CB  HB3  sing N N 139 
HIS CG  ND1  sing Y N 140 
HIS CG  CD2  doub Y N 141 
HIS ND1 CE1  doub Y N 142 
HIS ND1 HD1  sing N N 143 
HIS CD2 NE2  sing Y N 144 
HIS CD2 HD2  sing N N 145 
HIS CE1 NE2  sing Y N 146 
HIS CE1 HE1  sing N N 147 
HIS NE2 HE2  sing N N 148 
HIS OXT HXT  sing N N 149 
HOH O   H1   sing N N 150 
HOH O   H2   sing N N 151 
ILE N   CA   sing N N 152 
ILE N   H    sing N N 153 
ILE N   H2   sing N N 154 
ILE CA  C    sing N N 155 
ILE CA  CB   sing N N 156 
ILE CA  HA   sing N N 157 
ILE C   O    doub N N 158 
ILE C   OXT  sing N N 159 
ILE CB  CG1  sing N N 160 
ILE CB  CG2  sing N N 161 
ILE CB  HB   sing N N 162 
ILE CG1 CD1  sing N N 163 
ILE CG1 HG12 sing N N 164 
ILE CG1 HG13 sing N N 165 
ILE CG2 HG21 sing N N 166 
ILE CG2 HG22 sing N N 167 
ILE CG2 HG23 sing N N 168 
ILE CD1 HD11 sing N N 169 
ILE CD1 HD12 sing N N 170 
ILE CD1 HD13 sing N N 171 
ILE OXT HXT  sing N N 172 
LEU N   CA   sing N N 173 
LEU N   H    sing N N 174 
LEU N   H2   sing N N 175 
LEU CA  C    sing N N 176 
LEU CA  CB   sing N N 177 
LEU CA  HA   sing N N 178 
LEU C   O    doub N N 179 
LEU C   OXT  sing N N 180 
LEU CB  CG   sing N N 181 
LEU CB  HB2  sing N N 182 
LEU CB  HB3  sing N N 183 
LEU CG  CD1  sing N N 184 
LEU CG  CD2  sing N N 185 
LEU CG  HG   sing N N 186 
LEU CD1 HD11 sing N N 187 
LEU CD1 HD12 sing N N 188 
LEU CD1 HD13 sing N N 189 
LEU CD2 HD21 sing N N 190 
LEU CD2 HD22 sing N N 191 
LEU CD2 HD23 sing N N 192 
LEU OXT HXT  sing N N 193 
LYS N   CA   sing N N 194 
LYS N   H    sing N N 195 
LYS N   H2   sing N N 196 
LYS CA  C    sing N N 197 
LYS CA  CB   sing N N 198 
LYS CA  HA   sing N N 199 
LYS C   O    doub N N 200 
LYS C   OXT  sing N N 201 
LYS CB  CG   sing N N 202 
LYS CB  HB2  sing N N 203 
LYS CB  HB3  sing N N 204 
LYS CG  CD   sing N N 205 
LYS CG  HG2  sing N N 206 
LYS CG  HG3  sing N N 207 
LYS CD  CE   sing N N 208 
LYS CD  HD2  sing N N 209 
LYS CD  HD3  sing N N 210 
LYS CE  NZ   sing N N 211 
LYS CE  HE2  sing N N 212 
LYS CE  HE3  sing N N 213 
LYS NZ  HZ1  sing N N 214 
LYS NZ  HZ2  sing N N 215 
LYS NZ  HZ3  sing N N 216 
LYS OXT HXT  sing N N 217 
MET N   CA   sing N N 218 
MET N   H    sing N N 219 
MET N   H2   sing N N 220 
MET CA  C    sing N N 221 
MET CA  CB   sing N N 222 
MET CA  HA   sing N N 223 
MET C   O    doub N N 224 
MET C   OXT  sing N N 225 
MET CB  CG   sing N N 226 
MET CB  HB2  sing N N 227 
MET CB  HB3  sing N N 228 
MET CG  SD   sing N N 229 
MET CG  HG2  sing N N 230 
MET CG  HG3  sing N N 231 
MET SD  CE   sing N N 232 
MET CE  HE1  sing N N 233 
MET CE  HE2  sing N N 234 
MET CE  HE3  sing N N 235 
MET OXT HXT  sing N N 236 
PHE N   CA   sing N N 237 
PHE N   H    sing N N 238 
PHE N   H2   sing N N 239 
PHE CA  C    sing N N 240 
PHE CA  CB   sing N N 241 
PHE CA  HA   sing N N 242 
PHE C   O    doub N N 243 
PHE C   OXT  sing N N 244 
PHE CB  CG   sing N N 245 
PHE CB  HB2  sing N N 246 
PHE CB  HB3  sing N N 247 
PHE CG  CD1  doub Y N 248 
PHE CG  CD2  sing Y N 249 
PHE CD1 CE1  sing Y N 250 
PHE CD1 HD1  sing N N 251 
PHE CD2 CE2  doub Y N 252 
PHE CD2 HD2  sing N N 253 
PHE CE1 CZ   doub Y N 254 
PHE CE1 HE1  sing N N 255 
PHE CE2 CZ   sing Y N 256 
PHE CE2 HE2  sing N N 257 
PHE CZ  HZ   sing N N 258 
PHE OXT HXT  sing N N 259 
PRO N   CA   sing N N 260 
PRO N   CD   sing N N 261 
PRO N   H    sing N N 262 
PRO CA  C    sing N N 263 
PRO CA  CB   sing N N 264 
PRO CA  HA   sing N N 265 
PRO C   O    doub N N 266 
PRO C   OXT  sing N N 267 
PRO CB  CG   sing N N 268 
PRO CB  HB2  sing N N 269 
PRO CB  HB3  sing N N 270 
PRO CG  CD   sing N N 271 
PRO CG  HG2  sing N N 272 
PRO CG  HG3  sing N N 273 
PRO CD  HD2  sing N N 274 
PRO CD  HD3  sing N N 275 
PRO OXT HXT  sing N N 276 
SER N   CA   sing N N 277 
SER N   H    sing N N 278 
SER N   H2   sing N N 279 
SER CA  C    sing N N 280 
SER CA  CB   sing N N 281 
SER CA  HA   sing N N 282 
SER C   O    doub N N 283 
SER C   OXT  sing N N 284 
SER CB  OG   sing N N 285 
SER CB  HB2  sing N N 286 
SER CB  HB3  sing N N 287 
SER OG  HG   sing N N 288 
SER OXT HXT  sing N N 289 
THR N   CA   sing N N 290 
THR N   H    sing N N 291 
THR N   H2   sing N N 292 
THR CA  C    sing N N 293 
THR CA  CB   sing N N 294 
THR CA  HA   sing N N 295 
THR C   O    doub N N 296 
THR C   OXT  sing N N 297 
THR CB  OG1  sing N N 298 
THR CB  CG2  sing N N 299 
THR CB  HB   sing N N 300 
THR OG1 HG1  sing N N 301 
THR CG2 HG21 sing N N 302 
THR CG2 HG22 sing N N 303 
THR CG2 HG23 sing N N 304 
THR OXT HXT  sing N N 305 
TRP N   CA   sing N N 306 
TRP N   H    sing N N 307 
TRP N   H2   sing N N 308 
TRP CA  C    sing N N 309 
TRP CA  CB   sing N N 310 
TRP CA  HA   sing N N 311 
TRP C   O    doub N N 312 
TRP C   OXT  sing N N 313 
TRP CB  CG   sing N N 314 
TRP CB  HB2  sing N N 315 
TRP CB  HB3  sing N N 316 
TRP CG  CD1  doub Y N 317 
TRP CG  CD2  sing Y N 318 
TRP CD1 NE1  sing Y N 319 
TRP CD1 HD1  sing N N 320 
TRP CD2 CE2  doub Y N 321 
TRP CD2 CE3  sing Y N 322 
TRP NE1 CE2  sing Y N 323 
TRP NE1 HE1  sing N N 324 
TRP CE2 CZ2  sing Y N 325 
TRP CE3 CZ3  doub Y N 326 
TRP CE3 HE3  sing N N 327 
TRP CZ2 CH2  doub Y N 328 
TRP CZ2 HZ2  sing N N 329 
TRP CZ3 CH2  sing Y N 330 
TRP CZ3 HZ3  sing N N 331 
TRP CH2 HH2  sing N N 332 
TRP OXT HXT  sing N N 333 
TYR N   CA   sing N N 334 
TYR N   H    sing N N 335 
TYR N   H2   sing N N 336 
TYR CA  C    sing N N 337 
TYR CA  CB   sing N N 338 
TYR CA  HA   sing N N 339 
TYR C   O    doub N N 340 
TYR C   OXT  sing N N 341 
TYR CB  CG   sing N N 342 
TYR CB  HB2  sing N N 343 
TYR CB  HB3  sing N N 344 
TYR CG  CD1  doub Y N 345 
TYR CG  CD2  sing Y N 346 
TYR CD1 CE1  sing Y N 347 
TYR CD1 HD1  sing N N 348 
TYR CD2 CE2  doub Y N 349 
TYR CD2 HD2  sing N N 350 
TYR CE1 CZ   doub Y N 351 
TYR CE1 HE1  sing N N 352 
TYR CE2 CZ   sing Y N 353 
TYR CE2 HE2  sing N N 354 
TYR CZ  OH   sing N N 355 
TYR OH  HH   sing N N 356 
TYR OXT HXT  sing N N 357 
VAL N   CA   sing N N 358 
VAL N   H    sing N N 359 
VAL N   H2   sing N N 360 
VAL CA  C    sing N N 361 
VAL CA  CB   sing N N 362 
VAL CA  HA   sing N N 363 
VAL C   O    doub N N 364 
VAL C   OXT  sing N N 365 
VAL CB  CG1  sing N N 366 
VAL CB  CG2  sing N N 367 
VAL CB  HB   sing N N 368 
VAL CG1 HG11 sing N N 369 
VAL CG1 HG12 sing N N 370 
VAL CG1 HG13 sing N N 371 
VAL CG2 HG21 sing N N 372 
VAL CG2 HG22 sing N N 373 
VAL CG2 HG23 sing N N 374 
VAL OXT HXT  sing N N 375 
# 
_atom_sites.entry_id                    3SOL 
_atom_sites.fract_transf_matrix[1][1]   -0.00482144 
_atom_sites.fract_transf_matrix[1][2]   -0.01173400 
_atom_sites.fract_transf_matrix[1][3]   0.00932085 
_atom_sites.fract_transf_matrix[2][1]   0.01011152 
_atom_sites.fract_transf_matrix[2][2]   -0.01124874 
_atom_sites.fract_transf_matrix[2][3]   0.00436276 
_atom_sites.fract_transf_matrix[3][1]   0.00353466 
_atom_sites.fract_transf_matrix[3][2]   0.00759453 
_atom_sites.fract_transf_matrix[3][3]   0.01138913 
_atom_sites.fract_transf_vector[1]      0.786817 
_atom_sites.fract_transf_vector[2]      0.604260 
_atom_sites.fract_transf_vector[3]      0.060318 
# 
loop_
_atom_type.symbol 
C  
CL 
N  
O  
S  
# 
loop_
_atom_site.group_PDB 
_atom_site.id 
_atom_site.type_symbol 
_atom_site.label_atom_id 
_atom_site.label_alt_id 
_atom_site.label_comp_id 
_atom_site.label_asym_id 
_atom_site.label_entity_id 
_atom_site.label_seq_id 
_atom_site.pdbx_PDB_ins_code 
_atom_site.Cartn_x 
_atom_site.Cartn_y 
_atom_site.Cartn_z 
_atom_site.occupancy 
_atom_site.B_iso_or_equiv 
_atom_site.pdbx_formal_charge 
_atom_site.auth_seq_id 
_atom_site.auth_comp_id 
_atom_site.auth_asym_id 
_atom_site.auth_atom_id 
_atom_site.pdbx_PDB_model_num 
ATOM   1   N  N   . SER A 1 4  ? -12.435 -5.566  -8.931  1.00 68.26 ? 16  SER A N   1 
ATOM   2   C  CA  . SER A 1 4  ? -12.049 -4.301  -9.625  1.00 68.18 ? 16  SER A CA  1 
ATOM   3   C  C   . SER A 1 4  ? -10.527 -4.199  -9.677  1.00 64.88 ? 16  SER A C   1 
ATOM   4   O  O   . SER A 1 4  ? -9.844  -4.383  -8.660  1.00 61.72 ? 16  SER A O   1 
ATOM   5   C  CB  . SER A 1 4  ? -12.666 -3.081  -8.915  1.00 68.16 ? 16  SER A CB  1 
ATOM   6   O  OG  . SER A 1 4  ? -11.900 -1.896  -9.110  1.00 65.97 ? 16  SER A OG  1 
ATOM   7   N  N   . GLU A 1 5  ? -9.995  -3.912  -10.862 1.00 65.65 ? 17  GLU A N   1 
ATOM   8   C  CA  . GLU A 1 5  ? -8.547  -3.825  -11.050 1.00 63.28 ? 17  GLU A CA  1 
ATOM   9   C  C   . GLU A 1 5  ? -7.957  -2.557  -10.438 1.00 60.03 ? 17  GLU A C   1 
ATOM   10  O  O   . GLU A 1 5  ? -6.805  -2.551  -10.040 1.00 57.26 ? 17  GLU A O   1 
ATOM   11  C  CB  . GLU A 1 5  ? -8.182  -3.899  -12.532 1.00 66.07 ? 17  GLU A CB  1 
ATOM   12  C  CG  . GLU A 1 5  ? -8.566  -5.216  -13.215 1.00 70.50 ? 17  GLU A CG  1 
ATOM   13  C  CD  . GLU A 1 5  ? -7.778  -6.424  -12.703 1.00 70.07 ? 17  GLU A CD  1 
ATOM   14  O  OE1 . GLU A 1 5  ? -6.627  -6.258  -12.238 1.00 68.94 ? 17  GLU A OE1 1 
ATOM   15  O  OE2 . GLU A 1 5  ? -8.319  -7.550  -12.776 1.00 73.11 ? 17  GLU A OE2 1 
ATOM   16  N  N   . GLN A 1 6  ? -8.745  -1.490  -10.370 1.00 60.57 ? 18  GLN A N   1 
ATOM   17  C  CA  . GLN A 1 6  ? -8.301  -0.243  -9.757  1.00 58.34 ? 18  GLN A CA  1 
ATOM   18  C  C   . GLN A 1 6  ? -8.193  -0.449  -8.240  1.00 54.94 ? 18  GLN A C   1 
ATOM   19  O  O   . GLN A 1 6  ? -7.239  0.015   -7.607  1.00 51.43 ? 18  GLN A O   1 
ATOM   20  C  CB  . GLN A 1 6  ? -9.272  0.900   -10.066 1.00 61.21 ? 18  GLN A CB  1 
ATOM   21  C  CG  . GLN A 1 6  ? -9.319  1.336   -11.542 1.00 65.31 ? 18  GLN A CG  1 
ATOM   22  C  CD  . GLN A 1 6  ? -9.967  0.314   -12.465 1.00 68.73 ? 18  GLN A CD  1 
ATOM   23  O  OE1 . GLN A 1 6  ? -10.905 -0.389  -12.077 1.00 70.21 ? 18  GLN A OE1 1 
ATOM   24  N  NE2 . GLN A 1 6  ? -9.465  0.227   -13.693 1.00 71.62 ? 18  GLN A NE2 1 
ATOM   25  N  N   . LEU A 1 7  ? -9.173  -1.163  -7.681  1.00 55.16 ? 19  LEU A N   1 
ATOM   26  C  CA  . LEU A 1 7  ? -9.180  -1.534  -6.264  1.00 52.99 ? 19  LEU A CA  1 
ATOM   27  C  C   . LEU A 1 7  ? -8.028  -2.487  -5.955  1.00 50.74 ? 19  LEU A C   1 
ATOM   28  O  O   . LEU A 1 7  ? -7.325  -2.314  -4.950  1.00 47.89 ? 19  LEU A O   1 
ATOM   29  C  CB  . LEU A 1 7  ? -10.511 -2.191  -5.877  1.00 54.77 ? 19  LEU A CB  1 
ATOM   30  C  CG  . LEU A 1 7  ? -10.685 -2.685  -4.438  1.00 53.14 ? 19  LEU A CG  1 
ATOM   31  C  CD1 . LEU A 1 7  ? -10.297 -1.623  -3.430  1.00 50.93 ? 19  LEU A CD1 1 
ATOM   32  C  CD2 . LEU A 1 7  ? -12.108 -3.123  -4.200  1.00 56.09 ? 19  LEU A CD2 1 
ATOM   33  N  N   . GLU A 1 8  ? -7.850  -3.493  -6.813  1.00 51.80 ? 20  GLU A N   1 
ATOM   34  C  CA  . GLU A 1 8  ? -6.725  -4.433  -6.691  1.00 50.32 ? 20  GLU A CA  1 
ATOM   35  C  C   . GLU A 1 8  ? -5.380  -3.695  -6.674  1.00 47.30 ? 20  GLU A C   1 
ATOM   36  O  O   . GLU A 1 8  ? -4.519  -3.971  -5.831  1.00 44.76 ? 20  GLU A O   1 
ATOM   37  C  CB  . GLU A 1 8  ? -6.755  -5.456  -7.834  1.00 52.95 ? 20  GLU A CB  1 
ATOM   38  C  CG  . GLU A 1 8  ? -5.872  -6.688  -7.590  1.00 54.38 ? 20  GLU A CG  1 
ATOM   39  C  CD  . GLU A 1 8  ? -6.516  -7.717  -6.645  1.00 57.77 ? 20  GLU A CD  1 
ATOM   40  O  OE1 . GLU A 1 8  ? -7.622  -8.225  -6.969  1.00 62.27 ? 20  GLU A OE1 1 
ATOM   41  O  OE2 . GLU A 1 8  ? -5.900  -8.028  -5.591  1.00 57.40 ? 20  GLU A OE2 1 
ATOM   42  N  N   . GLN A 1 9  ? -5.212  -2.763  -7.611  1.00 47.89 ? 21  GLN A N   1 
ATOM   43  C  CA  . GLN A 1 9  ? -4.020  -1.910  -7.682  1.00 46.13 ? 21  GLN A CA  1 
ATOM   44  C  C   . GLN A 1 9  ? -3.823  -1.098  -6.403  1.00 43.00 ? 21  GLN A C   1 
ATOM   45  O  O   . GLN A 1 9  ? -2.801  -1.220  -5.743  1.00 40.85 ? 21  GLN A O   1 
ATOM   46  C  CB  . GLN A 1 9  ? -4.116  -0.961  -8.889  1.00 48.75 ? 21  GLN A CB  1 
ATOM   47  C  CG  . GLN A 1 9  ? -3.173  0.264   -8.834  1.00 49.55 ? 21  GLN A CG  1 
ATOM   48  C  CD  . GLN A 1 9  ? -2.950  0.917   -10.204 1.00 53.77 ? 21  GLN A CD  1 
ATOM   49  O  OE1 . GLN A 1 9  ? -3.799  0.836   -11.096 1.00 57.17 ? 21  GLN A OE1 1 
ATOM   50  N  NE2 . GLN A 1 9  ? -1.791  1.560   -10.368 1.00 54.67 ? 21  GLN A NE2 1 
ATOM   51  N  N   . MET A 1 10 ? -4.799  -0.266  -6.064  1.00 42.90 ? 22  MET A N   1 
ATOM   52  C  CA  . MET A 1 10 ? -4.701  0.582   -4.878  1.00 41.26 ? 22  MET A CA  1 
ATOM   53  C  C   . MET A 1 10 ? -4.466  -0.236  -3.612  1.00 37.64 ? 22  MET A C   1 
ATOM   54  O  O   . MET A 1 10 ? -3.633  0.129   -2.816  1.00 35.94 ? 22  MET A O   1 
ATOM   55  C  CB  . MET A 1 10 ? -5.959  1.444   -4.690  1.00 43.48 ? 22  MET A CB  1 
ATOM   56  C  CG  . MET A 1 10 ? -6.139  2.589   -5.709  1.00 48.68 ? 22  MET A CG  1 
ATOM   57  S  SD  . MET A 1 10 ? -4.689  3.662   -5.935  1.00 53.32 ? 22  MET A SD  1 
ATOM   58  C  CE  . MET A 1 10 ? -4.109  3.815   -4.252  1.00 43.75 ? 22  MET A CE  1 
ATOM   59  N  N   . ALA A 1 11 ? -5.196  -1.337  -3.443  1.00 37.60 ? 23  ALA A N   1 
ATOM   60  C  CA  . ALA A 1 11 ? -5.057  -2.185  -2.256  1.00 35.76 ? 23  ALA A CA  1 
ATOM   61  C  C   . ALA A 1 11 ? -3.656  -2.787  -2.156  1.00 33.76 ? 23  ALA A C   1 
ATOM   62  O  O   . ALA A 1 11 ? -3.103  -2.895  -1.072  1.00 31.32 ? 23  ALA A O   1 
ATOM   63  C  CB  . ALA A 1 11 ? -6.104  -3.278  -2.247  1.00 37.12 ? 23  ALA A CB  1 
ATOM   64  N  N   . SER A 1 12 ? -3.083  -3.161  -3.293  1.00 34.18 ? 24  SER A N   1 
ATOM   65  C  CA  . SER A 1 12 ? -1.732  -3.726  -3.331  1.00 33.11 ? 24  SER A CA  1 
ATOM   66  C  C   . SER A 1 12 ? -0.664  -2.733  -2.902  1.00 31.29 ? 24  SER A C   1 
ATOM   67  O  O   . SER A 1 12 ? 0.261   -3.080  -2.148  1.00 29.14 ? 24  SER A O   1 
ATOM   68  C  CB  . SER A 1 12 ? -1.430  -4.243  -4.729  1.00 34.76 ? 24  SER A CB  1 
ATOM   69  O  OG  . SER A 1 12 ? -2.328  -5.293  -5.051  1.00 39.06 ? 24  SER A OG  1 
ATOM   70  N  N   . ILE A 1 13 ? -0.799  -1.492  -3.364  1.00 31.35 ? 25  ILE A N   1 
ATOM   71  C  CA  . ILE A 1 13 ? 0.092   -0.417  -2.956  1.00 30.03 ? 25  ILE A CA  1 
ATOM   72  C  C   . ILE A 1 13 ? 0.001   -0.152  -1.449  1.00 28.08 ? 25  ILE A C   1 
ATOM   73  O  O   . ILE A 1 13 ? 1.026   -0.012  -0.773  1.00 26.57 ? 25  ILE A O   1 
ATOM   74  C  CB  . ILE A 1 13 ? -0.213  0.876   -3.731  1.00 31.98 ? 25  ILE A CB  1 
ATOM   75  C  CG1 . ILE A 1 13 ? 0.209   0.704   -5.200  1.00 34.67 ? 25  ILE A CG1 1 
ATOM   76  C  CG2 . ILE A 1 13 ? 0.525   2.035   -3.113  1.00 32.02 ? 25  ILE A CG2 1 
ATOM   77  C  CD1 . ILE A 1 13 ? -0.491  1.639   -6.174  1.00 37.40 ? 25  ILE A CD1 1 
ATOM   78  N  N   . VAL A 1 14 ? -1.221  -0.081  -0.925  1.00 27.76 ? 26  VAL A N   1 
ATOM   79  C  CA  . VAL A 1 14 ? -1.440  0.145   0.512   1.00 26.09 ? 26  VAL A CA  1 
ATOM   80  C  C   . VAL A 1 14 ? -0.914  -1.024  1.378   1.00 24.69 ? 26  VAL A C   1 
ATOM   81  O  O   . VAL A 1 14 ? -0.286  -0.791  2.410   1.00 22.07 ? 26  VAL A O   1 
ATOM   82  C  CB  . VAL A 1 14 ? -2.922  0.474   0.790   1.00 28.16 ? 26  VAL A CB  1 
ATOM   83  C  CG1 . VAL A 1 14 ? -3.251  0.406   2.284   1.00 26.76 ? 26  VAL A CG1 1 
ATOM   84  C  CG2 . VAL A 1 14 ? -3.260  1.865   0.223   1.00 28.73 ? 26  VAL A CG2 1 
ATOM   85  N  N   . SER A 1 15 ? -1.138  -2.273  0.954   1.00 25.01 ? 27  SER A N   1 
ATOM   86  C  CA  . SER A 1 15 ? -0.657  -3.441  1.729   1.00 24.93 ? 27  SER A CA  1 
ATOM   87  C  C   . SER A 1 15 ? 0.863   -3.537  1.728   1.00 22.71 ? 27  SER A C   1 
ATOM   88  O  O   . SER A 1 15 ? 1.466   -3.891  2.732   1.00 21.33 ? 27  SER A O   1 
ATOM   89  C  CB  . SER A 1 15 ? -1.233  -4.752  1.200   1.00 26.17 ? 27  SER A CB  1 
ATOM   90  O  OG  . SER A 1 15 ? -0.867  -4.894  -0.155  1.00 32.53 ? 27  SER A OG  1 
ATOM   91  N  N   . ALA A 1 16 ? 1.479   -3.232  0.590   1.00 22.39 ? 28  ALA A N   1 
ATOM   92  C  CA  . ALA A 1 16 ? 2.939   -3.214  0.477   1.00 21.37 ? 28  ALA A CA  1 
ATOM   93  C  C   . ALA A 1 16 ? 3.545   -2.136  1.384   1.00 19.92 ? 28  ALA A C   1 
ATOM   94  O  O   . ALA A 1 16 ? 4.596   -2.333  1.998   1.00 18.28 ? 28  ALA A O   1 
ATOM   95  C  CB  . ALA A 1 16 ? 3.348   -2.987  -1.001  1.00 22.66 ? 28  ALA A CB  1 
ATOM   96  N  N   . THR A 1 17 ? 2.858   -0.998  1.484   1.00 20.70 ? 29  THR A N   1 
ATOM   97  C  CA  . THR A 1 17 ? 3.306   0.099   2.324   1.00 20.50 ? 29  THR A CA  1 
ATOM   98  C  C   . THR A 1 17 ? 3.193   -0.305  3.795   1.00 19.36 ? 29  THR A C   1 
ATOM   99  O  O   . THR A 1 17 ? 4.090   -0.036  4.604   1.00 18.47 ? 29  THR A O   1 
ATOM   100 C  CB  . THR A 1 17 ? 2.491   1.393   2.008   1.00 22.15 ? 29  THR A CB  1 
ATOM   101 O  OG1 . THR A 1 17 ? 2.647   1.703   0.601   1.00 24.56 ? 29  THR A OG1 1 
ATOM   102 C  CG2 . THR A 1 17 ? 2.997   2.530   2.813   1.00 22.81 ? 29  THR A CG2 1 
ATOM   103 N  N   . ARG A 1 18 ? 2.103   -0.991  4.147   1.00 19.74 ? 30  ARG A N   1 
ATOM   104 C  CA  . ARG A 1 18 ? 1.974   -1.583  5.496   1.00 19.51 ? 30  ARG A CA  1 
ATOM   105 C  C   . ARG A 1 18 ? 3.090   -2.599  5.789   1.00 17.98 ? 30  ARG A C   1 
ATOM   106 O  O   . ARG A 1 18 ? 3.671   -2.639  6.884   1.00 17.33 ? 30  ARG A O   1 
ATOM   107 C  CB  . ARG A 1 18 ? 0.621   -2.226  5.659   1.00 21.09 ? 30  ARG A CB  1 
ATOM   108 C  CG  . ARG A 1 18 ? 0.422   -2.952  6.954   1.00 24.54 ? 30  ARG A CG  1 
ATOM   109 C  CD  . ARG A 1 18 ? -0.977  -3.579  6.927   1.00 31.27 ? 30  ARG A CD  1 
ATOM   110 N  NE  . ARG A 1 18 ? -1.278  -4.308  8.145   1.00 36.28 ? 30  ARG A NE  1 
ATOM   111 C  CZ  . ARG A 1 18 ? -2.393  -5.008  8.353   1.00 41.70 ? 30  ARG A CZ  1 
ATOM   112 N  NH1 . ARG A 1 18 ? -3.334  -5.102  7.410   1.00 43.88 ? 30  ARG A NH1 1 
ATOM   113 N  NH2 . ARG A 1 18 ? -2.575  -5.609  9.525   1.00 45.38 ? 30  ARG A NH2 1 
ATOM   114 N  N   . TYR A 1 19 ? 3.401   -3.415  4.803   1.00 16.96 ? 31  TYR A N   1 
ATOM   115 C  CA  . TYR A 1 19 ? 4.494   -4.376  4.941   1.00 16.32 ? 31  TYR A CA  1 
ATOM   116 C  C   . TYR A 1 19 ? 5.824   -3.663  5.212   1.00 14.67 ? 31  TYR A C   1 
ATOM   117 O  O   . TYR A 1 19 ? 6.566   -4.070  6.086   1.00 14.36 ? 31  TYR A O   1 
ATOM   118 C  CB  . TYR A 1 19 ? 4.584   -5.277  3.710   1.00 16.83 ? 31  TYR A CB  1 
ATOM   119 C  CG  . TYR A 1 19 ? 5.040   -6.690  4.031   1.00 16.46 ? 31  TYR A CG  1 
ATOM   120 C  CD1 . TYR A 1 19 ? 4.118   -7.704  4.173   1.00 19.10 ? 31  TYR A CD1 1 
ATOM   121 C  CD2 . TYR A 1 19 ? 6.384   -7.001  4.201   1.00 18.28 ? 31  TYR A CD2 1 
ATOM   122 C  CE1 . TYR A 1 19 ? 4.501   -9.000  4.466   1.00 19.34 ? 31  TYR A CE1 1 
ATOM   123 C  CE2 . TYR A 1 19 ? 6.788   -8.319  4.517   1.00 16.77 ? 31  TYR A CE2 1 
ATOM   124 C  CZ  . TYR A 1 19 ? 5.828   -9.299  4.638   1.00 18.97 ? 31  TYR A CZ  1 
ATOM   125 O  OH  . TYR A 1 19 ? 6.136   -10.604 4.925   1.00 18.42 ? 31  TYR A OH  1 
ATOM   126 N  N   . LEU A 1 20 ? 6.100   -2.577  4.489   1.00 14.63 ? 32  LEU A N   1 
ATOM   127 C  CA  . LEU A 1 20 ? 7.325   -1.811  4.709   1.00 14.09 ? 32  LEU A CA  1 
ATOM   128 C  C   . LEU A 1 20 ? 7.408   -1.252  6.117   1.00 14.35 ? 32  LEU A C   1 
ATOM   129 O  O   . LEU A 1 20 ? 8.469   -1.306  6.761   1.00 13.36 ? 32  LEU A O   1 
ATOM   130 C  CB  . LEU A 1 20 ? 7.439   -0.673  3.684   1.00 14.43 ? 32  LEU A CB  1 
ATOM   131 C  CG  . LEU A 1 20 ? 7.851   -1.087  2.282   1.00 15.11 ? 32  LEU A CG  1 
ATOM   132 C  CD1 . LEU A 1 20 ? 7.954   0.160   1.399   1.00 16.01 ? 32  LEU A CD1 1 
ATOM   133 C  CD2 . LEU A 1 20 ? 9.199   -1.874  2.320   1.00 14.10 ? 32  LEU A CD2 1 
ATOM   134 N  N   . LYS A 1 21 ? 6.292   -0.718  6.602   1.00 14.44 ? 33  LYS A N   1 
ATOM   135 C  CA  . LYS A 1 21 ? 6.244   -0.128  7.924   1.00 16.22 ? 33  LYS A CA  1 
ATOM   136 C  C   . LYS A 1 21 ? 6.390   -1.161  9.038   1.00 17.01 ? 33  LYS A C   1 
ATOM   137 O  O   . LYS A 1 21 ? 7.089   -0.935  10.006  1.00 18.19 ? 33  LYS A O   1 
ATOM   138 C  CB  . LYS A 1 21 ? 4.931   0.632   8.107   1.00 17.06 ? 33  LYS A CB  1 
ATOM   139 C  CG  . LYS A 1 21 ? 4.890   1.933   7.362   1.00 19.93 ? 33  LYS A CG  1 
ATOM   140 C  CD  . LYS A 1 21 ? 3.457   2.486   7.272   1.00 25.03 ? 33  LYS A CD  1 
ATOM   141 C  CE  . LYS A 1 21 ? 2.855   2.803   8.598   1.00 29.34 ? 33  LYS A CE  1 
ATOM   142 N  NZ  . LYS A 1 21 ? 1.448   3.275   8.408   1.00 32.76 ? 33  LYS A NZ  1 
ATOM   143 N  N   . MET A 1 22 ? 5.715   -2.290  8.887   1.00 16.98 ? 34  MET A N   1 
ATOM   144 C  CA  . MET A 1 22 ? 5.641   -3.296  9.933   1.00 18.01 ? 34  MET A CA  1 
ATOM   145 C  C   . MET A 1 22 ? 6.893   -4.196  9.944   1.00 16.11 ? 34  MET A C   1 
ATOM   146 O  O   . MET A 1 22 ? 7.387   -4.557  11.008  1.00 15.84 ? 34  MET A O   1 
ATOM   147 C  CB  . MET A 1 22 ? 4.377   -4.163  9.746   1.00 19.11 ? 34  MET A CB  1 
ATOM   148 C  CG  . MET A 1 22 ? 3.066   -3.430  10.028  1.00 24.75 ? 34  MET A CG  1 
ATOM   149 S  SD  . MET A 1 22 ? 2.648   -3.310  11.798  1.00 34.11 ? 34  MET A SD  1 
ATOM   150 C  CE  . MET A 1 22 ? 3.042   -4.914  12.335  1.00 28.42 ? 34  MET A CE  1 
ATOM   151 N  N   . ARG A 1 23 ? 7.389   -4.560  8.769   1.00 14.97 ? 35  ARG A N   1 
ATOM   152 C  CA  . ARG A 1 23 ? 8.389   -5.631  8.669   1.00 15.04 ? 35  ARG A CA  1 
ATOM   153 C  C   . ARG A 1 23 ? 9.719   -5.205  8.068   1.00 13.87 ? 35  ARG A C   1 
ATOM   154 O  O   . ARG A 1 23 ? 10.665  -6.004  8.051   1.00 13.97 ? 35  ARG A O   1 
ATOM   155 C  CB  . ARG A 1 23 ? 7.781   -6.776  7.871   1.00 15.74 ? 35  ARG A CB  1 
ATOM   156 C  CG  . ARG A 1 23 ? 6.677   -7.401  8.713   1.00 19.04 ? 35  ARG A CG  1 
ATOM   157 C  CD  . ARG A 1 23 ? 5.869   -8.322  8.010   1.00 24.03 ? 35  ARG A CD  1 
ATOM   158 N  NE  . ARG A 1 23 ? 4.884   -8.904  8.936   1.00 24.16 ? 35  ARG A NE  1 
ATOM   159 C  CZ  . ARG A 1 23 ? 4.966   -10.102 9.495   1.00 22.58 ? 35  ARG A CZ  1 
ATOM   160 N  NH1 . ARG A 1 23 ? 3.968   -10.515 10.253  1.00 26.24 ? 35  ARG A NH1 1 
ATOM   161 N  NH2 . ARG A 1 23 ? 6.015   -10.881 9.306   1.00 23.47 ? 35  ARG A NH2 1 
ATOM   162 N  N   . CYS A 1 24 ? 9.780   -3.962  7.586   1.00 13.69 ? 36  CYS A N   1 
ATOM   163 C  CA  . CYS A 1 24 ? 10.963  -3.424  6.901   1.00 13.26 ? 36  CYS A CA  1 
ATOM   164 C  C   . CYS A 1 24 ? 11.395  -2.068  7.460   1.00 13.40 ? 36  CYS A C   1 
ATOM   165 O  O   . CYS A 1 24 ? 12.048  -1.288  6.769   1.00 13.41 ? 36  CYS A O   1 
ATOM   166 C  CB  . CYS A 1 24 ? 10.717  -3.320  5.398   1.00 13.79 ? 36  CYS A CB  1 
ATOM   167 S  SG  . CYS A 1 24 ? 10.036  -4.818  4.658   1.00 14.02 ? 36  CYS A SG  1 
ATOM   168 N  N   . ASN A 1 25 ? 11.012  -1.781  8.701   1.00 12.00 ? 37  ASN A N   1 
ATOM   169 C  CA  . ASN A 1 25 ? 11.558  -0.668  9.439   1.00 12.52 ? 37  ASN A CA  1 
ATOM   170 C  C   . ASN A 1 25 ? 11.374  0.718   8.827   1.00 13.06 ? 37  ASN A C   1 
ATOM   171 O  O   . ASN A 1 25 ? 12.118  1.626   9.154   1.00 14.48 ? 37  ASN A O   1 
ATOM   172 C  CB  . ASN A 1 25 ? 13.030  -0.944  9.753   1.00 13.18 ? 37  ASN A CB  1 
ATOM   173 C  CG  . ASN A 1 25 ? 13.199  -2.050  10.759  1.00 13.11 ? 37  ASN A CG  1 
ATOM   174 O  OD1 . ASN A 1 25 ? 12.548  -2.036  11.805  1.00 12.68 ? 37  ASN A OD1 1 
ATOM   175 N  ND2 . ASN A 1 25 ? 14.040  -3.024  10.447  1.00 13.26 ? 37  ASN A ND2 1 
ATOM   176 N  N   . ARG A 1 26 ? 10.329  0.906   8.010   1.00 13.17 ? 38  ARG A N   1 
ATOM   177 C  CA  . ARG A 1 26 ? 10.118  2.203   7.343   1.00 14.20 ? 38  ARG A CA  1 
ATOM   178 C  C   . ARG A 1 26 ? 9.331   3.138   8.251   1.00 15.23 ? 38  ARG A C   1 
ATOM   179 O  O   . ARG A 1 26 ? 8.151   3.423   8.039   1.00 16.92 ? 38  ARG A O   1 
ATOM   180 C  CB  . ARG A 1 26 ? 9.466   2.055   5.974   1.00 14.19 ? 38  ARG A CB  1 
ATOM   181 C  CG  . ARG A 1 26 ? 10.367  1.410   4.959   1.00 13.88 ? 38  ARG A CG  1 
ATOM   182 C  CD  . ARG A 1 26 ? 11.584  2.277   4.566   1.00 14.55 ? 38  ARG A CD  1 
ATOM   183 N  NE  . ARG A 1 26 ? 11.251  3.617   4.096   1.00 17.06 ? 38  ARG A NE  1 
ATOM   184 C  CZ  . ARG A 1 26 ? 11.159  4.011   2.823   1.00 17.57 ? 38  ARG A CZ  1 
ATOM   185 N  NH1 . ARG A 1 26 ? 11.340  3.163   1.815   1.00 16.44 ? 38  ARG A NH1 1 
ATOM   186 N  NH2 . ARG A 1 26 ? 10.929  5.294   2.561   1.00 17.62 ? 38  ARG A NH2 1 
ATOM   187 N  N   . SER A 1 27 ? 10.058  3.624   9.251   1.00 15.63 ? 39  SER A N   1 
ATOM   188 C  CA  . SER A 1 27 ? 9.573   4.565   10.236  1.00 17.51 ? 39  SER A CA  1 
ATOM   189 C  C   . SER A 1 27 ? 9.184   5.941   9.672   1.00 18.95 ? 39  SER A C   1 
ATOM   190 O  O   . SER A 1 27 ? 8.525   6.724   10.356  1.00 20.23 ? 39  SER A O   1 
ATOM   191 C  CB  . SER A 1 27 ? 10.693  4.776   11.229  1.00 18.83 ? 39  SER A CB  1 
ATOM   192 O  OG  . SER A 1 27 ? 11.896  5.136   10.556  1.00 16.92 ? 39  SER A OG  1 
ATOM   193 N  N   . ASP A 1 28 ? 9.656   6.239   8.465   1.00 18.30 ? 40  ASP A N   1 
ATOM   194 C  CA  . ASP A 1 28 ? 9.445   7.533   7.840   1.00 21.01 ? 40  ASP A CA  1 
ATOM   195 C  C   . ASP A 1 28 ? 8.104   7.627   7.159   1.00 22.02 ? 40  ASP A C   1 
ATOM   196 O  O   . ASP A 1 28 ? 7.644   8.731   6.841   1.00 23.51 ? 40  ASP A O   1 
ATOM   197 C  CB  . ASP A 1 28 ? 10.554  7.829   6.818   1.00 21.19 ? 40  ASP A CB  1 
ATOM   198 C  CG  . ASP A 1 28 ? 10.738  6.712   5.798   1.00 21.57 ? 40  ASP A CG  1 
ATOM   199 O  OD1 . ASP A 1 28 ? 10.768  5.503   6.175   1.00 20.86 ? 40  ASP A OD1 1 
ATOM   200 O  OD2 . ASP A 1 28 ? 10.883  7.053   4.601   1.00 24.34 ? 40  ASP A OD2 1 
ATOM   201 N  N   . LEU A 1 29 ? 7.469   6.491   6.911   1.00 21.83 ? 41  LEU A N   1 
ATOM   202 C  CA  . LEU A 1 29 ? 6.205   6.491   6.168   1.00 22.69 ? 41  LEU A CA  1 
ATOM   203 C  C   . LEU A 1 29 ? 5.023   6.922   7.039   1.00 24.81 ? 41  LEU A C   1 
ATOM   204 O  O   . LEU A 1 29 ? 5.009   6.654   8.239   1.00 24.19 ? 41  LEU A O   1 
ATOM   205 C  CB  . LEU A 1 29 ? 5.975   5.112   5.532   1.00 21.57 ? 41  LEU A CB  1 
ATOM   206 C  CG  . LEU A 1 29 ? 7.067   4.746   4.542   1.00 21.45 ? 41  LEU A CG  1 
ATOM   207 C  CD1 . LEU A 1 29 ? 6.833   3.352   3.941   1.00 21.67 ? 41  LEU A CD1 1 
ATOM   208 C  CD2 . LEU A 1 29 ? 7.211   5.840   3.442   1.00 22.11 ? 41  LEU A CD2 1 
ATOM   209 N  N   . PRO A 1 30 ? 4.030   7.631   6.448   1.00 26.60 ? 42  PRO A N   1 
ATOM   210 C  CA  . PRO A 1 30 ? 2.901   8.095   7.254   1.00 28.47 ? 42  PRO A CA  1 
ATOM   211 C  C   . PRO A 1 30 ? 2.041   6.962   7.797   1.00 28.29 ? 42  PRO A C   1 
ATOM   212 O  O   . PRO A 1 30 ? 2.208   5.815   7.404   1.00 26.96 ? 42  PRO A O   1 
ATOM   213 C  CB  . PRO A 1 30 ? 2.069   8.954   6.281   1.00 30.28 ? 42  PRO A CB  1 
ATOM   214 C  CG  . PRO A 1 30 ? 2.815   8.996   5.009   1.00 29.19 ? 42  PRO A CG  1 
ATOM   215 C  CD  . PRO A 1 30 ? 3.927   8.035   5.037   1.00 27.81 ? 42  PRO A CD  1 
ATOM   216 N  N   . ASP A 1 31 ? 1.109   7.305   8.676   1.00 29.27 ? 43  ASP A N   1 
ATOM   217 C  CA  . ASP A 1 31 ? 0.242   6.310   9.300   1.00 30.15 ? 43  ASP A CA  1 
ATOM   218 C  C   . ASP A 1 31 ? -0.821  5.796   8.316   1.00 31.13 ? 43  ASP A C   1 
ATOM   219 O  O   . ASP A 1 31 ? -0.973  6.339   7.213   1.00 29.85 ? 43  ASP A O   1 
ATOM   220 C  CB  . ASP A 1 31 ? -0.396  6.844   10.600  1.00 31.88 ? 43  ASP A CB  1 
ATOM   221 C  CG  . ASP A 1 31 ? -1.200  8.133   10.403  1.00 34.39 ? 43  ASP A CG  1 
ATOM   222 O  OD1 . ASP A 1 31 ? -1.900  8.284   9.374   1.00 36.70 ? 43  ASP A OD1 1 
ATOM   223 O  OD2 . ASP A 1 31 ? -1.162  8.996   11.311  1.00 34.80 ? 43  ASP A OD2 1 
ATOM   224 N  N   . GLU A 1 32 ? -1.531  4.741   8.723   1.00 32.13 ? 44  GLU A N   1 
ATOM   225 C  CA  . GLU A 1 32 ? -2.514  4.079   7.852   1.00 33.48 ? 44  GLU A CA  1 
ATOM   226 C  C   . GLU A 1 32 ? -3.593  5.045   7.379   1.00 33.91 ? 44  GLU A C   1 
ATOM   227 O  O   . GLU A 1 32 ? -3.987  5.011   6.208   1.00 34.07 ? 44  GLU A O   1 
ATOM   228 C  CB  . GLU A 1 32 ? -3.175  2.885   8.562   1.00 34.98 ? 44  GLU A CB  1 
ATOM   229 C  CG  . GLU A 1 32 ? -4.183  2.138   7.661   1.00 39.31 ? 44  GLU A CG  1 
ATOM   230 C  CD  . GLU A 1 32 ? -5.118  1.191   8.416   1.00 44.53 ? 44  GLU A CD  1 
ATOM   231 O  OE1 . GLU A 1 32 ? -5.189  -0.002  8.038   1.00 45.46 ? 44  GLU A OE1 1 
ATOM   232 O  OE2 . GLU A 1 32 ? -5.794  1.642   9.367   1.00 49.67 ? 44  GLU A OE2 1 
ATOM   233 N  N   . GLN A 1 33 ? -4.088  5.893   8.280   1.00 34.58 ? 45  GLN A N   1 
ATOM   234 C  CA  . GLN A 1 33 ? -5.093  6.880   7.913   1.00 36.13 ? 45  GLN A CA  1 
ATOM   235 C  C   . GLN A 1 33 ? -4.562  7.815   6.836   1.00 34.99 ? 45  GLN A C   1 
ATOM   236 O  O   . GLN A 1 33 ? -5.260  8.117   5.869   1.00 34.34 ? 45  GLN A O   1 
ATOM   237 C  CB  . GLN A 1 33 ? -5.528  7.712   9.120   1.00 38.12 ? 45  GLN A CB  1 
ATOM   238 C  CG  . GLN A 1 33 ? -6.673  8.667   8.814   1.00 43.49 ? 45  GLN A CG  1 
ATOM   239 C  CD  . GLN A 1 33 ? -7.004  9.616   9.966   1.00 48.64 ? 45  GLN A CD  1 
ATOM   240 O  OE1 . GLN A 1 33 ? -6.298  9.658   10.982  1.00 51.59 ? 45  GLN A OE1 1 
ATOM   241 N  NE2 . GLN A 1 33 ? -8.077  10.389  9.805   1.00 50.48 ? 45  GLN A NE2 1 
ATOM   242 N  N   . SER A 1 34 ? -3.337  8.297   7.020   1.00 32.65 ? 46  SER A N   1 
ATOM   243 C  CA  . SER A 1 34 ? -2.723  9.173   6.023   1.00 33.14 ? 46  SER A CA  1 
ATOM   244 C  C   . SER A 1 34 ? -2.557  8.469   4.677   1.00 31.77 ? 46  SER A C   1 
ATOM   245 O  O   . SER A 1 34 ? -2.862  9.039   3.629   1.00 32.38 ? 46  SER A O   1 
ATOM   246 C  CB  . SER A 1 34 ? -1.377  9.688   6.517   1.00 32.46 ? 46  SER A CB  1 
ATOM   247 O  OG  . SER A 1 34 ? -1.591  10.602  7.579   1.00 36.00 ? 46  SER A OG  1 
ATOM   248 N  N   . ILE A 1 35 ? -2.101  7.224   4.722   1.00 29.23 ? 47  ILE A N   1 
ATOM   249 C  CA  . ILE A 1 35 ? -1.889  6.421   3.506   1.00 29.70 ? 47  ILE A CA  1 
ATOM   250 C  C   . ILE A 1 35 ? -3.208  6.226   2.762   1.00 31.00 ? 47  ILE A C   1 
ATOM   251 O  O   . ILE A 1 35 ? -3.290  6.405   1.540   1.00 32.03 ? 47  ILE A O   1 
ATOM   252 C  CB  . ILE A 1 35 ? -1.259  5.036   3.852   1.00 27.75 ? 47  ILE A CB  1 
ATOM   253 C  CG1 . ILE A 1 35 ? 0.163   5.234   4.407   1.00 26.65 ? 47  ILE A CG1 1 
ATOM   254 C  CG2 . ILE A 1 35 ? -1.253  4.111   2.627   1.00 28.64 ? 47  ILE A CG2 1 
ATOM   255 C  CD1 . ILE A 1 35 ? 0.733   4.011   5.154   1.00 25.87 ? 47  ILE A CD1 1 
ATOM   256 N  N   . LEU A 1 36 ? -4.252  5.898   3.506   1.00 32.23 ? 48  LEU A N   1 
ATOM   257 C  CA  . LEU A 1 36 ? -5.584  5.727   2.903   1.00 34.59 ? 48  LEU A CA  1 
ATOM   258 C  C   . LEU A 1 36 ? -6.129  7.029   2.310   1.00 37.62 ? 48  LEU A C   1 
ATOM   259 O  O   . LEU A 1 36 ? -6.733  7.012   1.226   1.00 38.62 ? 48  LEU A O   1 
ATOM   260 C  CB  . LEU A 1 36 ? -6.552  5.106   3.918   1.00 35.11 ? 48  LEU A CB  1 
ATOM   261 C  CG  . LEU A 1 36 ? -6.296  3.623   4.199   1.00 33.01 ? 48  LEU A CG  1 
ATOM   262 C  CD1 . LEU A 1 36 ? -7.097  3.142   5.396   1.00 36.78 ? 48  LEU A CD1 1 
ATOM   263 C  CD2 . LEU A 1 36 ? -6.646  2.793   2.956   1.00 34.63 ? 48  LEU A CD2 1 
ATOM   264 N  N   . ASN A 1 37 ? -5.909  8.152   3.002   1.00 39.29 ? 49  ASN A N   1 
ATOM   265 C  CA  . ASN A 1 37 ? -6.313  9.477   2.500   1.00 42.65 ? 49  ASN A CA  1 
ATOM   266 C  C   . ASN A 1 37 ? -5.641  9.782   1.173   1.00 43.26 ? 49  ASN A C   1 
ATOM   267 O  O   . ASN A 1 37 ? -6.268  10.310  0.261   1.00 45.67 ? 49  ASN A O   1 
ATOM   268 C  CB  . ASN A 1 37 ? -5.934  10.605  3.472   1.00 43.28 ? 49  ASN A CB  1 
ATOM   269 C  CG  . ASN A 1 37 ? -6.765  10.608  4.753   1.00 46.91 ? 49  ASN A CG  1 
ATOM   270 O  OD1 . ASN A 1 37 ? -7.800  9.944   4.846   1.00 50.23 ? 49  ASN A OD1 1 
ATOM   271 N  ND2 . ASN A 1 37 ? -6.298  11.358  5.760   1.00 49.69 ? 49  ASN A ND2 1 
ATOM   272 N  N   . VAL A 1 38 ? -4.352  9.472   1.096   1.00 42.08 ? 50  VAL A N   1 
ATOM   273 C  CA  . VAL A 1 38 ? -3.563  9.709   -0.101  1.00 43.06 ? 50  VAL A CA  1 
ATOM   274 C  C   . VAL A 1 38 ? -3.998  8.774   -1.235  1.00 43.99 ? 50  VAL A C   1 
ATOM   275 O  O   . VAL A 1 38 ? -4.103  9.201   -2.386  1.00 46.38 ? 50  VAL A O   1 
ATOM   276 C  CB  . VAL A 1 38 ? -2.061  9.562   0.194   1.00 40.98 ? 50  VAL A CB  1 
ATOM   277 C  CG1 . VAL A 1 38 ? -1.244  9.600   -1.098  1.00 42.25 ? 50  VAL A CG1 1 
ATOM   278 C  CG2 . VAL A 1 38 ? -1.605  10.660  1.154   1.00 41.73 ? 50  VAL A CG2 1 
ATOM   279 N  N   . ALA A 1 39 ? -4.282  7.518   -0.909  1.00 43.26 ? 51  ALA A N   1 
ATOM   280 C  CA  . ALA A 1 39 ? -4.848  6.578   -1.885  1.00 44.62 ? 51  ALA A CA  1 
ATOM   281 C  C   . ALA A 1 39 ? -6.204  7.056   -2.411  1.00 48.05 ? 51  ALA A C   1 
ATOM   282 O  O   . ALA A 1 39 ? -6.495  6.913   -3.597  1.00 49.94 ? 51  ALA A O   1 
ATOM   283 C  CB  . ALA A 1 39 ? -4.976  5.182   -1.276  1.00 42.87 ? 51  ALA A CB  1 
ATOM   284 N  N   . ASN A 1 40 ? -7.029  7.620   -1.526  1.00 49.78 ? 52  ASN A N   1 
ATOM   285 C  CA  . ASN A 1 40 ? -8.331  8.178   -1.901  1.00 53.27 ? 52  ASN A CA  1 
ATOM   286 C  C   . ASN A 1 40 ? -8.163  9.413   -2.784  1.00 56.15 ? 52  ASN A C   1 
ATOM   287 O  O   . ASN A 1 40 ? -8.870  9.571   -3.788  1.00 58.42 ? 52  ASN A O   1 
ATOM   288 C  CB  . ASN A 1 40 ? -9.153  8.525   -0.648  1.00 53.86 ? 52  ASN A CB  1 
ATOM   289 C  CG  . ASN A 1 40 ? -10.601 8.926   -0.966  1.00 56.58 ? 52  ASN A CG  1 
ATOM   290 O  OD1 . ASN A 1 40 ? -11.243 8.367   -1.855  1.00 58.66 ? 52  ASN A OD1 1 
ATOM   291 N  ND2 . ASN A 1 40 ? -11.114 9.896   -0.224  1.00 57.13 ? 52  ASN A ND2 1 
ATOM   292 N  N   . ARG A 1 41 ? -7.231  10.285  -2.408  1.00 56.23 ? 53  ARG A N   1 
ATOM   293 C  CA  . ARG A 1 41 ? -6.865  11.427  -3.235  1.00 59.06 ? 53  ARG A CA  1 
ATOM   294 C  C   . ARG A 1 41 ? -6.439  10.957  -4.635  1.00 59.84 ? 53  ARG A C   1 
ATOM   295 O  O   . ARG A 1 41 ? -7.005  11.387  -5.646  1.00 62.32 ? 53  ARG A O   1 
ATOM   296 C  CB  . ARG A 1 41 ? -5.743  12.229  -2.566  1.00 58.12 ? 53  ARG A CB  1 
ATOM   297 C  CG  . ARG A 1 41 ? -5.321  13.472  -3.345  1.00 62.55 ? 53  ARG A CG  1 
ATOM   298 C  CD  . ARG A 1 41 ? -4.231  14.286  -2.636  1.00 64.42 ? 53  ARG A CD  1 
ATOM   299 N  NE  . ARG A 1 41 ? -2.983  13.545  -2.420  1.00 64.02 ? 53  ARG A NE  1 
ATOM   300 C  CZ  . ARG A 1 41 ? -2.091  13.234  -3.364  1.00 65.43 ? 53  ARG A CZ  1 
ATOM   301 N  NH1 . ARG A 1 41 ? -2.291  13.566  -4.640  1.00 68.32 ? 53  ARG A NH1 1 
ATOM   302 N  NH2 . ARG A 1 41 ? -0.987  12.568  -3.031  1.00 63.58 ? 53  ARG A NH2 1 
ATOM   303 N  N   . ILE A 1 42 ? -5.450  10.066  -4.679  1.00 58.20 ? 54  ILE A N   1 
ATOM   304 C  CA  . ILE A 1 42 ? -4.930  9.512   -5.940  1.00 59.09 ? 54  ILE A CA  1 
ATOM   305 C  C   . ILE A 1 42 ? -6.045  8.948   -6.831  1.00 61.78 ? 54  ILE A C   1 
ATOM   306 O  O   . ILE A 1 42 ? -6.145  9.324   -7.997  1.00 64.38 ? 54  ILE A O   1 
ATOM   307 C  CB  . ILE A 1 42 ? -3.869  8.418   -5.688  1.00 56.26 ? 54  ILE A CB  1 
ATOM   308 C  CG1 . ILE A 1 42 ? -2.558  9.039   -5.188  1.00 54.68 ? 54  ILE A CG1 1 
ATOM   309 C  CG2 . ILE A 1 42 ? -3.594  7.628   -6.962  1.00 57.44 ? 54  ILE A CG2 1 
ATOM   310 C  CD1 . ILE A 1 42 ? -1.550  8.024   -4.751  1.00 52.12 ? 54  ILE A CD1 1 
ATOM   311 N  N   . ALA A 1 43 ? -6.876  8.063   -6.272  1.00 61.56 ? 55  ALA A N   1 
ATOM   312 C  CA  . ALA A 1 43 ? -8.035  7.483   -6.986  1.00 64.25 ? 55  ALA A CA  1 
ATOM   313 C  C   . ALA A 1 43 ? -8.946  8.547   -7.598  1.00 67.74 ? 55  ALA A C   1 
ATOM   314 O  O   . ALA A 1 43 ? -9.340  8.433   -8.761  1.00 70.45 ? 55  ALA A O   1 
ATOM   315 C  CB  . ALA A 1 43 ? -8.854  6.586   -6.050  1.00 63.40 ? 55  ALA A CB  1 
ATOM   316 N  N   . ILE A 1 44 ? -9.279  9.568   -6.809  1.00 68.26 ? 56  ILE A N   1 
ATOM   317 C  CA  . ILE A 1 44 ? -10.154 10.658  -7.262  1.00 72.02 ? 56  ILE A CA  1 
ATOM   318 C  C   . ILE A 1 44 ? -9.511  11.473  -8.391  1.00 74.01 ? 56  ILE A C   1 
ATOM   319 O  O   . ILE A 1 44 ? -10.203 11.926  -9.301  1.00 77.50 ? 56  ILE A O   1 
ATOM   320 C  CB  . ILE A 1 44 ? -10.568 11.581  -6.088  1.00 71.97 ? 56  ILE A CB  1 
ATOM   321 C  CG1 . ILE A 1 44 ? -11.515 10.833  -5.149  1.00 71.58 ? 56  ILE A CG1 1 
ATOM   322 C  CG2 . ILE A 1 44 ? -11.260 12.863  -6.601  1.00 75.57 ? 56  ILE A CG2 1 
ATOM   323 C  CD1 . ILE A 1 44 ? -12.051 11.679  -4.020  1.00 72.79 ? 56  ILE A CD1 1 
ATOM   324 N  N   . GLY A 1 45 ? -8.192  11.652  -8.329  1.00 72.37 ? 57  GLY A N   1 
ATOM   325 C  CA  . GLY A 1 45 ? -7.439  12.258  -9.426  1.00 74.17 ? 57  GLY A CA  1 
ATOM   326 C  C   . GLY A 1 45 ? -7.460  11.409  -10.688 1.00 75.76 ? 57  GLY A C   1 
ATOM   327 O  O   . GLY A 1 45 ? -7.654  11.928  -11.786 1.00 79.18 ? 57  GLY A O   1 
ATOM   328 N  N   . LYS A 1 46 ? -7.276  10.098  -10.534 1.00 73.77 ? 58  LYS A N   1 
ATOM   329 C  CA  . LYS A 1 46 ? -7.360  9.163   -11.667 1.00 75.54 ? 58  LYS A CA  1 
ATOM   330 C  C   . LYS A 1 46 ? -8.789  8.989   -12.211 1.00 78.87 ? 58  LYS A C   1 
ATOM   331 O  O   . LYS A 1 46 ? -9.000  8.248   -13.173 1.00 80.80 ? 58  LYS A O   1 
ATOM   332 C  CB  . LYS A 1 46 ? -6.785  7.787   -11.288 1.00 72.57 ? 58  LYS A CB  1 
ATOM   333 C  CG  . LYS A 1 46 ? -5.329  7.576   -11.689 1.00 71.76 ? 58  LYS A CG  1 
ATOM   334 C  CD  . LYS A 1 46 ? -4.373  8.386   -10.824 1.00 70.72 ? 58  LYS A CD  1 
ATOM   335 C  CE  . LYS A 1 46 ? -3.001  7.736   -10.745 1.00 68.74 ? 58  LYS A CE  1 
ATOM   336 N  NZ  . LYS A 1 46 ? -3.029  6.470   -9.949  1.00 66.80 ? 58  LYS A NZ  1 
ATOM   337 N  N   . GLY A 1 47 ? -9.762  9.662   -11.596 1.00 79.88 ? 59  GLY A N   1 
ATOM   338 C  CA  . GLY A 1 47 ? -11.159 9.584   -12.020 1.00 83.17 ? 59  GLY A CA  1 
ATOM   339 C  C   . GLY A 1 47 ? -11.904 8.378   -11.472 1.00 82.20 ? 59  GLY A C   1 
ATOM   340 O  O   . GLY A 1 47 ? -13.016 8.097   -11.911 1.00 85.01 ? 59  GLY A O   1 
ATOM   341 N  N   . TRP A 1 48 ? -11.299 7.671   -10.513 1.00 78.45 ? 60  TRP A N   1 
ATOM   342 C  CA  . TRP A 1 48 ? -11.915 6.491   -9.900  1.00 77.53 ? 60  TRP A CA  1 
ATOM   343 C  C   . TRP A 1 48 ? -12.847 6.924   -8.764  1.00 77.72 ? 60  TRP A C   1 
ATOM   344 O  O   . TRP A 1 48 ? -12.393 7.291   -7.680  1.00 75.69 ? 60  TRP A O   1 
ATOM   345 C  CB  . TRP A 1 48 ? -10.846 5.517   -9.374  1.00 73.66 ? 60  TRP A CB  1 
ATOM   346 C  CG  . TRP A 1 48 ? -9.844  5.067   -10.411 1.00 73.33 ? 60  TRP A CG  1 
ATOM   347 C  CD1 . TRP A 1 48 ? -10.006 5.078   -11.772 1.00 76.52 ? 60  TRP A CD1 1 
ATOM   348 C  CD2 . TRP A 1 48 ? -8.543  4.508   -10.170 1.00 69.89 ? 60  TRP A CD2 1 
ATOM   349 N  NE1 . TRP A 1 48 ? -8.881  4.578   -12.388 1.00 75.16 ? 60  TRP A NE1 1 
ATOM   350 C  CE2 . TRP A 1 48 ? -7.969  4.223   -11.430 1.00 71.51 ? 60  TRP A CE2 1 
ATOM   351 C  CE3 . TRP A 1 48 ? -7.804  4.227   -9.016  1.00 66.27 ? 60  TRP A CE3 1 
ATOM   352 C  CZ2 . TRP A 1 48 ? -6.692  3.664   -11.564 1.00 69.45 ? 60  TRP A CZ2 1 
ATOM   353 C  CZ3 . TRP A 1 48 ? -6.536  3.674   -9.155  1.00 63.89 ? 60  TRP A CZ3 1 
ATOM   354 C  CH2 . TRP A 1 48 ? -5.994  3.401   -10.419 1.00 65.69 ? 60  TRP A CH2 1 
ATOM   355 N  N   . GLN A 1 49 ? -14.148 6.864   -9.020  1.00 80.79 ? 61  GLN A N   1 
ATOM   356 C  CA  . GLN A 1 49 ? -15.156 7.397   -8.103  1.00 81.75 ? 61  GLN A CA  1 
ATOM   357 C  C   . GLN A 1 49 ? -15.698 6.332   -7.152  1.00 80.15 ? 61  GLN A C   1 
ATOM   358 O  O   . GLN A 1 49 ? -16.077 6.641   -6.017  1.00 79.79 ? 61  GLN A O   1 
ATOM   359 C  CB  . GLN A 1 49 ? -16.295 8.040   -8.904  1.00 86.46 ? 61  GLN A CB  1 
ATOM   360 C  CG  . GLN A 1 49 ? -15.794 9.083   -9.914  1.00 89.04 ? 61  GLN A CG  1 
ATOM   361 C  CD  . GLN A 1 49 ? -16.891 9.963   -10.502 1.00 94.55 ? 61  GLN A CD  1 
ATOM   362 O  OE1 . GLN A 1 49 ? -17.977 9.489   -10.855 1.00 98.44 ? 61  GLN A OE1 1 
ATOM   363 N  NE2 . GLN A 1 49 ? -16.601 11.257  -10.623 1.00 96.37 ? 61  GLN A NE2 1 
ATOM   364 N  N   . SER A 1 50 ? -15.708 5.082   -7.607  1.00 79.32 ? 62  SER A N   1 
ATOM   365 C  CA  . SER A 1 50 ? -16.263 3.968   -6.829  1.00 78.07 ? 62  SER A CA  1 
ATOM   366 C  C   . SER A 1 50 ? -15.433 3.602   -5.597  1.00 72.87 ? 62  SER A C   1 
ATOM   367 O  O   . SER A 1 50 ? -15.984 3.165   -4.590  1.00 72.59 ? 62  SER A O   1 
ATOM   368 C  CB  . SER A 1 50 ? -16.412 2.718   -7.712  1.00 79.59 ? 62  SER A CB  1 
ATOM   369 O  OG  . SER A 1 50 ? -15.168 2.037   -7.859  1.00 77.15 ? 62  SER A OG  1 
ATOM   370 N  N   . LEU A 1 51 ? -14.115 3.758   -5.687  1.00 68.68 ? 63  LEU A N   1 
ATOM   371 C  CA  . LEU A 1 51 ? -13.213 3.310   -4.625  1.00 63.98 ? 63  LEU A CA  1 
ATOM   372 C  C   . LEU A 1 51 ? -13.385 4.106   -3.340  1.00 61.84 ? 63  LEU A C   1 
ATOM   373 O  O   . LEU A 1 51 ? -13.270 5.330   -3.347  1.00 62.50 ? 63  LEU A O   1 
ATOM   374 C  CB  . LEU A 1 51 ? -11.750 3.432   -5.065  1.00 61.67 ? 63  LEU A CB  1 
ATOM   375 C  CG  . LEU A 1 51 ? -11.217 2.447   -6.100  1.00 61.99 ? 63  LEU A CG  1 
ATOM   376 C  CD1 . LEU A 1 51 ? -9.714  2.652   -6.237  1.00 58.16 ? 63  LEU A CD1 1 
ATOM   377 C  CD2 . LEU A 1 51 ? -11.523 1.017   -5.690  1.00 62.35 ? 63  LEU A CD2 1 
ATOM   378 N  N   . THR A 1 52 ? -13.644 3.401   -2.242  1.00 59.08 ? 64  THR A N   1 
ATOM   379 C  CA  . THR A 1 52 ? -13.712 4.008   -0.920  1.00 56.81 ? 64  THR A CA  1 
ATOM   380 C  C   . THR A 1 52 ? -12.476 3.604   -0.122  1.00 52.82 ? 64  THR A C   1 
ATOM   381 O  O   . THR A 1 52 ? -11.814 2.615   -0.456  1.00 50.23 ? 64  THR A O   1 
ATOM   382 C  CB  . THR A 1 52 ? -14.973 3.550   -0.169  1.00 58.92 ? 64  THR A CB  1 
ATOM   383 O  OG1 . THR A 1 52 ? -14.957 2.127   -0.022  1.00 57.37 ? 64  THR A OG1 1 
ATOM   384 C  CG2 . THR A 1 52 ? -16.224 3.950   -0.928  1.00 61.44 ? 64  THR A CG2 1 
ATOM   385 N  N   . GLN A 1 53 ? -12.160 4.366   0.925   1.00 50.82 ? 65  GLN A N   1 
ATOM   386 C  CA  . GLN A 1 53 ? -11.071 3.982   1.822   1.00 47.69 ? 65  GLN A CA  1 
ATOM   387 C  C   . GLN A 1 53 ? -11.372 2.671   2.556   1.00 46.53 ? 65  GLN A C   1 
ATOM   388 O  O   . GLN A 1 53 ? -10.461 1.902   2.798   1.00 44.22 ? 65  GLN A O   1 
ATOM   389 C  CB  . GLN A 1 53 ? -10.731 5.098   2.823   1.00 47.38 ? 65  GLN A CB  1 
ATOM   390 C  CG  . GLN A 1 53 ? -10.142 6.342   2.165   1.00 47.78 ? 65  GLN A CG  1 
ATOM   391 C  CD  . GLN A 1 53 ? -9.883  7.457   3.152   1.00 48.22 ? 65  GLN A CD  1 
ATOM   392 O  OE1 . GLN A 1 53 ? -9.210  7.251   4.152   1.00 47.08 ? 65  GLN A OE1 1 
ATOM   393 N  NE2 . GLN A 1 53 ? -10.422 8.642   2.880   1.00 50.95 ? 65  GLN A NE2 1 
ATOM   394 N  N   . GLU A 1 54 ? -12.627 2.402   2.909   1.00 47.84 ? 66  GLU A N   1 
ATOM   395 C  CA  . GLU A 1 54 ? -12.941 1.106   3.534   1.00 47.50 ? 66  GLU A CA  1 
ATOM   396 C  C   . GLU A 1 54 ? -12.730 -0.078  2.577   1.00 46.29 ? 66  GLU A C   1 
ATOM   397 O  O   . GLU A 1 54 ? -12.235 -1.112  3.004   1.00 44.82 ? 66  GLU A O   1 
ATOM   398 C  CB  . GLU A 1 54 ? -14.352 1.073   4.117   1.00 50.23 ? 66  GLU A CB  1 
ATOM   399 C  CG  . GLU A 1 54 ? -15.447 1.078   3.104   1.00 54.06 ? 66  GLU A CG  1 
ATOM   400 C  CD  . GLU A 1 54 ? -16.809 1.340   3.732   1.00 58.45 ? 66  GLU A CD  1 
ATOM   401 O  OE1 . GLU A 1 54 ? -17.177 0.588   4.668   1.00 59.86 ? 66  GLU A OE1 1 
ATOM   402 O  OE2 . GLU A 1 54 ? -17.498 2.299   3.291   1.00 59.81 ? 66  GLU A OE2 1 
ATOM   403 N  N   . ASP A 1 55 ? -13.111 0.074   1.306   1.00 47.03 ? 67  ASP A N   1 
ATOM   404 C  CA  . ASP A 1 55 ? -12.868 -0.964  0.287   1.00 46.68 ? 67  ASP A CA  1 
ATOM   405 C  C   . ASP A 1 55 ? -11.370 -1.236  0.166   1.00 42.94 ? 67  ASP A C   1 
ATOM   406 O  O   . ASP A 1 55 ? -10.925 -2.394  0.209   1.00 41.35 ? 67  ASP A O   1 
ATOM   407 C  CB  . ASP A 1 55 ? -13.413 -0.547  -1.097  1.00 48.83 ? 67  ASP A CB  1 
ATOM   408 C  CG  . ASP A 1 55 ? -14.933 -0.697  -1.224  1.00 54.23 ? 67  ASP A CG  1 
ATOM   409 O  OD1 . ASP A 1 55 ? -15.611 -1.008  -0.215  1.00 56.95 ? 67  ASP A OD1 1 
ATOM   410 O  OD2 . ASP A 1 55 ? -15.453 -0.486  -2.349  1.00 54.60 ? 67  ASP A OD2 1 
ATOM   411 N  N   . ILE A 1 56 ? -10.596 -0.160  0.021   1.00 41.05 ? 68  ILE A N   1 
ATOM   412 C  CA  . ILE A 1 56 ? -9.126  -0.264  -0.116  1.00 38.48 ? 68  ILE A CA  1 
ATOM   413 C  C   . ILE A 1 56 ? -8.517  -0.911  1.125   1.00 36.57 ? 68  ILE A C   1 
ATOM   414 O  O   . ILE A 1 56 ? -7.644  -1.783  1.011   1.00 34.86 ? 68  ILE A O   1 
ATOM   415 C  CB  . ILE A 1 56 ? -8.461  1.129   -0.369  1.00 37.49 ? 68  ILE A CB  1 
ATOM   416 C  CG1 . ILE A 1 56 ? -8.897  1.705   -1.729  1.00 40.35 ? 68  ILE A CG1 1 
ATOM   417 C  CG2 . ILE A 1 56 ? -6.924  1.030   -0.291  1.00 34.61 ? 68  ILE A CG2 1 
ATOM   418 C  CD1 . ILE A 1 56 ? -8.775  3.226   -1.843  1.00 40.36 ? 68  ILE A CD1 1 
ATOM   419 N  N   . ARG A 1 57 ? -8.978  -0.482  2.303   1.00 37.07 ? 69  ARG A N   1 
ATOM   420 C  CA  . ARG A 1 57 ? -8.475  -1.000  3.579   1.00 36.56 ? 69  ARG A CA  1 
ATOM   421 C  C   . ARG A 1 57 ? -8.771  -2.499  3.734   1.00 37.09 ? 69  ARG A C   1 
ATOM   422 O  O   . ARG A 1 57 ? -7.869  -3.271  4.076   1.00 35.13 ? 69  ARG A O   1 
ATOM   423 C  CB  . ARG A 1 57 ? -9.061  -0.212  4.761   1.00 37.94 ? 69  ARG A CB  1 
ATOM   424 C  CG  . ARG A 1 57 ? -8.440  -0.553  6.126   1.00 39.44 ? 69  ARG A CG  1 
ATOM   425 C  CD  . ARG A 1 57 ? -9.361  -0.175  7.293   1.00 45.69 ? 69  ARG A CD  1 
ATOM   426 N  NE  . ARG A 1 57 ? -10.577 -0.999  7.309   1.00 50.77 ? 69  ARG A NE  1 
ATOM   427 C  CZ  . ARG A 1 57 ? -11.835 -0.548  7.312   1.00 56.87 ? 69  ARG A CZ  1 
ATOM   428 N  NH1 . ARG A 1 57 ? -12.118 0.757   7.326   1.00 58.72 ? 69  ARG A NH1 1 
ATOM   429 N  NH2 . ARG A 1 57 ? -12.839 -1.423  7.317   1.00 60.28 ? 69  ARG A NH2 1 
ATOM   430 N  N   . LYS A 1 58 ? -10.010 -2.918  3.463   1.00 39.43 ? 70  LYS A N   1 
ATOM   431 C  CA  . LYS A 1 58 ? -10.409 -4.322  3.657   1.00 40.95 ? 70  LYS A CA  1 
ATOM   432 C  C   . LYS A 1 58 ? -9.635  -5.273  2.741   1.00 39.95 ? 70  LYS A C   1 
ATOM   433 O  O   . LYS A 1 58 ? -9.102  -6.304  3.191   1.00 39.49 ? 70  LYS A O   1 
ATOM   434 C  CB  . LYS A 1 58 ? -11.918 -4.491  3.454   1.00 44.51 ? 70  LYS A CB  1 
ATOM   435 C  CG  . LYS A 1 58 ? -12.744 -3.934  4.613   1.00 47.99 ? 70  LYS A CG  1 
ATOM   436 C  CD  . LYS A 1 58 ? -14.239 -3.943  4.321   1.00 53.67 ? 70  LYS A CD  1 
ATOM   437 C  CE  . LYS A 1 58 ? -15.001 -3.071  5.324   1.00 56.87 ? 70  LYS A CE  1 
ATOM   438 N  NZ  . LYS A 1 58 ? -16.495 -3.133  5.171   1.00 60.94 ? 70  LYS A NZ  1 
ATOM   439 N  N   . HIS A 1 59 ? -9.538  -4.912  1.464   1.00 39.73 ? 71  HIS A N   1 
ATOM   440 C  CA  . HIS A 1 59 ? -8.789  -5.720  0.505   1.00 39.33 ? 71  HIS A CA  1 
ATOM   441 C  C   . HIS A 1 59 ? -7.296  -5.732  0.850   1.00 35.72 ? 71  HIS A C   1 
ATOM   442 O  O   . HIS A 1 59 ? -6.639  -6.757  0.719   1.00 34.12 ? 71  HIS A O   1 
ATOM   443 C  CB  . HIS A 1 59 ? -8.981  -5.214  -0.930  1.00 41.03 ? 71  HIS A CB  1 
ATOM   444 C  CG  . HIS A 1 59 ? -8.630  -6.230  -1.982  1.00 45.00 ? 71  HIS A CG  1 
ATOM   445 N  ND1 . HIS A 1 59 ? -9.241  -7.465  -2.055  1.00 51.59 ? 71  HIS A ND1 1 
ATOM   446 C  CD2 . HIS A 1 59 ? -7.753  -6.187  -3.014  1.00 47.33 ? 71  HIS A CD2 1 
ATOM   447 C  CE1 . HIS A 1 59 ? -8.743  -8.146  -3.073  1.00 51.72 ? 71  HIS A CE1 1 
ATOM   448 N  NE2 . HIS A 1 59 ? -7.841  -7.393  -3.674  1.00 49.79 ? 71  HIS A NE2 1 
ATOM   449 N  N   . SER A 1 60 ? -6.775  -4.585  1.269   1.00 33.63 ? 72  SER A N   1 
ATOM   450 C  CA  . SER A 1 60 ? -5.370  -4.474  1.643   1.00 31.46 ? 72  SER A CA  1 
ATOM   451 C  C   . SER A 1 60 ? -5.044  -5.432  2.791   1.00 30.98 ? 72  SER A C   1 
ATOM   452 O  O   . SER A 1 60 ? -3.970  -6.058  2.794   1.00 28.87 ? 72  SER A O   1 
ATOM   453 C  CB  . SER A 1 60 ? -5.015  -3.032  2.019   1.00 30.17 ? 72  SER A CB  1 
ATOM   454 O  OG  . SER A 1 60 ? -3.656  -2.936  2.425   1.00 31.69 ? 72  SER A OG  1 
ATOM   455 N  N   . ASP A 1 61 ? -5.968  -5.550  3.747   1.00 32.43 ? 73  ASP A N   1 
ATOM   456 C  CA  . ASP A 1 61 ? -5.839  -6.493  4.873   1.00 33.15 ? 73  ASP A CA  1 
ATOM   457 C  C   . ASP A 1 61 ? -5.676  -7.926  4.380   1.00 33.65 ? 73  ASP A C   1 
ATOM   458 O  O   . ASP A 1 61 ? -4.839  -8.677  4.878   1.00 31.78 ? 73  ASP A O   1 
ATOM   459 C  CB  . ASP A 1 61 ? -7.062  -6.435  5.802   1.00 35.80 ? 73  ASP A CB  1 
ATOM   460 C  CG  . ASP A 1 61 ? -7.142  -5.140  6.616   1.00 37.23 ? 73  ASP A CG  1 
ATOM   461 O  OD1 . ASP A 1 61 ? -6.144  -4.385  6.678   1.00 37.31 ? 73  ASP A OD1 1 
ATOM   462 O  OD2 . ASP A 1 61 ? -8.218  -4.891  7.207   1.00 41.13 ? 73  ASP A OD2 1 
ATOM   463 N  N   . ASP A 1 62 ? -6.490  -8.300  3.397   1.00 35.55 ? 74  ASP A N   1 
ATOM   464 C  CA  . ASP A 1 62 ? -6.473  -9.657  2.857   1.00 36.86 ? 74  ASP A CA  1 
ATOM   465 C  C   . ASP A 1 62 ? -5.197  -9.939  2.072   1.00 35.01 ? 74  ASP A C   1 
ATOM   466 O  O   . ASP A 1 62 ? -4.618  -11.023 2.185   1.00 35.14 ? 74  ASP A O   1 
ATOM   467 C  CB  . ASP A 1 62 ? -7.683  -9.870  1.959   1.00 40.15 ? 74  ASP A CB  1 
ATOM   468 C  CG  . ASP A 1 62 ? -8.991  -9.911  2.732   1.00 43.92 ? 74  ASP A CG  1 
ATOM   469 O  OD1 . ASP A 1 62 ? -8.989  -10.196 3.955   1.00 47.11 ? 74  ASP A OD1 1 
ATOM   470 O  OD2 . ASP A 1 62 ? -10.031 -9.666  2.097   1.00 47.20 ? 74  ASP A OD2 1 
ATOM   471 N  N   . ILE A 1 63 ? -4.754  -8.956  1.288   1.00 33.09 ? 75  ILE A N   1 
ATOM   472 C  CA  . ILE A 1 63 ? -3.496  -9.051  0.564   1.00 30.84 ? 75  ILE A CA  1 
ATOM   473 C  C   . ILE A 1 63 ? -2.334  -9.157  1.540   1.00 28.92 ? 75  ILE A C   1 
ATOM   474 O  O   . ILE A 1 63 ? -1.415  -9.948  1.336   1.00 27.59 ? 75  ILE A O   1 
ATOM   475 C  CB  . ILE A 1 63 ? -3.272  -7.845  -0.372  1.00 30.11 ? 75  ILE A CB  1 
ATOM   476 C  CG1 . ILE A 1 63 ? -4.306  -7.854  -1.509  1.00 33.53 ? 75  ILE A CG1 1 
ATOM   477 C  CG2 . ILE A 1 63 ? -1.860  -7.878  -0.952  1.00 27.62 ? 75  ILE A CG2 1 
ATOM   478 C  CD1 . ILE A 1 63 ? -4.406  -6.552  -2.267  1.00 34.33 ? 75  ILE A CD1 1 
ATOM   479 N  N   . TYR A 1 64 ? -2.380  -8.375  2.614   1.00 27.69 ? 76  TYR A N   1 
ATOM   480 C  CA  . TYR A 1 64 ? -1.293  -8.385  3.575   1.00 25.88 ? 76  TYR A CA  1 
ATOM   481 C  C   . TYR A 1 64 ? -1.059  -9.782  4.146   1.00 26.96 ? 76  TYR A C   1 
ATOM   482 O  O   . TYR A 1 64 ? 0.087   -10.229 4.276   1.00 25.66 ? 76  TYR A O   1 
ATOM   483 C  CB  . TYR A 1 64 ? -1.597  -7.412  4.697   1.00 26.29 ? 76  TYR A CB  1 
ATOM   484 C  CG  . TYR A 1 64 ? -0.481  -7.270  5.713   1.00 22.93 ? 76  TYR A CG  1 
ATOM   485 C  CD1 . TYR A 1 64 ? 0.612   -6.456  5.455   1.00 21.68 ? 76  TYR A CD1 1 
ATOM   486 C  CD2 . TYR A 1 64 ? -0.534  -7.937  6.933   1.00 25.33 ? 76  TYR A CD2 1 
ATOM   487 C  CE1 . TYR A 1 64 ? 1.627   -6.300  6.388   1.00 20.73 ? 76  TYR A CE1 1 
ATOM   488 C  CE2 . TYR A 1 64 ? 0.481   -7.788  7.870   1.00 23.52 ? 76  TYR A CE2 1 
ATOM   489 C  CZ  . TYR A 1 64 ? 1.557   -6.962  7.582   1.00 21.82 ? 76  TYR A CZ  1 
ATOM   490 O  OH  . TYR A 1 64 ? 2.573   -6.800  8.486   1.00 23.36 ? 76  TYR A OH  1 
ATOM   491 N  N   . VAL A 1 65 ? -2.144  -10.467 4.486   1.00 29.84 ? 77  VAL A N   1 
ATOM   492 C  CA  . VAL A 1 65 ? -2.047  -11.830 4.988   1.00 31.92 ? 77  VAL A CA  1 
ATOM   493 C  C   . VAL A 1 65 ? -1.360  -12.737 3.970   1.00 31.80 ? 77  VAL A C   1 
ATOM   494 O  O   . VAL A 1 65 ? -0.471  -13.518 4.327   1.00 32.09 ? 77  VAL A O   1 
ATOM   495 C  CB  . VAL A 1 65 ? -3.412  -12.388 5.338   1.00 34.86 ? 77  VAL A CB  1 
ATOM   496 C  CG1 . VAL A 1 65 ? -3.311  -13.889 5.628   1.00 37.58 ? 77  VAL A CG1 1 
ATOM   497 C  CG2 . VAL A 1 65 ? -3.992  -11.617 6.517   1.00 36.87 ? 77  VAL A CG2 1 
ATOM   498 N  N   . ARG A 1 66 ? -1.744  -12.618 2.706   1.00 32.02 ? 78  ARG A N   1 
ATOM   499 C  CA  . ARG A 1 66 ? -1.104  -13.404 1.659   1.00 32.93 ? 78  ARG A CA  1 
ATOM   500 C  C   . ARG A 1 66 ? 0.383   -13.076 1.562   1.00 29.85 ? 78  ARG A C   1 
ATOM   501 O  O   . ARG A 1 66 ? 1.196   -13.988 1.406   1.00 28.93 ? 78  ARG A O   1 
ATOM   502 C  CB  . ARG A 1 66 ? -1.790  -13.216 0.300   1.00 34.98 ? 78  ARG A CB  1 
ATOM   503 C  CG  . ARG A 1 66 ? -3.244  -13.625 0.308   1.00 41.20 ? 78  ARG A CG  1 
ATOM   504 C  CD  . ARG A 1 66 ? -3.749  -14.005 -1.074  1.00 48.61 ? 78  ARG A CD  1 
ATOM   505 N  NE  . ARG A 1 66 ? -3.752  -12.896 -2.032  1.00 52.32 ? 78  ARG A NE  1 
ATOM   506 C  CZ  . ARG A 1 66 ? -4.745  -12.012 -2.193  1.00 56.45 ? 78  ARG A CZ  1 
ATOM   507 N  NH1 . ARG A 1 66 ? -5.845  -12.050 -1.437  1.00 58.42 ? 78  ARG A NH1 1 
ATOM   508 N  NH2 . ARG A 1 66 ? -4.629  -11.061 -3.121  1.00 57.79 ? 78  ARG A NH2 1 
ATOM   509 N  N   . LEU A 1 67 ? 0.742   -11.791 1.684   1.00 27.02 ? 79  LEU A N   1 
ATOM   510 C  CA  . LEU A 1 67 ? 2.144   -11.375 1.599   1.00 25.20 ? 79  LEU A CA  1 
ATOM   511 C  C   . LEU A 1 67 ? 2.964   -11.955 2.743   1.00 24.42 ? 79  LEU A C   1 
ATOM   512 O  O   . LEU A 1 67 ? 4.083   -12.401 2.510   1.00 23.32 ? 79  LEU A O   1 
ATOM   513 C  CB  . LEU A 1 67 ? 2.291   -9.848  1.588   1.00 23.74 ? 79  LEU A CB  1 
ATOM   514 C  CG  . LEU A 1 67 ? 1.689   -9.086  0.400   1.00 26.28 ? 79  LEU A CG  1 
ATOM   515 C  CD1 . LEU A 1 67 ? 1.774   -7.572  0.638   1.00 25.27 ? 79  LEU A CD1 1 
ATOM   516 C  CD2 . LEU A 1 67 ? 2.401   -9.480  -0.889  1.00 28.79 ? 79  LEU A CD2 1 
ATOM   517 N  N   . THR A 1 68 ? 2.423   -11.964 3.963   1.00 24.76 ? 80  THR A N   1 
ATOM   518 C  CA  . THR A 1 68 ? 3.160   -12.528 5.104   1.00 25.25 ? 80  THR A CA  1 
ATOM   519 C  C   . THR A 1 68 ? 3.422   -14.029 4.916   1.00 26.89 ? 80  THR A C   1 
ATOM   520 O  O   . THR A 1 68 ? 4.478   -14.522 5.297   1.00 27.15 ? 80  THR A O   1 
ATOM   521 C  CB  . THR A 1 68 ? 2.478   -12.276 6.474   1.00 26.01 ? 80  THR A CB  1 
ATOM   522 O  OG1 . THR A 1 68 ? 1.247   -13.017 6.572   1.00 30.50 ? 80  THR A OG1 1 
ATOM   523 C  CG2 . THR A 1 68 ? 2.200   -10.798 6.656   1.00 24.58 ? 80  THR A CG2 1 
ATOM   524 N  N   . ARG A 1 69 ? 2.479   -14.735 4.298   1.00 28.56 ? 81  ARG A N   1 
ATOM   525 C  CA  . ARG A 1 69 ? 2.588   -16.171 4.088   1.00 30.38 ? 81  ARG A CA  1 
ATOM   526 C  C   . ARG A 1 69 ? 3.483   -16.574 2.924   1.00 29.52 ? 81  ARG A C   1 
ATOM   527 O  O   . ARG A 1 69 ? 3.897   -17.720 2.852   1.00 30.47 ? 81  ARG A O   1 
ATOM   528 C  CB  . ARG A 1 69 ? 1.219   -16.762 3.812   1.00 33.41 ? 81  ARG A CB  1 
ATOM   529 C  CG  . ARG A 1 69 ? 0.242   -16.676 4.927   1.00 37.74 ? 81  ARG A CG  1 
ATOM   530 C  CD  . ARG A 1 69 ? -1.079  -17.211 4.416   1.00 44.41 ? 81  ARG A CD  1 
ATOM   531 N  NE  . ARG A 1 69 ? -2.141  -17.089 5.394   1.00 51.25 ? 81  ARG A NE  1 
ATOM   532 C  CZ  . ARG A 1 69 ? -2.319  -17.907 6.428   1.00 56.76 ? 81  ARG A CZ  1 
ATOM   533 N  NH1 . ARG A 1 69 ? -1.497  -18.937 6.642   1.00 59.12 ? 81  ARG A NH1 1 
ATOM   534 N  NH2 . ARG A 1 69 ? -3.337  -17.694 7.253   1.00 59.15 ? 81  ARG A NH2 1 
ATOM   535 N  N   . ASP A 1 70 ? 3.750   -15.653 2.000   1.00 27.36 ? 82  ASP A N   1 
ATOM   536 C  CA  . ASP A 1 70 ? 4.605   -15.935 0.833   1.00 27.22 ? 82  ASP A CA  1 
ATOM   537 C  C   . ASP A 1 70 ? 5.989   -16.358 1.330   1.00 25.89 ? 82  ASP A C   1 
ATOM   538 O  O   . ASP A 1 70 ? 6.524   -15.737 2.238   1.00 23.45 ? 82  ASP A O   1 
ATOM   539 C  CB  . ASP A 1 70 ? 4.683   -14.677 -0.036  1.00 26.37 ? 82  ASP A CB  1 
ATOM   540 C  CG  . ASP A 1 70 ? 5.487   -14.867 -1.290  1.00 29.12 ? 82  ASP A CG  1 
ATOM   541 O  OD1 . ASP A 1 70 ? 6.725   -14.962 -1.198  1.00 30.63 ? 82  ASP A OD1 1 
ATOM   542 O  OD2 . ASP A 1 70 ? 4.875   -14.897 -2.379  1.00 33.68 ? 82  ASP A OD2 1 
ATOM   543 N  N   . SER A 1 71 ? 6.545   -17.425 0.742   1.00 26.94 ? 83  SER A N   1 
ATOM   544 C  CA  . SER A 1 71 ? 7.818   -18.004 1.192   1.00 26.38 ? 83  SER A CA  1 
ATOM   545 C  C   . SER A 1 71 ? 9.089   -17.287 0.690   1.00 24.67 ? 83  SER A C   1 
ATOM   546 O  O   . SER A 1 71 ? 10.196  -17.676 1.062   1.00 23.50 ? 83  SER A O   1 
ATOM   547 C  CB  . SER A 1 71 ? 7.899   -19.483 0.793   1.00 29.37 ? 83  SER A CB  1 
ATOM   548 O  OG  . SER A 1 71 ? 8.040   -19.582 -0.609  1.00 31.81 ? 83  SER A OG  1 
ATOM   549 N  N   . THR A 1 72 ? 8.949   -16.252 -0.135  1.00 22.40 ? 84  THR A N   1 
ATOM   550 C  CA  . THR A 1 72 ? 10.081  -15.378 -0.447  1.00 20.37 ? 84  THR A CA  1 
ATOM   551 C  C   . THR A 1 72 ? 10.752  -14.924 0.857   1.00 18.14 ? 84  THR A C   1 
ATOM   552 O  O   . THR A 1 72 ? 10.076  -14.559 1.821   1.00 18.38 ? 84  THR A O   1 
ATOM   553 C  CB  . THR A 1 72 ? 9.638   -14.145 -1.247  1.00 19.64 ? 84  THR A CB  1 
ATOM   554 O  OG1 . THR A 1 72 ? 8.910   -14.570 -2.406  1.00 19.52 ? 84  THR A OG1 1 
ATOM   555 C  CG2 . THR A 1 72 ? 10.822  -13.291 -1.654  1.00 18.90 ? 84  THR A CG2 1 
ATOM   556 N  N   . PRO A 1 73 ? 12.083  -14.952 0.907   1.00 17.67 ? 85  PRO A N   1 
ATOM   557 C  CA  . PRO A 1 73 ? 12.756  -14.411 2.091   1.00 16.30 ? 85  PRO A CA  1 
ATOM   558 C  C   . PRO A 1 73 ? 12.296  -13.015 2.439   1.00 15.43 ? 85  PRO A C   1 
ATOM   559 O  O   . PRO A 1 73 ? 12.085  -12.179 1.552   1.00 14.47 ? 85  PRO A O   1 
ATOM   560 C  CB  . PRO A 1 73 ? 14.233  -14.427 1.688   1.00 15.95 ? 85  PRO A CB  1 
ATOM   561 C  CG  . PRO A 1 73 ? 14.320  -15.583 0.777   1.00 18.50 ? 85  PRO A CG  1 
ATOM   562 C  CD  . PRO A 1 73 ? 13.037  -15.583 -0.020  1.00 18.02 ? 85  PRO A CD  1 
ATOM   563 N  N   . GLU A 1 74 ? 12.108  -12.759 3.733   1.00 14.65 ? 86  GLU A N   1 
ATOM   564 C  CA  . GLU A 1 74 ? 11.553  -11.480 4.146   1.00 14.43 ? 86  GLU A CA  1 
ATOM   565 C  C   . GLU A 1 74 ? 12.417  -10.301 3.663   1.00 13.03 ? 86  GLU A C   1 
ATOM   566 O  O   . GLU A 1 74 ? 11.883  -9.278  3.249   1.00 12.97 ? 86  GLU A O   1 
ATOM   567 C  CB  . GLU A 1 74 ? 11.405  -11.433 5.665   1.00 14.98 ? 86  GLU A CB  1 
ATOM   568 C  CG  . GLU A 1 74 ? 10.416  -12.422 6.237   1.00 16.95 ? 86  GLU A CG  1 
ATOM   569 C  CD  . GLU A 1 74 ? 9.018   -12.186 5.705   1.00 18.33 ? 86  GLU A CD  1 
ATOM   570 O  OE1 . GLU A 1 74 ? 8.572   -11.035 5.804   1.00 19.45 ? 86  GLU A OE1 1 
ATOM   571 O  OE2 . GLU A 1 74 ? 8.411   -13.148 5.181   1.00 19.35 ? 86  GLU A OE2 1 
ATOM   572 N  N   . TYR A 1 75 ? 13.743  -10.434 3.701   1.00 12.38 ? 87  TYR A N   1 
ATOM   573 C  CA  . TYR A 1 75 ? 14.597  -9.311  3.318   1.00 11.56 ? 87  TYR A CA  1 
ATOM   574 C  C   . TYR A 1 75 ? 14.407  -8.985  1.825   1.00 12.07 ? 87  TYR A C   1 
ATOM   575 O  O   . TYR A 1 75 ? 14.516  -7.819  1.437   1.00 11.99 ? 87  TYR A O   1 
ATOM   576 C  CB  . TYR A 1 75 ? 16.077  -9.536  3.672   1.00 11.80 ? 87  TYR A CB  1 
ATOM   577 C  CG  . TYR A 1 75 ? 16.873  -10.307 2.647   1.00 10.90 ? 87  TYR A CG  1 
ATOM   578 C  CD1 . TYR A 1 75 ? 17.611  -9.633  1.653   1.00 11.27 ? 87  TYR A CD1 1 
ATOM   579 C  CD2 . TYR A 1 75 ? 16.910  -11.685 2.660   1.00 12.15 ? 87  TYR A CD2 1 
ATOM   580 C  CE1 . TYR A 1 75 ? 18.340  -10.326 0.684   1.00 13.54 ? 87  TYR A CE1 1 
ATOM   581 C  CE2 . TYR A 1 75 ? 17.650  -12.402 1.679   1.00 13.40 ? 87  TYR A CE2 1 
ATOM   582 C  CZ  . TYR A 1 75 ? 18.353  -11.698 0.695   1.00 11.62 ? 87  TYR A CZ  1 
ATOM   583 O  OH  . TYR A 1 75 ? 19.078  -12.392 -0.236  1.00 11.65 ? 87  TYR A OH  1 
ATOM   584 N  N   . ILE A 1 76 ? 14.110  -9.994  1.000   1.00 12.50 ? 88  ILE A N   1 
ATOM   585 C  CA  . ILE A 1 76 ? 13.879  -9.754  -0.434  1.00 13.05 ? 88  ILE A CA  1 
ATOM   586 C  C   . ILE A 1 76 ? 12.555  -9.042  -0.649  1.00 13.41 ? 88  ILE A C   1 
ATOM   587 O  O   . ILE A 1 76 ? 12.449  -8.134  -1.494  1.00 12.93 ? 88  ILE A O   1 
ATOM   588 C  CB  . ILE A 1 76 ? 13.962  -11.078 -1.242  1.00 14.69 ? 88  ILE A CB  1 
ATOM   589 C  CG1 . ILE A 1 76 ? 15.421  -11.512 -1.276  1.00 14.79 ? 88  ILE A CG1 1 
ATOM   590 C  CG2 . ILE A 1 76 ? 13.437  -10.913 -2.706  1.00 14.50 ? 88  ILE A CG2 1 
ATOM   591 C  CD1 . ILE A 1 76 ? 15.682  -12.905 -1.843  1.00 15.75 ? 88  ILE A CD1 1 
ATOM   592 N  N   . LYS A 1 77 ? 11.542  -9.418  0.142   1.00 14.07 ? 89  LYS A N   1 
ATOM   593 C  CA  . LYS A 1 77 ? 10.256  -8.691  0.125   1.00 14.14 ? 89  LYS A CA  1 
ATOM   594 C  C   . LYS A 1 77 ? 10.496  -7.214  0.386   1.00 13.17 ? 89  LYS A C   1 
ATOM   595 O  O   . LYS A 1 77 ? 9.981   -6.352  -0.350  1.00 12.51 ? 89  LYS A O   1 
ATOM   596 C  CB  . LYS A 1 77 ? 9.287   -9.224  1.181   1.00 14.29 ? 89  LYS A CB  1 
ATOM   597 C  CG  . LYS A 1 77 ? 8.836   -10.659 0.960   1.00 16.61 ? 89  LYS A CG  1 
ATOM   598 C  CD  . LYS A 1 77 ? 7.862   -11.103 2.037   1.00 15.22 ? 89  LYS A CD  1 
ATOM   599 C  CE  . LYS A 1 77 ? 7.479   -12.556 1.890   1.00 17.01 ? 89  LYS A CE  1 
ATOM   600 N  NZ  . LYS A 1 77 ? 6.689   -13.058 3.070   1.00 16.10 ? 89  LYS A NZ  1 
ATOM   601 N  N   . CYS A 1 78 ? 11.263  -6.931  1.442   1.00 12.64 ? 90  CYS A N   1 
ATOM   602 C  CA  . CYS A 1 78 ? 11.606  -5.546  1.797   1.00 13.13 ? 90  CYS A CA  1 
ATOM   603 C  C   . CYS A 1 78 ? 12.305  -4.828  0.643   1.00 13.73 ? 90  CYS A C   1 
ATOM   604 O  O   . CYS A 1 78 ? 11.947  -3.695  0.292   1.00 13.30 ? 90  CYS A O   1 
ATOM   605 C  CB  . CYS A 1 78 ? 12.479  -5.507  3.035   1.00 12.97 ? 90  CYS A CB  1 
ATOM   606 S  SG  . CYS A 1 78 ? 11.659  -6.078  4.548   1.00 14.49 ? 90  CYS A SG  1 
ATOM   607 N  N   . ARG A 1 79 ? 13.279  -5.500  0.031   1.00 14.12 ? 91  ARG A N   1 
ATOM   608 C  CA  . ARG A 1 79 ? 14.037  -4.864  -1.058  1.00 14.27 ? 91  ARG A CA  1 
ATOM   609 C  C   . ARG A 1 79 ? 13.168  -4.605  -2.291  1.00 15.83 ? 91  ARG A C   1 
ATOM   610 O  O   . ARG A 1 79 ? 13.295  -3.568  -2.932  1.00 15.93 ? 91  ARG A O   1 
ATOM   611 C  CB  . ARG A 1 79 ? 15.275  -5.698  -1.409  1.00 15.20 ? 91  ARG A CB  1 
ATOM   612 C  CG  . ARG A 1 79 ? 16.300  -5.615  -0.304  1.00 14.33 ? 91  ARG A CG  1 
ATOM   613 C  CD  . ARG A 1 79 ? 17.560  -6.381  -0.546  1.00 17.98 ? 91  ARG A CD  1 
ATOM   614 N  NE  . ARG A 1 79 ? 18.471  -6.026  0.545   1.00 17.02 ? 91  ARG A NE  1 
ATOM   615 C  CZ  . ARG A 1 79 ? 19.349  -5.028  0.538   1.00 16.45 ? 91  ARG A CZ  1 
ATOM   616 N  NH1 . ARG A 1 79 ? 19.559  -4.280  -0.543  1.00 15.84 ? 91  ARG A NH1 1 
ATOM   617 N  NH2 . ARG A 1 79 ? 20.048  -4.801  1.641   1.00 17.17 ? 91  ARG A NH2 1 
ATOM   618 N  N   . GLU A 1 80 ? 12.289  -5.554  -2.624  1.00 16.34 ? 92  GLU A N   1 
ATOM   619 C  CA  . GLU A 1 80 ? 11.378  -5.388  -3.754  1.00 17.58 ? 92  GLU A CA  1 
ATOM   620 C  C   . GLU A 1 80 ? 10.402  -4.236  -3.520  1.00 17.22 ? 92  GLU A C   1 
ATOM   621 O  O   . GLU A 1 80 ? 10.212  -3.384  -4.406  1.00 18.26 ? 92  GLU A O   1 
ATOM   622 C  CB  . GLU A 1 80 ? 10.622  -6.702  -4.035  1.00 18.26 ? 92  GLU A CB  1 
ATOM   623 C  CG  . GLU A 1 80 ? 11.515  -7.812  -4.582  1.00 20.34 ? 92  GLU A CG  1 
ATOM   624 C  CD  . GLU A 1 80 ? 11.889  -7.634  -6.051  1.00 25.42 ? 92  GLU A CD  1 
ATOM   625 O  OE1 . GLU A 1 80 ? 11.599  -6.578  -6.666  1.00 26.13 ? 92  GLU A OE1 1 
ATOM   626 O  OE2 . GLU A 1 80 ? 12.502  -8.566  -6.608  1.00 29.23 ? 92  GLU A OE2 1 
ATOM   627 N  N   . PHE A 1 81 ? 9.796   -4.180  -2.330  1.00 16.43 ? 93  PHE A N   1 
ATOM   628 C  CA  . PHE A 1 81 ? 8.838   -3.118  -2.035  1.00 17.06 ? 93  PHE A CA  1 
ATOM   629 C  C   . PHE A 1 81 ? 9.481   -1.744  -1.906  1.00 17.14 ? 93  PHE A C   1 
ATOM   630 O  O   . PHE A 1 81 ? 8.912   -0.773  -2.390  1.00 17.78 ? 93  PHE A O   1 
ATOM   631 C  CB  . PHE A 1 81 ? 8.036   -3.416  -0.772  1.00 16.32 ? 93  PHE A CB  1 
ATOM   632 C  CG  . PHE A 1 81 ? 7.128   -4.610  -0.879  1.00 18.02 ? 93  PHE A CG  1 
ATOM   633 C  CD1 . PHE A 1 81 ? 6.589   -5.005  -2.081  1.00 23.99 ? 93  PHE A CD1 1 
ATOM   634 C  CD2 . PHE A 1 81 ? 6.790   -5.315  0.264   1.00 20.03 ? 93  PHE A CD2 1 
ATOM   635 C  CE1 . PHE A 1 81 ? 5.725   -6.099  -2.145  1.00 27.73 ? 93  PHE A CE1 1 
ATOM   636 C  CE2 . PHE A 1 81 ? 5.935   -6.409  0.218   1.00 22.03 ? 93  PHE A CE2 1 
ATOM   637 C  CZ  . PHE A 1 81 ? 5.406   -6.802  -0.981  1.00 24.59 ? 93  PHE A CZ  1 
ATOM   638 N  N   . ASN A 1 82 ? 10.662  -1.660  -1.292  1.00 17.08 ? 94  ASN A N   1 
ATOM   639 C  CA  . ASN A 1 82 ? 11.375  -0.373  -1.179  1.00 17.42 ? 94  ASN A CA  1 
ATOM   640 C  C   . ASN A 1 82 ? 11.694  0.227   -2.541  1.00 19.62 ? 94  ASN A C   1 
ATOM   641 O  O   . ASN A 1 82 ? 11.575  1.443   -2.725  1.00 20.21 ? 94  ASN A O   1 
ATOM   642 C  CB  . ASN A 1 82 ? 12.666  -0.476  -0.330  1.00 16.96 ? 94  ASN A CB  1 
ATOM   643 C  CG  . ASN A 1 82 ? 12.417  -0.396  1.162   1.00 16.35 ? 94  ASN A CG  1 
ATOM   644 O  OD1 . ASN A 1 82 ? 11.520  0.320   1.614   1.00 18.93 ? 94  ASN A OD1 1 
ATOM   645 N  ND2 . ASN A 1 82 ? 13.251  -1.082  1.953   1.00 15.25 ? 94  ASN A ND2 1 
ATOM   646 N  N   . ARG A 1 83 ? 12.086  -0.625  -3.495  1.00 20.51 ? 95  ARG A N   1 
ATOM   647 C  CA  . ARG A 1 83 ? 12.334  -0.180  -4.862  1.00 23.53 ? 95  ARG A CA  1 
ATOM   648 C  C   . ARG A 1 83 ? 11.053  0.234   -5.584  1.00 24.97 ? 95  ARG A C   1 
ATOM   649 O  O   . ARG A 1 83 ? 10.982  1.309   -6.211  1.00 26.10 ? 95  ARG A O   1 
ATOM   650 C  CB  . ARG A 1 83 ? 13.053  -1.291  -5.641  1.00 24.75 ? 95  ARG A CB  1 
ATOM   651 C  CG  . ARG A 1 83 ? 13.393  -0.917  -7.059  1.00 30.88 ? 95  ARG A CG  1 
ATOM   652 C  CD  . ARG A 1 83 ? 14.035  -2.079  -7.800  1.00 35.61 ? 95  ARG A CD  1 
ATOM   653 N  NE  . ARG A 1 83 ? 14.341  -1.718  -9.188  1.00 42.55 ? 95  ARG A NE  1 
ATOM   654 C  CZ  . ARG A 1 83 ? 15.565  -1.628  -9.714  1.00 46.61 ? 95  ARG A CZ  1 
ATOM   655 N  NH1 . ARG A 1 83 ? 16.652  -1.882  -8.985  1.00 48.29 ? 95  ARG A NH1 1 
ATOM   656 N  NH2 . ARG A 1 83 ? 15.704  -1.299  -10.993 1.00 50.12 ? 95  ARG A NH2 1 
ATOM   657 N  N   . ARG A 1 84 ? 10.040  -0.619  -5.516  1.00 24.92 ? 96  ARG A N   1 
ATOM   658 C  CA  . ARG A 1 84 ? 8.830   -0.439  -6.317  1.00 28.46 ? 96  ARG A CA  1 
ATOM   659 C  C   . ARG A 1 84 ? 7.920   0.696   -5.838  1.00 28.46 ? 96  ARG A C   1 
ATOM   660 O  O   . ARG A 1 84 ? 7.251   1.324   -6.662  1.00 28.55 ? 96  ARG A O   1 
ATOM   661 C  CB  . ARG A 1 84 ? 8.043   -1.745  -6.352  1.00 29.44 ? 96  ARG A CB  1 
ATOM   662 C  CG  . ARG A 1 84 ? 8.803   -2.854  -7.065  1.00 34.74 ? 96  ARG A CG  1 
ATOM   663 C  CD  . ARG A 1 84 ? 8.149   -3.279  -8.361  1.00 44.07 ? 96  ARG A CD  1 
ATOM   664 N  NE  . ARG A 1 84 ? 8.940   -4.293  -9.076  1.00 49.46 ? 96  ARG A NE  1 
ATOM   665 C  CZ  . ARG A 1 84 ? 9.189   -5.528  -8.619  1.00 52.08 ? 96  ARG A CZ  1 
ATOM   666 N  NH1 . ARG A 1 84 ? 8.713   -5.939  -7.442  1.00 50.74 ? 96  ARG A NH1 1 
ATOM   667 N  NH2 . ARG A 1 84 ? 9.928   -6.369  -9.349  1.00 54.28 ? 96  ARG A NH2 1 
ATOM   668 N  N   . LEU A 1 85 ? 7.914   0.979   -4.535  1.00 26.96 ? 97  LEU A N   1 
ATOM   669 C  CA  . LEU A 1 85 ? 6.994   1.977   -3.971  1.00 28.44 ? 97  LEU A CA  1 
ATOM   670 C  C   . LEU A 1 85 ? 7.523   3.428   -4.029  1.00 30.14 ? 97  LEU A C   1 
ATOM   671 O  O   . LEU A 1 85 ? 6.878   4.351   -3.521  1.00 31.23 ? 97  LEU A O   1 
ATOM   672 C  CB  . LEU A 1 85 ? 6.612   1.597   -2.540  1.00 26.86 ? 97  LEU A CB  1 
ATOM   673 C  CG  . LEU A 1 85 ? 5.670   0.398   -2.406  1.00 27.34 ? 97  LEU A CG  1 
ATOM   674 C  CD1 . LEU A 1 85 ? 5.506   -0.009  -0.947  1.00 27.92 ? 97  LEU A CD1 1 
ATOM   675 C  CD2 . LEU A 1 85 ? 4.320   0.753   -2.973  1.00 30.66 ? 97  LEU A CD2 1 
ATOM   676 N  N   . VAL A 1 86 ? 8.664   3.636   -4.670  1.00 31.08 ? 98  VAL A N   1 
ATOM   677 C  CA  . VAL A 1 86 ? 9.291   4.950   -4.687  1.00 32.90 ? 98  VAL A CA  1 
ATOM   678 C  C   . VAL A 1 86 ? 8.298   6.031   -5.129  1.00 35.38 ? 98  VAL A C   1 
ATOM   679 O  O   . VAL A 1 86 ? 8.155   7.045   -4.445  1.00 36.14 ? 98  VAL A O   1 
ATOM   680 C  CB  . VAL A 1 86 ? 10.608  4.958   -5.537  1.00 33.83 ? 98  VAL A CB  1 
ATOM   681 C  CG1 . VAL A 1 86 ? 11.089  6.376   -5.791  1.00 36.34 ? 98  VAL A CG1 1 
ATOM   682 C  CG2 . VAL A 1 86 ? 11.700  4.152   -4.833  1.00 32.29 ? 98  VAL A CG2 1 
ATOM   683 N  N   . PRO A 1 87 ? 7.584   5.814   -6.251  1.00 38.04 ? 99  PRO A N   1 
ATOM   684 C  CA  . PRO A 1 87 ? 6.577   6.803   -6.657  1.00 40.54 ? 99  PRO A CA  1 
ATOM   685 C  C   . PRO A 1 87 ? 5.462   7.081   -5.629  1.00 40.37 ? 99  PRO A C   1 
ATOM   686 O  O   . PRO A 1 87 ? 5.172   8.247   -5.340  1.00 41.11 ? 99  PRO A O   1 
ATOM   687 C  CB  . PRO A 1 87 ? 5.993   6.192   -7.941  1.00 42.62 ? 99  PRO A CB  1 
ATOM   688 C  CG  . PRO A 1 87 ? 7.089   5.345   -8.475  1.00 42.12 ? 99  PRO A CG  1 
ATOM   689 C  CD  . PRO A 1 87 ? 7.749   4.759   -7.268  1.00 38.34 ? 99  PRO A CD  1 
ATOM   690 N  N   . PHE A 1 88 ? 4.834   6.034   -5.098  1.00 39.58 ? 100 PHE A N   1 
ATOM   691 C  CA  . PHE A 1 88 ? 3.759   6.200   -4.108  1.00 39.57 ? 100 PHE A CA  1 
ATOM   692 C  C   . PHE A 1 88 ? 4.268   6.882   -2.839  1.00 38.95 ? 100 PHE A C   1 
ATOM   693 O  O   . PHE A 1 88 ? 3.610   7.769   -2.299  1.00 39.50 ? 100 PHE A O   1 
ATOM   694 C  CB  . PHE A 1 88 ? 3.123   4.855   -3.754  1.00 38.51 ? 100 PHE A CB  1 
ATOM   695 C  CG  . PHE A 1 88 ? 1.941   4.959   -2.811  1.00 38.87 ? 100 PHE A CG  1 
ATOM   696 C  CD1 . PHE A 1 88 ? 0.795   5.664   -3.178  1.00 40.72 ? 100 PHE A CD1 1 
ATOM   697 C  CD2 . PHE A 1 88 ? 1.960   4.319   -1.576  1.00 37.09 ? 100 PHE A CD2 1 
ATOM   698 C  CE1 . PHE A 1 88 ? -0.308  5.758   -2.313  1.00 40.80 ? 100 PHE A CE1 1 
ATOM   699 C  CE2 . PHE A 1 88 ? 0.861   4.400   -0.708  1.00 37.81 ? 100 PHE A CE2 1 
ATOM   700 C  CZ  . PHE A 1 88 ? -0.278  5.127   -1.085  1.00 40.08 ? 100 PHE A CZ  1 
ATOM   701 N  N   . ILE A 1 89 ? 5.445   6.476   -2.370  1.00 38.06 ? 101 ILE A N   1 
ATOM   702 C  CA  . ILE A 1 89 ? 6.048   7.077   -1.167  1.00 37.59 ? 101 ILE A CA  1 
ATOM   703 C  C   . ILE A 1 89 ? 6.296   8.581   -1.373  1.00 40.27 ? 101 ILE A C   1 
ATOM   704 O  O   . ILE A 1 89 ? 6.160   9.365   -0.438  1.00 40.89 ? 101 ILE A O   1 
ATOM   705 C  CB  . ILE A 1 89 ? 7.351   6.350   -0.767  1.00 35.79 ? 101 ILE A CB  1 
ATOM   706 C  CG1 . ILE A 1 89 ? 7.037   4.905   -0.337  1.00 34.25 ? 101 ILE A CG1 1 
ATOM   707 C  CG2 . ILE A 1 89 ? 8.083   7.101   0.342   1.00 34.60 ? 101 ILE A CG2 1 
ATOM   708 C  CD1 . ILE A 1 89 ? 8.265   4.026   -0.116  1.00 31.75 ? 101 ILE A CD1 1 
ATOM   709 N  N   . GLY A 1 90 ? 6.638   8.977   -2.599  1.00 43.04 ? 102 GLY A N   1 
ATOM   710 C  CA  . GLY A 1 90 ? 6.740   10.407  -2.968  1.00 46.08 ? 102 GLY A CA  1 
ATOM   711 C  C   . GLY A 1 90 ? 5.443   11.188  -2.806  1.00 48.28 ? 102 GLY A C   1 
ATOM   712 O  O   . GLY A 1 90 ? 5.455   12.351  -2.397  1.00 49.30 ? 102 GLY A O   1 
ATOM   713 N  N   . GLU A 1 91 ? 4.323   10.548  -3.138  1.00 49.48 ? 103 GLU A N   1 
ATOM   714 C  CA  . GLU A 1 91 ? 2.995   11.122  -2.902  1.00 51.94 ? 103 GLU A CA  1 
ATOM   715 C  C   . GLU A 1 91 ? 2.652   11.160  -1.408  1.00 51.40 ? 103 GLU A C   1 
ATOM   716 O  O   . GLU A 1 91 ? 2.040   12.120  -0.920  1.00 52.57 ? 103 GLU A O   1 
ATOM   717 C  CB  . GLU A 1 91 ? 1.928   10.329  -3.661  1.00 52.76 ? 103 GLU A CB  1 
ATOM   718 C  CG  . GLU A 1 91 ? 2.056   10.429  -5.176  1.00 55.96 ? 103 GLU A CG  1 
ATOM   719 C  CD  . GLU A 1 91 ? 1.854   11.853  -5.684  1.00 60.23 ? 103 GLU A CD  1 
ATOM   720 O  OE1 . GLU A 1 91 ? 0.715   12.362  -5.586  1.00 62.06 ? 103 GLU A OE1 1 
ATOM   721 O  OE2 . GLU A 1 91 ? 2.841   12.457  -6.169  1.00 61.76 ? 103 GLU A OE2 1 
ATOM   722 N  N   . LEU A 1 92 ? 3.054   10.111  -0.696  1.00 49.85 ? 104 LEU A N   1 
ATOM   723 C  CA  . LEU A 1 92 ? 2.824   10.003  0.743   1.00 49.53 ? 104 LEU A CA  1 
ATOM   724 C  C   . LEU A 1 92 ? 3.522   11.114  1.514   1.00 51.10 ? 104 LEU A C   1 
ATOM   725 O  O   . LEU A 1 92 ? 2.921   11.736  2.390   1.00 52.07 ? 104 LEU A O   1 
ATOM   726 C  CB  . LEU A 1 92 ? 3.314   8.644   1.271   1.00 46.91 ? 104 LEU A CB  1 
ATOM   727 C  CG  . LEU A 1 92 ? 2.471   7.416   0.926   1.00 45.82 ? 104 LEU A CG  1 
ATOM   728 C  CD1 . LEU A 1 92 ? 3.080   6.152   1.542   1.00 42.17 ? 104 LEU A CD1 1 
ATOM   729 C  CD2 . LEU A 1 92 ? 1.036   7.601   1.391   1.00 46.16 ? 104 LEU A CD2 1 
ATOM   730 N  N   . LEU A 1 93 ? 4.790   11.352  1.184   1.00 52.36 ? 105 LEU A N   1 
ATOM   731 C  CA  . LEU A 1 93 ? 5.614   12.314  1.916   1.00 54.14 ? 105 LEU A CA  1 
ATOM   732 C  C   . LEU A 1 93 ? 5.458   13.748  1.382   1.00 57.70 ? 105 LEU A C   1 
ATOM   733 O  O   . LEU A 1 93 ? 5.867   14.703  2.051   1.00 59.27 ? 105 LEU A O   1 
ATOM   734 C  CB  . LEU A 1 93 ? 7.093   11.874  1.903   1.00 53.03 ? 105 LEU A CB  1 
ATOM   735 C  CG  . LEU A 1 93 ? 7.424   10.528  2.580   1.00 51.04 ? 105 LEU A CG  1 
ATOM   736 C  CD1 . LEU A 1 93 ? 8.894   10.149  2.422   1.00 49.48 ? 105 LEU A CD1 1 
ATOM   737 C  CD2 . LEU A 1 93 ? 7.041   10.547  4.053   1.00 50.82 ? 105 LEU A CD2 1 
ATOM   738 N  N   . ALA A 1 94 ? 4.847   13.897  0.203   1.00 59.92 ? 106 ALA A N   1 
ATOM   739 C  CA  . ALA A 1 94 ? 4.682   15.211  -0.434  1.00 63.41 ? 106 ALA A CA  1 
ATOM   740 C  C   . ALA A 1 94 ? 3.950   16.195  0.473   1.00 65.35 ? 106 ALA A C   1 
ATOM   741 O  O   . ALA A 1 94 ? 4.404   17.328  0.655   1.00 67.50 ? 106 ALA A O   1 
ATOM   742 C  CB  . ALA A 1 94 ? 3.935   15.079  -1.768  1.00 64.82 ? 106 ALA A CB  1 
ATOM   743 O  OXT . ALA A 1 94 ? 2.891   15.877  1.033   1.00 65.51 ? 106 ALA A OXT 1 
HETATM 744 CL CL  . CL  B 2 .  ? 14.709  -3.669  7.177   0.50 14.75 ? 200 CL  A CL  1 
HETATM 745 CL CL  . CL  C 2 .  ? 13.152  -14.810 5.750   1.00 34.83 ? 1   CL  A CL  1 
HETATM 746 CL CL  . CL  D 2 .  ? -13.647 6.886   1.228   0.50 47.10 ? 107 CL  A CL  1 
HETATM 747 CL CL  . CL  E 2 .  ? -14.623 4.977   3.237   0.50 55.58 ? 108 CL  A CL  1 
HETATM 748 O  O   . HOH F 3 .  ? 13.361  -6.346  8.022   1.00 12.28 ? 2   HOH A O   1 
HETATM 749 O  O   . HOH F 3 .  ? 14.985  -12.659 5.466   1.00 14.36 ? 3   HOH A O   1 
HETATM 750 O  O   . HOH F 3 .  ? 9.986   -3.659  10.777  1.00 13.54 ? 4   HOH A O   1 
HETATM 751 O  O   . HOH F 3 .  ? 11.365  3.590   -1.058  1.00 22.81 ? 6   HOH A O   1 
HETATM 752 O  O   . HOH F 3 .  ? 16.035  -5.214  11.436  1.00 16.03 ? 7   HOH A O   1 
HETATM 753 O  O   . HOH F 3 .  ? 10.875  -8.766  8.278   1.00 18.21 ? 8   HOH A O   1 
HETATM 754 O  O   . HOH F 3 .  ? -0.233  0.941   7.406   1.00 23.50 ? 9   HOH A O   1 
HETATM 755 O  O   . HOH F 3 .  ? 9.565   -15.461 4.221   1.00 22.75 ? 10  HOH A O   1 
HETATM 756 O  O   . HOH F 3 .  ? 18.870  -4.612  -3.528  1.00 19.66 ? 11  HOH A O   1 
HETATM 757 O  O   . HOH F 3 .  ? 15.010  -10.932 7.356   1.00 18.04 ? 12  HOH A O   1 
HETATM 758 O  O   . HOH F 3 .  ? 19.401  -14.862 -0.306  1.00 16.03 ? 109 HOH A O   1 
HETATM 759 O  O   . HOH F 3 .  ? 8.787   -10.223 8.368   1.00 22.77 ? 110 HOH A O   1 
HETATM 760 O  O   . HOH F 3 .  ? 16.547  -17.477 -1.859  1.00 22.65 ? 111 HOH A O   1 
HETATM 761 O  O   . HOH F 3 .  ? 12.714  -16.046 -3.466  1.00 27.14 ? 112 HOH A O   1 
HETATM 762 O  O   . HOH F 3 .  ? 4.816   -18.736 -1.323  1.00 32.94 ? 113 HOH A O   1 
HETATM 763 O  O   . HOH F 3 .  ? -3.874  -3.069  5.391   1.00 36.81 ? 114 HOH A O   1 
HETATM 764 O  O   . HOH F 3 .  ? 17.756  -17.027 0.657   1.00 16.47 ? 115 HOH A O   1 
HETATM 765 O  O   . HOH F 3 .  ? 13.999  -18.316 -2.134  1.00 25.95 ? 116 HOH A O   1 
HETATM 766 O  O   . HOH F 3 .  ? 17.112  -16.026 3.149   1.00 24.67 ? 117 HOH A O   1 
HETATM 767 O  O   . HOH F 3 .  ? 21.202  -1.998  -1.401  1.00 32.90 ? 118 HOH A O   1 
HETATM 768 O  O   . HOH F 3 .  ? 6.281   -13.829 7.299   1.00 44.36 ? 119 HOH A O   1 
HETATM 769 O  O   . HOH F 3 .  ? 6.040   4.177   9.671   1.00 36.44 ? 120 HOH A O   1 
HETATM 770 O  O   . HOH F 3 .  ? -1.088  0.914   4.798   1.00 37.90 ? 121 HOH A O   1 
HETATM 771 O  O   . HOH F 3 .  ? -3.774  5.642   11.334  1.00 35.05 ? 122 HOH A O   1 
HETATM 772 O  O   . HOH F 3 .  ? 14.084  2.580   -7.159  1.00 45.33 ? 123 HOH A O   1 
HETATM 773 O  O   . HOH F 3 .  ? 17.148  -14.336 5.304   0.50 17.58 ? 124 HOH A O   1 
HETATM 774 O  O   . HOH F 3 .  ? 10.461  -18.084 3.565   1.00 51.31 ? 125 HOH A O   1 
HETATM 775 O  O   . HOH F 3 .  ? 4.745   3.324   -6.220  1.00 44.80 ? 126 HOH A O   1 
HETATM 776 O  O   . HOH F 3 .  ? 8.089   6.196   13.584  1.00 41.90 ? 127 HOH A O   1 
HETATM 777 O  O   . HOH F 3 .  ? 14.360  -17.035 4.346   1.00 42.96 ? 128 HOH A O   1 
HETATM 778 O  O   . HOH F 3 .  ? 11.097  6.172   -0.536  1.00 41.75 ? 129 HOH A O   1 
HETATM 779 O  O   . HOH F 3 .  ? 0.747   -16.105 -0.125  1.00 36.88 ? 130 HOH A O   1 
HETATM 780 O  O   . HOH F 3 .  ? 12.769  -19.147 0.529   1.00 52.89 ? 131 HOH A O   1 
HETATM 781 O  O   . HOH F 3 .  ? 5.784   -14.906 -4.744  1.00 47.80 ? 132 HOH A O   1 
HETATM 782 O  O   . HOH F 3 .  ? 5.729   10.567  -6.552  1.00 53.44 ? 133 HOH A O   1 
HETATM 783 O  O   . HOH F 3 .  ? -17.209 0.906   0.486   1.00 56.92 ? 134 HOH A O   1 
HETATM 784 O  O   . HOH F 3 .  ? -6.187  -2.319  8.638   1.00 50.25 ? 135 HOH A O   1 
HETATM 785 O  O   . HOH F 3 .  ? -1.582  -15.923 -2.550  1.00 66.14 ? 136 HOH A O   1 
HETATM 786 O  O   . HOH F 3 .  ? 9.940   8.133   -2.782  1.00 54.74 ? 137 HOH A O   1 
HETATM 787 O  O   . HOH F 3 .  ? 5.432   10.381  8.073   1.00 55.42 ? 138 HOH A O   1 
HETATM 788 O  O   . HOH F 3 .  ? 0.583   11.892  4.033   1.00 57.25 ? 139 HOH A O   1 
HETATM 789 O  O   . HOH F 3 .  ? -6.055  -13.107 2.514   1.00 47.92 ? 140 HOH A O   1 
HETATM 790 O  O   . HOH F 3 .  ? -3.895  9.842   12.146  1.00 46.98 ? 141 HOH A O   1 
HETATM 791 O  O   . HOH F 3 .  ? -4.139  -0.643  5.691   1.00 58.48 ? 142 HOH A O   1 
HETATM 792 O  O   . HOH F 3 .  ? -10.476 -6.597  6.715   1.00 57.82 ? 143 HOH A O   1 
HETATM 793 O  O   . HOH F 3 .  ? -12.525 2.245   -11.204 1.00 57.83 ? 144 HOH A O   1 
HETATM 794 O  O   . HOH F 3 .  ? 7.166   -16.952 4.605   1.00 58.71 ? 145 HOH A O   1 
HETATM 795 O  O   . HOH F 3 .  ? -1.076  3.405   11.455  1.00 58.81 ? 146 HOH A O   1 
HETATM 796 O  O   . HOH F 3 .  ? 9.988   -14.779 -5.165  1.00 45.13 ? 147 HOH A O   1 
HETATM 797 O  O   . HOH F 3 .  ? 7.499   13.668  -1.648  1.00 51.10 ? 148 HOH A O   1 
HETATM 798 O  O   . HOH F 3 .  ? 10.092  -18.679 -2.860  1.00 56.27 ? 149 HOH A O   1 
HETATM 799 O  O   . HOH F 3 .  ? -10.393 -8.846  -0.244  1.00 59.88 ? 150 HOH A O   1 
HETATM 800 O  O   . HOH F 3 .  ? 6.547   -6.868  -6.009  1.00 55.58 ? 151 HOH A O   1 
HETATM 801 O  O   . HOH F 3 .  ? -15.374 7.954   -12.881 1.00 56.57 ? 152 HOH A O   1 
HETATM 802 O  O   . HOH F 3 .  ? 8.982   11.120  6.751   1.00 42.96 ? 153 HOH A O   1 
HETATM 803 O  O   . HOH F 3 .  ? 14.113  0.013   5.439   0.50 16.97 ? 154 HOH A O   1 
HETATM 804 O  O   . HOH F 3 .  ? -8.288  7.806   6.266   1.00 47.05 ? 155 HOH A O   1 
HETATM 805 O  O   . HOH F 3 .  ? 2.024   4.253   11.442  1.00 57.15 ? 156 HOH A O   1 
HETATM 806 O  O   . HOH F 3 .  ? 13.480  -2.051  4.285   1.00 40.33 ? 157 HOH A O   1 
HETATM 807 O  O   . HOH F 3 .  ? 2.355   -17.030 -1.934  1.00 51.22 ? 158 HOH A O   1 
HETATM 808 O  O   . HOH F 3 .  ? -5.819  -15.606 1.235   1.00 66.47 ? 159 HOH A O   1 
# 
loop_
_atom_site_anisotrop.id 
_atom_site_anisotrop.type_symbol 
_atom_site_anisotrop.pdbx_label_atom_id 
_atom_site_anisotrop.pdbx_label_alt_id 
_atom_site_anisotrop.pdbx_label_comp_id 
_atom_site_anisotrop.pdbx_label_asym_id 
_atom_site_anisotrop.pdbx_label_seq_id 
_atom_site_anisotrop.pdbx_PDB_ins_code 
_atom_site_anisotrop.U[1][1] 
_atom_site_anisotrop.U[2][2] 
_atom_site_anisotrop.U[3][3] 
_atom_site_anisotrop.U[1][2] 
_atom_site_anisotrop.U[1][3] 
_atom_site_anisotrop.U[2][3] 
_atom_site_anisotrop.pdbx_auth_seq_id 
_atom_site_anisotrop.pdbx_auth_comp_id 
_atom_site_anisotrop.pdbx_auth_asym_id 
_atom_site_anisotrop.pdbx_auth_atom_id 
1   N N   . SER A 4  ? 0.5739 1.0875 0.9319 0.1095  -0.3499 -0.2421 16  SER A N   
2   C CA  . SER A 4  ? 0.5987 1.1003 0.8915 0.1362  -0.3618 -0.2196 16  SER A CA  
3   C C   . SER A 4  ? 0.5974 1.0531 0.8145 0.1349  -0.3389 -0.2007 16  SER A C   
4   O O   . SER A 4  ? 0.5647 0.9950 0.7852 0.1199  -0.3056 -0.1899 16  SER A O   
5   C CB  . SER A 4  ? 0.5851 1.0956 0.9088 0.1489  -0.3542 -0.1993 16  SER A CB  
6   O OG  . SER A 4  ? 0.5879 1.0687 0.8496 0.1671  -0.3476 -0.1699 16  SER A OG  
7   N N   . GLU A 5  ? 0.6329 1.0796 0.7817 0.1514  -0.3569 -0.1965 17  GLU A N   
8   C CA  . GLU A 5  ? 0.6395 1.0464 0.7184 0.1511  -0.3359 -0.1796 17  GLU A CA  
9   C C   . GLU A 5  ? 0.6147 0.9946 0.6716 0.1595  -0.3128 -0.1445 17  GLU A C   
10  O O   . GLU A 5  ? 0.6007 0.9480 0.6269 0.1516  -0.2860 -0.1309 17  GLU A O   
11  C CB  . GLU A 5  ? 0.6970 1.1049 0.7084 0.1668  -0.3597 -0.1855 17  GLU A CB  
12  C CG  . GLU A 5  ? 0.7416 1.1714 0.7656 0.1584  -0.3826 -0.2246 17  GLU A CG  
13  C CD  . GLU A 5  ? 0.7396 1.1484 0.7741 0.1343  -0.3581 -0.2394 17  GLU A CD  
14  O OE1 . GLU A 5  ? 0.7472 1.1220 0.7500 0.1292  -0.3273 -0.2190 17  GLU A OE1 
15  O OE2 . GLU A 5  ? 0.7578 1.1842 0.8358 0.1207  -0.3708 -0.2720 17  GLU A OE2 
16  N N   . GLN A 6  ? 0.6105 1.0039 0.6868 0.1760  -0.3242 -0.1315 18  GLN A N   
17  C CA  . GLN A 6  ? 0.5948 0.9626 0.6593 0.1843  -0.3041 -0.1012 18  GLN A CA  
18  C C   . GLN A 6  ? 0.5397 0.8982 0.6492 0.1652  -0.2730 -0.1020 18  GLN A C   
19  O O   . GLN A 6  ? 0.5133 0.8398 0.6008 0.1610  -0.2473 -0.0842 18  GLN A O   
20  C CB  . GLN A 6  ? 0.6197 1.0053 0.7007 0.2080  -0.3259 -0.0896 18  GLN A CB  
21  C CG  . GLN A 6  ? 0.6881 1.0787 0.7145 0.2315  -0.3562 -0.0807 18  GLN A CG  
22  C CD  . GLN A 6  ? 0.7191 1.1443 0.7479 0.2316  -0.3885 -0.1106 18  GLN A CD  
23  O OE1 . GLN A 6  ? 0.7059 1.1629 0.7988 0.2209  -0.3986 -0.1367 18  GLN A OE1 
24  N NE2 . GLN A 6  ? 0.7807 1.2003 0.7402 0.2437  -0.4041 -0.1077 18  GLN A NE2 
25  N N   . LEU A 7  ? 0.5117 0.8995 0.6846 0.1535  -0.2758 -0.1231 19  LEU A N   
26  C CA  . LEU A 7  ? 0.4715 0.8550 0.6866 0.1348  -0.2464 -0.1252 19  LEU A CA  
27  C C   . LEU A 7  ? 0.4612 0.8175 0.6492 0.1157  -0.2254 -0.1270 19  LEU A C   
28  O O   . LEU A 7  ? 0.4351 0.7673 0.6169 0.1075  -0.1980 -0.1145 19  LEU A O   
29  C CB  . LEU A 7  ? 0.4556 0.8791 0.7462 0.1259  -0.2537 -0.1467 19  LEU A CB  
30  C CG  . LEU A 7  ? 0.4191 0.8434 0.7565 0.1065  -0.2227 -0.1488 19  LEU A CG  
31  C CD1 . LEU A 7  ? 0.4019 0.8053 0.7278 0.1128  -0.1979 -0.1283 19  LEU A CD1 
32  C CD2 . LEU A 7  ? 0.4159 0.8838 0.8314 0.1011  -0.2310 -0.1672 19  LEU A CD2 
33  N N   . GLU A 8  ? 0.4779 0.8389 0.6514 0.1097  -0.2397 -0.1441 20  GLU A N   
34  C CA  . GLU A 8  ? 0.4766 0.8116 0.6235 0.0943  -0.2226 -0.1471 20  GLU A CA  
35  C C   . GLU A 8  ? 0.4698 0.7688 0.5582 0.1006  -0.2056 -0.1233 20  GLU A C   
36  O O   . GLU A 8  ? 0.4471 0.7227 0.5307 0.0884  -0.1809 -0.1158 20  GLU A O   
37  C CB  . GLU A 8  ? 0.5106 0.8561 0.6450 0.0921  -0.2444 -0.1712 20  GLU A CB  
38  C CG  . GLU A 8  ? 0.5375 0.8618 0.6667 0.0735  -0.2278 -0.1813 20  GLU A CG  
39  C CD  . GLU A 8  ? 0.5543 0.8892 0.7515 0.0524  -0.2177 -0.1950 20  GLU A CD  
40  O OE1 . GLU A 8  ? 0.5855 0.9508 0.8297 0.0487  -0.2375 -0.2169 20  GLU A OE1 
41  O OE2 . GLU A 8  ? 0.5545 0.8677 0.7584 0.0396  -0.1902 -0.1834 20  GLU A OE2 
42  N N   . GLN A 9  ? 0.4926 0.7881 0.5387 0.1198  -0.2193 -0.1108 21  GLN A N   
43  C CA  . GLN A 9  ? 0.4977 0.7610 0.4940 0.1267  -0.2037 -0.0861 21  GLN A CA  
44  C C   . GLN A 9  ? 0.4564 0.7040 0.4732 0.1237  -0.1817 -0.0696 21  GLN A C   
45  O O   . GLN A 9  ? 0.4412 0.6645 0.4460 0.1134  -0.1597 -0.0622 21  GLN A O   
46  C CB  . GLN A 9  ? 0.5441 0.8092 0.4987 0.1493  -0.2230 -0.0722 21  GLN A CB  
47  C CG  . GLN A 9  ? 0.5765 0.8105 0.4955 0.1584  -0.2068 -0.0416 21  GLN A CG  
48  C CD  . GLN A 9  ? 0.6497 0.8796 0.5137 0.1783  -0.2211 -0.0255 21  GLN A CD  
49  O OE1 . GLN A 9  ? 0.6870 0.9411 0.5438 0.1914  -0.2483 -0.0337 21  GLN A OE1 
50  N NE2 . GLN A 9  ? 0.6838 0.8838 0.5093 0.1808  -0.2024 -0.0018 21  GLN A NE2 
51  N N   . MET A 10 ? 0.4399 0.7019 0.4878 0.1337  -0.1888 -0.0656 22  MET A N   
52  C CA  . MET A 10 ? 0.4175 0.6659 0.4844 0.1334  -0.1695 -0.0535 22  MET A CA  
53  C C   . MET A 10 ? 0.3644 0.6093 0.4563 0.1135  -0.1472 -0.0622 22  MET A C   
54  O O   . MET A 10 ? 0.3548 0.5759 0.4345 0.1090  -0.1279 -0.0520 22  MET A O   
55  C CB  . MET A 10 ? 0.4253 0.6954 0.5312 0.1475  -0.1810 -0.0534 22  MET A CB  
56  C CG  . MET A 10 ? 0.5003 0.7670 0.5821 0.1709  -0.2003 -0.0371 22  MET A CG  
57  S SD  . MET A 10 ? 0.5924 0.8133 0.6201 0.1775  -0.1858 -0.0083 22  MET A SD  
58  C CE  . MET A 10 ? 0.4700 0.6712 0.5209 0.1623  -0.1551 -0.0097 22  MET A CE  
59  N N   . ALA A 11 ? 0.3444 0.6127 0.4715 0.1020  -0.1506 -0.0804 23  ALA A N   
60  C CA  . ALA A 11 ? 0.3140 0.5793 0.4653 0.0835  -0.1289 -0.0858 23  ALA A CA  
61  C C   . ALA A 11 ? 0.3107 0.5467 0.4254 0.0730  -0.1155 -0.0806 23  ALA A C   
62  O O   . ALA A 11 ? 0.2847 0.5054 0.3998 0.0642  -0.0953 -0.0744 23  ALA A O   
63  C CB  . ALA A 11 ? 0.3054 0.6001 0.5047 0.0726  -0.1356 -0.1047 23  ALA A CB  
64  N N   . SER A 12 ? 0.3290 0.5584 0.4113 0.0753  -0.1272 -0.0838 24  SER A N   
65  C CA  . SER A 12 ? 0.3347 0.5385 0.3849 0.0673  -0.1152 -0.0801 24  SER A CA  
66  C C   . SER A 12 ? 0.3298 0.5076 0.3513 0.0720  -0.1009 -0.0606 24  SER A C   
67  O O   . SER A 12 ? 0.3105 0.4702 0.3263 0.0623  -0.0845 -0.0562 24  SER A O   
68  C CB  . SER A 12 ? 0.3648 0.5704 0.3855 0.0715  -0.1304 -0.0896 24  SER A CB  
69  O OG  . SER A 12 ? 0.4015 0.6295 0.4531 0.0646  -0.1440 -0.1118 24  SER A OG  
70  N N   . ILE A 13 ? 0.3362 0.5121 0.3428 0.0870  -0.1082 -0.0488 25  ILE A N   
71  C CA  . ILE A 13 ? 0.3339 0.4851 0.3219 0.0914  -0.0959 -0.0311 25  ILE A CA  
72  C C   . ILE A 13 ? 0.3021 0.4489 0.3156 0.0852  -0.0810 -0.0308 25  ILE A C   
73  O O   . ILE A 13 ? 0.2934 0.4201 0.2958 0.0794  -0.0673 -0.0244 25  ILE A O   
74  C CB  . ILE A 13 ? 0.3637 0.5132 0.3381 0.1094  -0.1072 -0.0176 25  ILE A CB  
75  C CG1 . ILE A 13 ? 0.4115 0.5597 0.3461 0.1166  -0.1176 -0.0133 25  ILE A CG1 
76  C CG2 . ILE A 13 ? 0.3742 0.4986 0.3435 0.1124  -0.0941 -0.0017 25  ILE A CG2 
77  C CD1 . ILE A 13 ? 0.4477 0.6036 0.3697 0.1359  -0.1357 -0.0026 25  ILE A CD1 
78  N N   . VAL A 14 ? 0.2797 0.4476 0.3275 0.0870  -0.0841 -0.0385 26  VAL A N   
79  C CA  . VAL A 14 ? 0.2514 0.4189 0.3208 0.0826  -0.0687 -0.0399 26  VAL A CA  
80  C C   . VAL A 14 ? 0.2348 0.3974 0.3056 0.0661  -0.0542 -0.0440 26  VAL A C   
81  O O   . VAL A 14 ? 0.2091 0.3571 0.2723 0.0627  -0.0406 -0.0396 26  VAL A O   
82  C CB  . VAL A 14 ? 0.2555 0.4502 0.3642 0.0896  -0.0734 -0.0476 26  VAL A CB  
83  C CG1 . VAL A 14 ? 0.2288 0.4285 0.3594 0.0834  -0.0543 -0.0517 26  VAL A CG1 
84  C CG2 . VAL A 14 ? 0.2641 0.4564 0.3709 0.1084  -0.0851 -0.0398 26  VAL A CG2 
85  N N   . SER A 15 ? 0.2322 0.4054 0.3123 0.0566  -0.0581 -0.0525 27  SER A N   
86  C CA  . SER A 15 ? 0.2324 0.3985 0.3163 0.0417  -0.0448 -0.0540 27  SER A CA  
87  C C   . SER A 15 ? 0.2243 0.3636 0.2749 0.0391  -0.0393 -0.0461 27  SER A C   
88  O O   . SER A 15 ? 0.2118 0.3395 0.2589 0.0322  -0.0266 -0.0417 27  SER A O   
89  C CB  . SER A 15 ? 0.2356 0.4162 0.3423 0.0321  -0.0512 -0.0661 27  SER A CB  
90  O OG  . SER A 15 ? 0.3239 0.5019 0.4101 0.0367  -0.0666 -0.0714 27  SER A OG  
91  N N   . ALA A 16 ? 0.2309 0.3621 0.2574 0.0453  -0.0485 -0.0439 28  ALA A N   
92  C CA  . ALA A 16 ? 0.2346 0.3432 0.2339 0.0438  -0.0424 -0.0363 28  ALA A CA  
93  C C   . ALA A 16 ? 0.2234 0.3176 0.2158 0.0471  -0.0339 -0.0263 28  ALA A C   
94  O O   . ALA A 16 ? 0.2103 0.2897 0.1945 0.0418  -0.0257 -0.0223 28  ALA A O   
95  C CB  . ALA A 16 ? 0.2602 0.3661 0.2345 0.0514  -0.0517 -0.0349 28  ALA A CB  
96  N N   . THR A 17 ? 0.2295 0.3283 0.2285 0.0565  -0.0374 -0.0238 29  THR A N   
97  C CA  . THR A 17 ? 0.2324 0.3175 0.2289 0.0604  -0.0311 -0.0183 29  THR A CA  
98  C C   . THR A 17 ? 0.2139 0.3013 0.2201 0.0537  -0.0205 -0.0232 29  THR A C   
99  O O   . THR A 17 ? 0.2107 0.2838 0.2070 0.0516  -0.0146 -0.0210 29  THR A O   
100 C CB  . THR A 17 ? 0.2492 0.3380 0.2544 0.0737  -0.0379 -0.0157 29  THR A CB  
101 O OG1 . THR A 17 ? 0.2858 0.3714 0.2758 0.0808  -0.0477 -0.0076 29  THR A OG1 
102 C CG2 . THR A 17 ? 0.2632 0.3347 0.2685 0.0776  -0.0321 -0.0127 29  THR A CG2 
103 N N   . ARG A 18 ? 0.2060 0.3126 0.2314 0.0504  -0.0181 -0.0296 30  ARG A N   
104 C CA  . ARG A 18 ? 0.2000 0.3101 0.2309 0.0434  -0.0054 -0.0311 30  ARG A CA  
105 C C   . ARG A 18 ? 0.1903 0.2863 0.2064 0.0337  -0.0011 -0.0265 30  ARG A C   
106 O O   . ARG A 18 ? 0.1887 0.2760 0.1935 0.0318  0.0063  -0.0235 30  ARG A O   
107 C CB  . ARG A 18 ? 0.2027 0.3367 0.2619 0.0399  -0.0017 -0.0367 30  ARG A CB  
108 C CG  . ARG A 18 ? 0.2434 0.3815 0.3074 0.0323  0.0142  -0.0346 30  ARG A CG  
109 C CD  . ARG A 18 ? 0.3078 0.4718 0.4084 0.0276  0.0188  -0.0395 30  ARG A CD  
110 N NE  . ARG A 18 ? 0.3673 0.5364 0.4745 0.0197  0.0375  -0.0344 30  ARG A NE  
111 C CZ  . ARG A 18 ? 0.4171 0.6076 0.5596 0.0125  0.0469  -0.0359 30  ARG A CZ  
112 N NH1 . ARG A 18 ? 0.4262 0.6369 0.6037 0.0121  0.0365  -0.0453 30  ARG A NH1 
113 N NH2 . ARG A 18 ? 0.4627 0.6552 0.6062 0.0060  0.0671  -0.0273 30  ARG A NH2 
114 N N   . TYR A 19 ? 0.1782 0.2722 0.1939 0.0291  -0.0069 -0.0270 31  TYR A N   
115 C CA  . TYR A 19 ? 0.1779 0.2582 0.1838 0.0217  -0.0039 -0.0233 31  TYR A CA  
116 C C   . TYR A 19 ? 0.1694 0.2323 0.1557 0.0251  -0.0039 -0.0178 31  TYR A C   
117 O O   . TYR A 19 ? 0.1704 0.2247 0.1503 0.0216  0.0006  -0.0140 31  TYR A O   
118 C CB  . TYR A 19 ? 0.1827 0.2642 0.1923 0.0182  -0.0104 -0.0284 31  TYR A CB  
119 C CG  . TYR A 19 ? 0.1783 0.2522 0.1947 0.0088  -0.0052 -0.0280 31  TYR A CG  
120 C CD1 . TYR A 19 ? 0.2006 0.2839 0.2410 0.0010  -0.0027 -0.0323 31  TYR A CD1 
121 C CD2 . TYR A 19 ? 0.2113 0.2685 0.2145 0.0078  -0.0029 -0.0228 31  TYR A CD2 
122 C CE1 . TYR A 19 ? 0.2038 0.2769 0.2541 -0.0074 0.0024  -0.0304 31  TYR A CE1 
123 C CE2 . TYR A 19 ? 0.1921 0.2407 0.2043 0.0007  0.0012  -0.0211 31  TYR A CE2 
124 C CZ  . TYR A 19 ? 0.2102 0.2653 0.2452 -0.0067 0.0040  -0.0245 31  TYR A CZ  
125 O OH  . TYR A 19 ? 0.2025 0.2467 0.2506 -0.0137 0.0083  -0.0219 31  TYR A OH  
126 N N   . LEU A 20 ? 0.1726 0.2310 0.1520 0.0320  -0.0092 -0.0168 32  LEU A N   
127 C CA  . LEU A 20 ? 0.1745 0.2173 0.1435 0.0339  -0.0089 -0.0122 32  LEU A CA  
128 C C   . LEU A 20 ? 0.1793 0.2187 0.1470 0.0352  -0.0059 -0.0141 32  LEU A C   
129 O O   . LEU A 20 ? 0.1721 0.2017 0.1336 0.0328  -0.0058 -0.0129 32  LEU A O   
130 C CB  . LEU A 20 ? 0.1816 0.2194 0.1471 0.0411  -0.0131 -0.0083 32  LEU A CB  
131 C CG  . LEU A 20 ? 0.1933 0.2306 0.1499 0.0412  -0.0149 -0.0049 32  LEU A CG  
132 C CD1 . LEU A 20 ? 0.2093 0.2397 0.1591 0.0494  -0.0171 0.0036  32  LEU A CD1 
133 C CD2 . LEU A 20 ? 0.1847 0.2133 0.1377 0.0347  -0.0100 -0.0037 32  LEU A CD2 
134 N N   . LYS A 21 ? 0.1752 0.2243 0.1491 0.0399  -0.0040 -0.0185 33  LYS A N   
135 C CA  . LYS A 21 ? 0.1997 0.2473 0.1691 0.0430  -0.0004 -0.0234 33  LYS A CA  
136 C C   . LYS A 21 ? 0.2120 0.2625 0.1716 0.0376  0.0059  -0.0217 33  LYS A C   
137 O O   . LYS A 21 ? 0.2337 0.2772 0.1801 0.0388  0.0054  -0.0235 33  LYS A O   
138 C CB  . LYS A 21 ? 0.2025 0.2619 0.1834 0.0506  0.0021  -0.0296 33  LYS A CB  
139 C CG  . LYS A 21 ? 0.2390 0.2906 0.2273 0.0589  -0.0046 -0.0301 33  LYS A CG  
140 C CD  . LYS A 21 ? 0.2928 0.3594 0.2985 0.0675  -0.0039 -0.0350 33  LYS A CD  
141 C CE  . LYS A 21 ? 0.3440 0.4185 0.3521 0.0717  0.0050  -0.0451 33  LYS A CE  
142 N NZ  . LYS A 21 ? 0.3735 0.4659 0.4051 0.0806  0.0063  -0.0501 33  LYS A NZ  
143 N N   . MET A 22 ? 0.2056 0.2664 0.1732 0.0320  0.0112  -0.0182 34  MET A N   
144 C CA  . MET A 22 ? 0.2200 0.2832 0.1808 0.0273  0.0198  -0.0128 34  MET A CA  
145 C C   . MET A 22 ? 0.2034 0.2532 0.1554 0.0223  0.0160  -0.0055 34  MET A C   
146 O O   . MET A 22 ? 0.2067 0.2517 0.1434 0.0225  0.0182  -0.0002 34  MET A O   
147 C CB  . MET A 22 ? 0.2220 0.3008 0.2032 0.0218  0.0282  -0.0112 34  MET A CB  
148 C CG  . MET A 22 ? 0.2831 0.3798 0.2773 0.0270  0.0347  -0.0178 34  MET A CG  
149 S SD  . MET A 22 ? 0.4047 0.5085 0.3825 0.0304  0.0515  -0.0160 34  MET A SD  
150 C CE  . MET A 22 ? 0.3372 0.4344 0.3082 0.0201  0.0595  -0.0006 34  MET A CE  
151 N N   . ARG A 23 ? 0.1878 0.2322 0.1487 0.0193  0.0102  -0.0053 35  ARG A N   
152 C CA  . ARG A 23 ? 0.1924 0.2263 0.1527 0.0148  0.0085  0.0006  35  ARG A CA  
153 C C   . ARG A 23 ? 0.1818 0.2059 0.1393 0.0169  0.0011  -0.0006 35  ARG A C   
154 O O   . ARG A 23 ? 0.1848 0.2013 0.1443 0.0148  -0.0005 0.0033  35  ARG A O   
155 C CB  . ARG A 23 ? 0.1942 0.2320 0.1718 0.0084  0.0111  0.0001  35  ARG A CB  
156 C CG  . ARG A 23 ? 0.2306 0.2766 0.2161 0.0041  0.0210  0.0046  35  ARG A CG  
157 C CD  . ARG A 23 ? 0.2838 0.3359 0.2931 -0.0029 0.0230  0.0014  35  ARG A CD  
158 N NE  . ARG A 23 ? 0.2790 0.3390 0.2999 -0.0082 0.0354  0.0084  35  ARG A NE  
159 C CZ  . ARG A 23 ? 0.2593 0.3106 0.2879 -0.0149 0.0431  0.0193  35  ARG A CZ  
160 N NH1 . ARG A 23 ? 0.2984 0.3587 0.3399 -0.0200 0.0570  0.0268  35  ARG A NH1 
161 N NH2 . ARG A 23 ? 0.2772 0.3111 0.3032 -0.0160 0.0385  0.0235  35  ARG A NH2 
162 N N   . CYS A 24 ? 0.1796 0.2039 0.1364 0.0211  -0.0023 -0.0051 36  CYS A N   
163 C CA  . CYS A 24 ? 0.1763 0.1924 0.1352 0.0222  -0.0063 -0.0048 36  CYS A CA  
164 C C   . CYS A 24 ? 0.1801 0.1912 0.1376 0.0260  -0.0102 -0.0078 36  CYS A C   
165 O O   . CYS A 24 ? 0.1800 0.1852 0.1442 0.0268  -0.0115 -0.0071 36  CYS A O   
166 C CB  . CYS A 24 ? 0.1811 0.1993 0.1434 0.0229  -0.0055 -0.0052 36  CYS A CB  
167 S SG  . CYS A 24 ? 0.1803 0.2054 0.1470 0.0187  -0.0036 -0.0080 36  CYS A SG  
168 N N   . ASN A 25 ? 0.1645 0.1777 0.1137 0.0284  -0.0111 -0.0117 37  ASN A N   
169 C CA  . ASN A 25 ? 0.1734 0.1809 0.1213 0.0318  -0.0169 -0.0185 37  ASN A CA  
170 C C   . ASN A 25 ? 0.1785 0.1804 0.1372 0.0351  -0.0179 -0.0224 37  ASN A C   
171 O O   . ASN A 25 ? 0.1968 0.1903 0.1628 0.0359  -0.0233 -0.0279 37  ASN A O   
172 C CB  . ASN A 25 ? 0.1822 0.1844 0.1341 0.0294  -0.0240 -0.0176 37  ASN A CB  
173 C CG  . ASN A 25 ? 0.1849 0.1902 0.1229 0.0294  -0.0258 -0.0139 37  ASN A CG  
174 O OD1 . ASN A 25 ? 0.1839 0.1934 0.1042 0.0328  -0.0247 -0.0163 37  ASN A OD1 
175 N ND2 . ASN A 25 ? 0.1849 0.1886 0.1305 0.0266  -0.0273 -0.0072 37  ASN A ND2 
176 N N   . ARG A 26 ? 0.1774 0.1837 0.1390 0.0376  -0.0137 -0.0198 38  ARG A N   
177 C CA  . ARG A 26 ? 0.1895 0.1885 0.1612 0.0424  -0.0150 -0.0196 38  ARG A CA  
178 C C   . ARG A 26 ? 0.2020 0.2013 0.1751 0.0491  -0.0157 -0.0302 38  ARG A C   
179 O O   . ARG A 26 ? 0.2198 0.2264 0.1963 0.0549  -0.0133 -0.0313 38  ARG A O   
180 C CB  . ARG A 26 ? 0.1876 0.1911 0.1603 0.0443  -0.0128 -0.0115 38  ARG A CB  
181 C CG  . ARG A 26 ? 0.1854 0.1864 0.1557 0.0396  -0.0111 -0.0034 38  ARG A CG  
182 C CD  . ARG A 26 ? 0.1953 0.1824 0.1750 0.0383  -0.0100 0.0022  38  ARG A CD  
183 N NE  . ARG A 26 ? 0.2278 0.2054 0.2147 0.0440  -0.0103 0.0071  38  ARG A NE  
184 C CZ  . ARG A 26 ? 0.2367 0.2106 0.2200 0.0477  -0.0072 0.0195  38  ARG A CZ  
185 N NH1 . ARG A 26 ? 0.2247 0.2055 0.1943 0.0466  -0.0035 0.0256  38  ARG A NH1 
186 N NH2 . ARG A 26 ? 0.2385 0.2000 0.2308 0.0535  -0.0076 0.0259  38  ARG A NH2 
187 N N   . SER A 27 ? 0.2097 0.2018 0.1821 0.0490  -0.0200 -0.0395 39  SER A N   
188 C CA  . SER A 27 ? 0.2344 0.2245 0.2064 0.0559  -0.0215 -0.0540 39  SER A CA  
189 C C   . SER A 27 ? 0.2499 0.2284 0.2415 0.0621  -0.0225 -0.0562 39  SER A C   
190 O O   . SER A 27 ? 0.2655 0.2430 0.2601 0.0698  -0.0222 -0.0693 39  SER A O   
191 C CB  . SER A 27 ? 0.2545 0.2380 0.2228 0.0537  -0.0296 -0.0647 39  SER A CB  
192 O OG  . SER A 27 ? 0.2279 0.1994 0.2152 0.0478  -0.0347 -0.0598 39  SER A OG  
193 N N   . ASP A 28 ? 0.2408 0.2092 0.2451 0.0595  -0.0229 -0.0432 40  ASP A N   
194 C CA  . ASP A 28 ? 0.2739 0.2271 0.2972 0.0653  -0.0237 -0.0401 40  ASP A CA  
195 C C   . ASP A 28 ? 0.2838 0.2455 0.3074 0.0740  -0.0213 -0.0336 40  ASP A C   
196 O O   . ASP A 28 ? 0.3013 0.2516 0.3403 0.0824  -0.0227 -0.0323 40  ASP A O   
197 C CB  . ASP A 28 ? 0.2768 0.2160 0.3122 0.0591  -0.0229 -0.0254 40  ASP A CB  
198 C CG  . ASP A 28 ? 0.2829 0.2325 0.3038 0.0547  -0.0184 -0.0103 40  ASP A CG  
199 O OD1 . ASP A 28 ? 0.2739 0.2379 0.2804 0.0504  -0.0182 -0.0138 40  ASP A OD1 
200 O OD2 . ASP A 28 ? 0.3193 0.2620 0.3433 0.0559  -0.0148 0.0053  40  ASP A OD2 
201 N N   . LEU A 29 ? 0.2793 0.2602 0.2895 0.0726  -0.0189 -0.0295 41  LEU A N   
202 C CA  . LEU A 29 ? 0.2851 0.2777 0.2990 0.0804  -0.0193 -0.0242 41  LEU A CA  
203 C C   . LEU A 29 ? 0.3052 0.3083 0.3290 0.0893  -0.0173 -0.0377 41  LEU A C   
204 O O   . LEU A 29 ? 0.2976 0.3067 0.3148 0.0874  -0.0129 -0.0505 41  LEU A O   
205 C CB  . LEU A 29 ? 0.2693 0.2790 0.2711 0.0746  -0.0184 -0.0176 41  LEU A CB  
206 C CG  . LEU A 29 ? 0.2740 0.2745 0.2663 0.0684  -0.0188 -0.0055 41  LEU A CG  
207 C CD1 . LEU A 29 ? 0.2752 0.2914 0.2567 0.0633  -0.0185 -0.0034 41  LEU A CD1 
208 C CD2 . LEU A 29 ? 0.2857 0.2720 0.2824 0.0752  -0.0210 0.0077  41  LEU A CD2 
209 N N   . PRO A 30 ? 0.3218 0.3276 0.3609 0.1006  -0.0204 -0.0348 42  PRO A N   
210 C CA  . PRO A 30 ? 0.3369 0.3541 0.3906 0.1104  -0.0171 -0.0488 42  PRO A CA  
211 C C   . PRO A 30 ? 0.3263 0.3718 0.3768 0.1069  -0.0099 -0.0549 42  PRO A C   
212 O O   . PRO A 30 ? 0.3097 0.3649 0.3495 0.0974  -0.0097 -0.0475 42  PRO A O   
213 C CB  . PRO A 30 ? 0.3537 0.3694 0.4273 0.1236  -0.0240 -0.0406 42  PRO A CB  
214 C CG  . PRO A 30 ? 0.3480 0.3492 0.4117 0.1207  -0.0302 -0.0211 42  PRO A CG  
215 C CD  . PRO A 30 ? 0.3382 0.3374 0.3809 0.1059  -0.0269 -0.0180 42  PRO A CD  
216 N N   . ASP A 31 ? 0.3303 0.3887 0.3929 0.1149  -0.0029 -0.0685 43  ASP A N   
217 C CA  . ASP A 31 ? 0.3319 0.4178 0.3957 0.1114  0.0078  -0.0733 43  ASP A CA  
218 C C   . ASP A 31 ? 0.3298 0.4379 0.4149 0.1127  0.0037  -0.0663 43  ASP A C   
219 O O   . ASP A 31 ? 0.3117 0.4147 0.4075 0.1196  -0.0085 -0.0587 43  ASP A O   
220 C CB  . ASP A 31 ? 0.3492 0.4439 0.4178 0.1200  0.0199  -0.0907 43  ASP A CB  
221 C CG  . ASP A 31 ? 0.3718 0.4655 0.4691 0.1364  0.0170  -0.0991 43  ASP A CG  
222 O OD1 . ASP A 31 ? 0.3905 0.4927 0.5111 0.1422  0.0090  -0.0909 43  ASP A OD1 
223 O OD2 . ASP A 31 ? 0.3800 0.4652 0.4769 0.1448  0.0221  -0.1153 43  ASP A OD2 
224 N N   . GLU A 32 ? 0.3319 0.4647 0.4239 0.1062  0.0132  -0.0683 44  GLU A N   
225 C CA  . GLU A 32 ? 0.3330 0.4896 0.4494 0.1047  0.0081  -0.0646 44  GLU A CA  
226 C C   . GLU A 32 ? 0.3236 0.4930 0.4718 0.1204  0.0009  -0.0689 44  GLU A C   
227 O O   . GLU A 32 ? 0.3190 0.4959 0.4795 0.1241  -0.0141 -0.0630 44  GLU A O   
228 C CB  . GLU A 32 ? 0.3403 0.5212 0.4674 0.0945  0.0229  -0.0672 44  GLU A CB  
229 C CG  . GLU A 32 ? 0.3758 0.5827 0.5351 0.0910  0.0159  -0.0663 44  GLU A CG  
230 C CD  . GLU A 32 ? 0.4242 0.6585 0.6092 0.0823  0.0332  -0.0697 44  GLU A CD  
231 O OE1 . GLU A 32 ? 0.4305 0.6724 0.6242 0.0692  0.0321  -0.0660 44  GLU A OE1 
232 O OE2 . GLU A 32 ? 0.4799 0.7283 0.6787 0.0888  0.0489  -0.0766 44  GLU A OE2 
233 N N   . GLN A 33 ? 0.3266 0.4995 0.4877 0.1310  0.0108  -0.0800 45  GLN A N   
234 C CA  . GLN A 33 ? 0.3313 0.5150 0.5265 0.1481  0.0043  -0.0849 45  GLN A CA  
235 C C   . GLN A 33 ? 0.3274 0.4854 0.5165 0.1572  -0.0142 -0.0743 45  GLN A C   
236 O O   . GLN A 33 ? 0.3087 0.4770 0.5189 0.1673  -0.0283 -0.0685 45  GLN A O   
237 C CB  . GLN A 33 ? 0.3518 0.5381 0.5585 0.1590  0.0195  -0.1010 45  GLN A CB  
238 C CG  . GLN A 33 ? 0.4007 0.6014 0.6499 0.1781  0.0144  -0.1074 45  GLN A CG  
239 C CD  . GLN A 33 ? 0.4629 0.6621 0.7229 0.1912  0.0293  -0.1261 45  GLN A CD  
240 O OE1 . GLN A 33 ? 0.5149 0.6997 0.7453 0.1864  0.0414  -0.1349 45  GLN A OE1 
241 N NE2 . GLN A 33 ? 0.4669 0.6817 0.7694 0.2088  0.0273  -0.1335 45  GLN A NE2 
242 N N   . SER A 34 ? 0.3177 0.4431 0.4796 0.1540  -0.0142 -0.0710 46  SER A N   
243 C CA  . SER A 34 ? 0.3351 0.4333 0.4909 0.1607  -0.0282 -0.0576 46  SER A CA  
244 C C   . SER A 34 ? 0.3205 0.4231 0.4632 0.1556  -0.0409 -0.0413 46  SER A C   
245 O O   . SER A 34 ? 0.3272 0.4265 0.4765 0.1670  -0.0545 -0.0297 46  SER A O   
246 C CB  . SER A 34 ? 0.3446 0.4097 0.4788 0.1549  -0.0242 -0.0581 46  SER A CB  
247 O OG  . SER A 34 ? 0.3874 0.4452 0.5353 0.1638  -0.0168 -0.0752 46  SER A OG  
248 N N   . ILE A 35 ? 0.2922 0.4025 0.4158 0.1399  -0.0367 -0.0408 47  ILE A N   
249 C CA  . ILE A 35 ? 0.3014 0.4167 0.4101 0.1342  -0.0475 -0.0298 47  ILE A CA  
250 C C   . ILE A 35 ? 0.3000 0.4444 0.4333 0.1431  -0.0599 -0.0314 47  ILE A C   
251 O O   . ILE A 35 ? 0.3158 0.4596 0.4413 0.1505  -0.0756 -0.0209 47  ILE A O   
252 C CB  . ILE A 35 ? 0.2815 0.4006 0.3722 0.1160  -0.0393 -0.0326 47  ILE A CB  
253 C CG1 . ILE A 35 ? 0.2850 0.3763 0.3514 0.1086  -0.0315 -0.0296 47  ILE A CG1 
254 C CG2 . ILE A 35 ? 0.2930 0.4217 0.3735 0.1113  -0.0504 -0.0270 47  ILE A CG2 
255 C CD1 . ILE A 35 ? 0.2785 0.3728 0.3314 0.0935  -0.0217 -0.0336 47  ILE A CD1 
256 N N   . LEU A 36 ? 0.2965 0.4677 0.4601 0.1430  -0.0530 -0.0445 48  LEU A N   
257 C CA  . LEU A 36 ? 0.3044 0.5080 0.5016 0.1511  -0.0653 -0.0488 48  LEU A CA  
258 C C   . LEU A 36 ? 0.3387 0.5389 0.5517 0.1727  -0.0793 -0.0428 48  LEU A C   
259 O O   . LEU A 36 ? 0.3435 0.5589 0.5648 0.1817  -0.0990 -0.0379 48  LEU A O   
260 C CB  . LEU A 36 ? 0.2893 0.5233 0.5211 0.1452  -0.0507 -0.0634 48  LEU A CB  
261 C CG  . LEU A 36 ? 0.2624 0.5051 0.4867 0.1248  -0.0415 -0.0661 48  LEU A CG  
262 C CD1 . LEU A 36 ? 0.2921 0.5589 0.5464 0.1186  -0.0208 -0.0763 48  LEU A CD1 
263 C CD2 . LEU A 36 ? 0.2751 0.5344 0.5063 0.1208  -0.0606 -0.0660 48  LEU A CD2 
264 N N   . ASN A 37 ? 0.3654 0.5451 0.5825 0.1817  -0.0706 -0.0436 49  ASN A N   
265 C CA  . ASN A 37 ? 0.4058 0.5750 0.6394 0.2029  -0.0827 -0.0361 49  ASN A CA  
266 C C   . ASN A 37 ? 0.4310 0.5784 0.6343 0.2075  -0.0989 -0.0145 49  ASN A C   
267 O O   . ASN A 37 ? 0.4562 0.6093 0.6699 0.2240  -0.1167 -0.0044 49  ASN A O   
268 C CB  . ASN A 37 ? 0.4205 0.5635 0.6601 0.2095  -0.0699 -0.0418 49  ASN A CB  
269 C CG  . ASN A 37 ? 0.4486 0.6139 0.7194 0.2118  -0.0536 -0.0635 49  ASN A CG  
270 O OD1 . ASN A 37 ? 0.4695 0.6718 0.7671 0.2114  -0.0521 -0.0718 49  ASN A OD1 
271 N ND2 . ASN A 37 ? 0.4923 0.6355 0.7599 0.2141  -0.0404 -0.0738 49  ASN A ND2 
272 N N   . VAL A 38 ? 0.4369 0.5593 0.6026 0.1938  -0.0918 -0.0067 50  VAL A N   
273 C CA  . VAL A 38 ? 0.4673 0.5682 0.6003 0.1961  -0.1016 0.0147  50  VAL A CA  
274 C C   . VAL A 38 ? 0.4755 0.6013 0.5943 0.1961  -0.1176 0.0179  50  VAL A C   
275 O O   . VAL A 38 ? 0.5121 0.6340 0.6159 0.2090  -0.1333 0.0344  50  VAL A O   
276 C CB  . VAL A 38 ? 0.4606 0.5326 0.5636 0.1806  -0.0877 0.0195  50  VAL A CB  
277 C CG1 . VAL A 38 ? 0.4939 0.5491 0.5620 0.1812  -0.0941 0.0416  50  VAL A CG1 
278 C CG2 . VAL A 38 ? 0.4743 0.5193 0.5918 0.1829  -0.0768 0.0160  50  VAL A CG2 
279 N N   . ALA A 39 ? 0.4560 0.6072 0.5804 0.1822  -0.1145 0.0021  51  ALA A N   
280 C CA  . ALA A 39 ? 0.4656 0.6439 0.5855 0.1817  -0.1313 -0.0015 51  ALA A CA  
281 C C   . ALA A 39 ? 0.4899 0.6945 0.6413 0.2004  -0.1518 -0.0029 51  ALA A C   
282 O O   . ALA A 39 ? 0.5152 0.7307 0.6515 0.2094  -0.1728 0.0032  51  ALA A O   
283 C CB  . ALA A 39 ? 0.4330 0.6316 0.5642 0.1625  -0.1223 -0.0194 51  ALA A CB  
284 N N   . ASN A 40 ? 0.4937 0.7094 0.6882 0.2075  -0.1459 -0.0118 52  ASN A N   
285 C CA  . ASN A 40 ? 0.5165 0.7580 0.7494 0.2273  -0.1641 -0.0138 52  ASN A CA  
286 C C   . ASN A 40 ? 0.5666 0.7844 0.7823 0.2486  -0.1790 0.0089  52  ASN A C   
287 O O   . ASN A 40 ? 0.5884 0.8235 0.8077 0.2647  -0.2039 0.0155  52  ASN A O   
288 C CB  . ASN A 40 ? 0.5016 0.7592 0.7856 0.2300  -0.1494 -0.0295 52  ASN A CB  
289 C CG  . ASN A 40 ? 0.5075 0.7998 0.8423 0.2492  -0.1673 -0.0353 52  ASN A CG  
290 O OD1 . ASN A 40 ? 0.5213 0.8421 0.8652 0.2523  -0.1895 -0.0376 52  ASN A OD1 
291 N ND2 . ASN A 40 ? 0.5030 0.7942 0.8734 0.2628  -0.1586 -0.0397 52  ASN A ND2 
292 N N   . ARG A 41 ? 0.5867 0.7647 0.7848 0.2491  -0.1647 0.0212  53  ARG A N   
293 C CA  . ARG A 41 ? 0.6391 0.7870 0.8176 0.2664  -0.1744 0.0470  53  ARG A CA  
294 C C   . ARG A 41 ? 0.6654 0.8127 0.7955 0.2674  -0.1898 0.0640  53  ARG A C   
295 O O   . ARG A 41 ? 0.6963 0.8508 0.8205 0.2870  -0.2120 0.0785  53  ARG A O   
296 C CB  . ARG A 41 ? 0.6452 0.7496 0.8135 0.2604  -0.1538 0.0549  53  ARG A CB  
297 C CG  . ARG A 41 ? 0.7178 0.7864 0.8724 0.2765  -0.1601 0.0838  53  ARG A CG  
298 C CD  . ARG A 41 ? 0.7556 0.7815 0.9102 0.2688  -0.1401 0.0885  53  ARG A CD  
299 N NE  . ARG A 41 ? 0.7650 0.7800 0.8873 0.2458  -0.1247 0.0861  53  ARG A NE  
300 C CZ  . ARG A 41 ? 0.8006 0.8036 0.8815 0.2396  -0.1242 0.1055  53  ARG A CZ  
301 N NH1 . ARG A 41 ? 0.8456 0.8457 0.9044 0.2546  -0.1383 0.1303  53  ARG A NH1 
302 N NH2 . ARG A 41 ? 0.7866 0.7819 0.8469 0.2192  -0.1093 0.1001  53  ARG A NH2 
303 N N   . ILE A 42 ? 0.6588 0.7988 0.7537 0.2478  -0.1782 0.0614  54  ILE A N   
304 C CA  . ILE A 42 ? 0.6868 0.8265 0.7318 0.2472  -0.1884 0.0737  54  ILE A CA  
305 C C   . ILE A 42 ? 0.7069 0.8851 0.7553 0.2583  -0.2164 0.0656  54  ILE A C   
306 O O   . ILE A 42 ? 0.7505 0.9270 0.7684 0.2750  -0.2348 0.0839  54  ILE A O   
307 C CB  . ILE A 42 ? 0.6616 0.7956 0.6802 0.2233  -0.1714 0.0642  54  ILE A CB  
308 C CG1 . ILE A 42 ? 0.6594 0.7539 0.6642 0.2148  -0.1486 0.0774  54  ILE A CG1 
309 C CG2 . ILE A 42 ? 0.6883 0.8322 0.6617 0.2236  -0.1836 0.0680  54  ILE A CG2 
310 C CD1 . ILE A 42 ? 0.6340 0.7242 0.6221 0.1927  -0.1319 0.0667  54  ILE A CD1 
311 N N   . ALA A 43 ? 0.6801 0.8926 0.7661 0.2492  -0.2197 0.0390  55  ALA A N   
312 C CA  . ALA A 43 ? 0.6947 0.9487 0.7977 0.2577  -0.2477 0.0258  55  ALA A CA  
313 C C   . ALA A 43 ? 0.7308 0.9935 0.8493 0.2858  -0.2718 0.0396  55  ALA A C   
314 O O   . ALA A 43 ? 0.7672 1.0461 0.8630 0.2996  -0.2991 0.0448  55  ALA A O   
315 C CB  . ALA A 43 ? 0.6547 0.9421 0.8120 0.2432  -0.2423 -0.0030 55  ALA A CB  
316 N N   . ILE A 44 ? 0.7283 0.9801 0.8848 0.2952  -0.2626 0.0446  56  ILE A N   
317 C CA  . ILE A 44 ? 0.7666 1.0237 0.9462 0.3233  -0.2839 0.0582  56  ILE A CA  
318 C C   . ILE A 44 ? 0.8207 1.0456 0.9456 0.3401  -0.2941 0.0928  56  ILE A C   
319 O O   . ILE A 44 ? 0.8619 1.0993 0.9836 0.3637  -0.3220 0.1058  56  ILE A O   
320 C CB  . ILE A 44 ? 0.7506 0.9994 0.9844 0.3293  -0.2681 0.0536  56  ILE A CB  
321 C CG1 . ILE A 44 ? 0.7127 1.0027 1.0041 0.3188  -0.2620 0.0221  56  ILE A CG1 
322 C CG2 . ILE A 44 ? 0.7912 1.0345 1.0451 0.3605  -0.2881 0.0729  56  ILE A CG2 
323 C CD1 . ILE A 44 ? 0.7106 0.9993 1.0557 0.3268  -0.2466 0.0139  56  ILE A CD1 
324 N N   . GLY A 45 ? 0.8271 1.0119 0.9106 0.3283  -0.2714 0.1083  57  GLY A N   
325 C CA  . GLY A 45 ? 0.8789 1.0332 0.9058 0.3401  -0.2755 0.1423  57  GLY A CA  
326 C C   . GLY A 45 ? 0.9087 1.0851 0.8845 0.3434  -0.2961 0.1433  57  GLY A C   
327 O O   . GLY A 45 ? 0.9642 1.1378 0.9063 0.3653  -0.3162 0.1675  57  GLY A O   
328 N N   . LYS A 46 ? 0.8788 1.0766 0.8476 0.3227  -0.2919 0.1168  58  LYS A N   
329 C CA  . LYS A 46 ? 0.9077 1.1297 0.8326 0.3246  -0.3125 0.1094  58  LYS A CA  
330 C C   . LYS A 46 ? 0.9266 1.1924 0.8773 0.3425  -0.3503 0.0958  58  LYS A C   
331 O O   . LYS A 46 ? 0.9542 1.2438 0.8719 0.3464  -0.3728 0.0859  58  LYS A O   
332 C CB  . LYS A 46 ? 0.8692 1.1000 0.7879 0.2971  -0.2973 0.0824  58  LYS A CB  
333 C CG  . LYS A 46 ? 0.8890 1.0890 0.7483 0.2866  -0.2755 0.0966  58  LYS A CG  
334 C CD  . LYS A 46 ? 0.8862 1.0463 0.7546 0.2777  -0.2443 0.1144  58  LYS A CD  
335 C CE  . LYS A 46 ? 0.8784 1.0192 0.7140 0.2576  -0.2189 0.1133  58  LYS A CE  
336 N NZ  . LYS A 46 ? 0.8390 0.9982 0.7007 0.2357  -0.2119 0.0805  58  LYS A NZ  
337 N N   . GLY A 47 ? 0.9153 1.1931 0.9266 0.3536  -0.3578 0.0933  59  GLY A N   
338 C CA  . GLY A 47 ? 0.9298 1.2519 0.9779 0.3714  -0.3938 0.0800  59  GLY A CA  
339 C C   . GLY A 47 ? 0.8860 1.2512 0.9859 0.3531  -0.3982 0.0399  59  GLY A C   
340 O O   . GLY A 47 ? 0.8971 1.3041 1.0285 0.3642  -0.4297 0.0243  59  GLY A O   
341 N N   . TRP A 48 ? 0.8380 1.1933 0.9492 0.3253  -0.3674 0.0243  60  TRP A N   
342 C CA  . TRP A 48 ? 0.7977 1.1887 0.9593 0.3052  -0.3658 -0.0104 60  TRP A CA  
343 C C   . TRP A 48 ? 0.7681 1.1771 1.0076 0.3065  -0.3564 -0.0202 60  TRP A C   
344 O O   . TRP A 48 ? 0.7459 1.1311 0.9985 0.2969  -0.3254 -0.0164 60  TRP A O   
345 C CB  . TRP A 48 ? 0.7633 1.1346 0.9009 0.2764  -0.3368 -0.0202 60  TRP A CB  
346 C CG  . TRP A 48 ? 0.7900 1.1430 0.8531 0.2744  -0.3406 -0.0125 60  TRP A CG  
347 C CD1 . TRP A 48 ? 0.8414 1.2052 0.8605 0.2919  -0.3706 -0.0071 60  TRP A CD1 
348 C CD2 . TRP A 48 ? 0.7691 1.0926 0.7935 0.2547  -0.3135 -0.0107 60  TRP A CD2 
349 N NE1 . TRP A 48 ? 0.8531 1.1955 0.8069 0.2844  -0.3611 -0.0023 60  TRP A NE1 
350 C CE2 . TRP A 48 ? 0.8134 1.1311 0.7724 0.2615  -0.3263 -0.0045 60  TRP A CE2 
351 C CE3 . TRP A 48 ? 0.7259 1.0284 0.7634 0.2333  -0.2804 -0.0138 60  TRP A CE3 
352 C CZ2 . TRP A 48 ? 0.8112 1.1038 0.7235 0.2472  -0.3052 -0.0022 60  TRP A CZ2 
353 C CZ3 . TRP A 48 ? 0.7195 0.9968 0.7112 0.2195  -0.2624 -0.0106 60  TRP A CZ3 
354 C CH2 . TRP A 48 ? 0.7634 1.0365 0.6960 0.2264  -0.2741 -0.0052 60  TRP A CH2 
355 N N   . GLN A 49 ? 0.7749 1.2280 1.0666 0.3187  -0.3836 -0.0346 61  GLN A N   
356 C CA  . GLN A 49 ? 0.7542 1.2292 1.1226 0.3255  -0.3777 -0.0427 61  GLN A CA  
357 C C   . GLN A 49 ? 0.7032 1.2103 1.1316 0.3011  -0.3609 -0.0723 61  GLN A C   
358 O O   . GLN A 49 ? 0.6803 1.1925 1.1584 0.2975  -0.3371 -0.0779 61  GLN A O   
359 C CB  . GLN A 49 ? 0.7932 1.2999 1.1919 0.3552  -0.4166 -0.0393 61  GLN A CB  
360 C CG  . GLN A 49 ? 0.8574 1.3316 1.1939 0.3811  -0.4341 -0.0056 61  GLN A CG  
361 C CD  . GLN A 49 ? 0.9079 1.4064 1.2782 0.4144  -0.4690 0.0035  61  GLN A CD  
362 O OE1 . GLN A 49 ? 0.9251 1.4739 1.3411 0.4207  -0.4987 -0.0170 61  GLN A OE1 
363 N NE2 . GLN A 49 ? 0.9493 1.4117 1.3004 0.4362  -0.4667 0.0347  61  GLN A NE2 
364 N N   . SER A 50 ? 0.6880 1.2150 1.1106 0.2844  -0.3717 -0.0909 62  SER A N   
365 C CA  . SER A 50 ? 0.6420 1.1998 1.1244 0.2601  -0.3578 -0.1175 62  SER A CA  
366 C C   . SER A 50 ? 0.5888 1.1176 1.0623 0.2364  -0.3137 -0.1160 62  SER A C   
367 O O   . SER A 50 ? 0.5595 1.1089 1.0896 0.2224  -0.2928 -0.1294 62  SER A O   
368 C CB  . SER A 50 ? 0.6551 1.2367 1.1321 0.2484  -0.3826 -0.1385 62  SER A CB  
369 O OG  . SER A 50 ? 0.6573 1.2036 1.0703 0.2314  -0.3677 -0.1353 62  SER A OG  
370 N N   . LEU A 51 ? 0.5745 1.0575 0.9775 0.2322  -0.2999 -0.0991 63  LEU A N   
371 C CA  . LEU A 51 ? 0.5292 0.9844 0.9169 0.2099  -0.2628 -0.0980 63  LEU A CA  
372 C C   . LEU A 51 ? 0.4945 0.9425 0.9126 0.2126  -0.2352 -0.0933 63  LEU A C   
373 O O   . LEU A 51 ? 0.5128 0.9422 0.9196 0.2316  -0.2363 -0.0784 63  LEU A O   
374 C CB  . LEU A 51 ? 0.5414 0.9511 0.8507 0.2076  -0.2562 -0.0805 63  LEU A CB  
375 C CG  . LEU A 51 ? 0.5600 0.9680 0.8271 0.1993  -0.2715 -0.0868 63  LEU A CG  
376 C CD1 . LEU A 51 ? 0.5495 0.9119 0.7482 0.1955  -0.2552 -0.0683 63  LEU A CD1 
377 C CD2 . LEU A 51 ? 0.5454 0.9749 0.8486 0.1755  -0.2649 -0.1108 63  LEU A CD2 
378 N N   . THR A 52 ? 0.4426 0.9040 0.8981 0.1939  -0.2099 -0.1062 64  THR A N   
379 C CA  . THR A 52 ? 0.4093 0.8635 0.8857 0.1944  -0.1797 -0.1045 64  THR A CA  
380 C C   . THR A 52 ? 0.3858 0.8037 0.8171 0.1761  -0.1515 -0.0984 64  THR A C   
381 O O   . THR A 52 ? 0.3662 0.7740 0.7684 0.1598  -0.1523 -0.0992 64  THR A O   
382 C CB  . THR A 52 ? 0.3957 0.8949 0.9480 0.1883  -0.1686 -0.1218 64  THR A CB  
383 O OG1 . THR A 52 ? 0.3680 0.8798 0.9319 0.1633  -0.1606 -0.1322 64  THR A OG1 
384 C CG2 . THR A 52 ? 0.3966 0.9360 1.0017 0.2071  -0.1983 -0.1295 64  THR A CG2 
385 N N   . GLN A 53 ? 0.3688 0.7673 0.7948 0.1796  -0.1278 -0.0939 65  GLN A N   
386 C CA  . GLN A 53 ? 0.3515 0.7204 0.7398 0.1632  -0.1018 -0.0901 65  GLN A CA  
387 C C   . GLN A 53 ? 0.3218 0.7113 0.7345 0.1414  -0.0832 -0.1002 65  GLN A C   
388 O O   . GLN A 53 ? 0.3107 0.6796 0.6898 0.1254  -0.0726 -0.0963 65  GLN A O   
389 C CB  . GLN A 53 ? 0.3580 0.7045 0.7375 0.1727  -0.0827 -0.0869 65  GLN A CB  
390 C CG  . GLN A 53 ? 0.3833 0.6983 0.7335 0.1903  -0.0972 -0.0735 65  GLN A CG  
391 C CD  . GLN A 53 ? 0.3965 0.6897 0.7460 0.1997  -0.0802 -0.0746 65  GLN A CD  
392 O OE1 . GLN A 53 ? 0.3939 0.6718 0.7232 0.1882  -0.0589 -0.0784 65  GLN A OE1 
393 N NE2 . GLN A 53 ? 0.4239 0.7155 0.7962 0.2217  -0.0907 -0.0723 65  GLN A NE2 
394 N N   . GLU A 54 ? 0.3048 0.7343 0.7784 0.1410  -0.0783 -0.1118 66  GLU A N   
395 C CA  . GLU A 54 ? 0.2852 0.7335 0.7860 0.1190  -0.0598 -0.1186 66  GLU A CA  
396 C C   . GLU A 54 ? 0.2707 0.7211 0.7669 0.1043  -0.0781 -0.1221 66  GLU A C   
397 O O   . GLU A 54 ? 0.2592 0.6990 0.7446 0.0851  -0.0630 -0.1208 66  GLU A O   
398 C CB  . GLU A 54 ? 0.2806 0.7738 0.8542 0.1205  -0.0477 -0.1298 66  GLU A CB  
399 C CG  . GLU A 54 ? 0.2987 0.8297 0.9255 0.1291  -0.0767 -0.1405 66  GLU A CG  
400 C CD  . GLU A 54 ? 0.3143 0.8899 1.0164 0.1352  -0.0636 -0.1511 66  GLU A CD  
401 O OE1 . GLU A 54 ? 0.3161 0.9087 1.0496 0.1186  -0.0342 -0.1541 66  GLU A OE1 
402 O OE2 . GLU A 54 ? 0.3159 0.9096 1.0467 0.1571  -0.0816 -0.1550 66  GLU A OE2 
403 N N   . ASP A 55 ? 0.2730 0.7371 0.7766 0.1147  -0.1111 -0.1272 67  ASP A N   
404 C CA  . ASP A 55 ? 0.2719 0.7368 0.7649 0.1037  -0.1319 -0.1340 67  ASP A CA  
405 C C   . ASP A 55 ? 0.2624 0.6832 0.6859 0.0963  -0.1258 -0.1230 67  ASP A C   
406 O O   . ASP A 55 ? 0.2469 0.6595 0.6642 0.0779  -0.1193 -0.1269 67  ASP A O   
407 C CB  . ASP A 55 ? 0.2912 0.7750 0.7891 0.1210  -0.1708 -0.1399 67  ASP A CB  
408 C CG  . ASP A 55 ? 0.3162 0.8512 0.8930 0.1241  -0.1844 -0.1564 67  ASP A CG  
409 O OD1 . ASP A 55 ? 0.3253 0.8820 0.9561 0.1136  -0.1605 -0.1620 67  ASP A OD1 
410 O OD2 . ASP A 55 ? 0.3115 0.8666 0.8963 0.1378  -0.2193 -0.1634 67  ASP A OD2 
411 N N   . ILE A 56 ? 0.2639 0.6561 0.6396 0.1109  -0.1274 -0.1091 68  ILE A N   
412 C CA  . ILE A 56 ? 0.2657 0.6175 0.5787 0.1056  -0.1214 -0.0977 68  ILE A CA  
413 C C   . ILE A 56 ? 0.2487 0.5846 0.5560 0.0881  -0.0917 -0.0951 68  ILE A C   
414 O O   . ILE A 56 ? 0.2421 0.5594 0.5227 0.0752  -0.0878 -0.0937 68  ILE A O   
415 C CB  . ILE A 56 ? 0.2757 0.6002 0.5485 0.1237  -0.1253 -0.0822 68  ILE A CB  
416 C CG1 . ILE A 56 ? 0.3104 0.6453 0.5771 0.1420  -0.1559 -0.0798 68  ILE A CG1 
417 C CG2 . ILE A 56 ? 0.2706 0.5558 0.4883 0.1161  -0.1139 -0.0709 68  ILE A CG2 
418 C CD1 . ILE A 56 ? 0.3212 0.6386 0.5734 0.1630  -0.1596 -0.0644 68  ILE A CD1 
419 N N   . ARG A 57 ? 0.2444 0.5881 0.5757 0.0894  -0.0711 -0.0944 69  ARG A N   
420 C CA  . ARG A 57 ? 0.2453 0.5759 0.5675 0.0756  -0.0426 -0.0902 69  ARG A CA  
421 C C   . ARG A 57 ? 0.2386 0.5825 0.5879 0.0555  -0.0352 -0.0957 69  ARG A C   
422 O O   . ARG A 57 ? 0.2303 0.5515 0.5526 0.0429  -0.0246 -0.0895 69  ARG A O   
423 C CB  . ARG A 57 ? 0.2526 0.5938 0.5950 0.0834  -0.0222 -0.0909 69  ARG A CB  
424 C CG  . ARG A 57 ? 0.2845 0.6096 0.6044 0.0733  0.0063  -0.0850 69  ARG A CG  
425 C CD  . ARG A 57 ? 0.3458 0.6936 0.6966 0.0776  0.0295  -0.0897 69  ARG A CD  
426 N NE  . ARG A 57 ? 0.3782 0.7634 0.7873 0.0685  0.0359  -0.0959 69  ARG A NE  
427 C CZ  . ARG A 57 ? 0.4258 0.8464 0.8884 0.0775  0.0367  -0.1053 69  ARG A CZ  
428 N NH1 . ARG A 57 ? 0.4478 0.8706 0.9128 0.0978  0.0316  -0.1098 69  ARG A NH1 
429 N NH2 . ARG A 57 ? 0.4389 0.8933 0.9580 0.0660  0.0430  -0.1106 69  ARG A NH2 
430 N N   . LYS A 58 ? 0.2375 0.6172 0.6434 0.0524  -0.0416 -0.1070 70  LYS A N   
431 C CA  . LYS A 58 ? 0.2398 0.6330 0.6829 0.0320  -0.0329 -0.1127 70  LYS A CA  
432 C C   . LYS A 58 ? 0.2415 0.6157 0.6607 0.0223  -0.0489 -0.1163 70  LYS A C   
433 O O   . LYS A 58 ? 0.2429 0.6006 0.6568 0.0061  -0.0346 -0.1121 70  LYS A O   
434 C CB  . LYS A 58 ? 0.2455 0.6838 0.7619 0.0311  -0.0393 -0.1264 70  LYS A CB  
435 C CG  . LYS A 58 ? 0.2706 0.7309 0.8219 0.0353  -0.0135 -0.1236 70  LYS A CG  
436 C CD  . LYS A 58 ? 0.3003 0.8091 0.9294 0.0373  -0.0219 -0.1378 70  LYS A CD  
437 C CE  . LYS A 58 ? 0.3241 0.8548 0.9817 0.0483  0.0014  -0.1363 70  LYS A CE  
438 N NZ  . LYS A 58 ? 0.3299 0.9123 1.0731 0.0492  -0.0024 -0.1500 70  LYS A NZ  
439 N N   . HIS A 59 ? 0.2443 0.6194 0.6459 0.0333  -0.0780 -0.1234 71  HIS A N   
440 C CA  . HIS A 59 ? 0.2539 0.6123 0.6279 0.0270  -0.0935 -0.1294 71  HIS A CA  
441 C C   . HIS A 59 ? 0.2413 0.5591 0.5569 0.0248  -0.0798 -0.1151 71  HIS A C   
442 O O   . HIS A 59 ? 0.2299 0.5312 0.5350 0.0127  -0.0770 -0.1174 71  HIS A O   
443 C CB  . HIS A 59 ? 0.2772 0.6458 0.6356 0.0424  -0.1265 -0.1383 71  HIS A CB  
444 C CG  . HIS A 59 ? 0.3330 0.6974 0.6793 0.0354  -0.1447 -0.1527 71  HIS A CG  
445 N ND1 . HIS A 59 ? 0.3946 0.7759 0.7896 0.0189  -0.1482 -0.1706 71  HIS A ND1 
446 C CD2 . HIS A 59 ? 0.3865 0.7324 0.6792 0.0429  -0.1595 -0.1534 71  HIS A CD2 
447 C CE1 . HIS A 59 ? 0.4073 0.7793 0.7782 0.0170  -0.1658 -0.1840 71  HIS A CE1 
448 N NE2 . HIS A 59 ? 0.4110 0.7626 0.7178 0.0320  -0.1721 -0.1736 71  HIS A NE2 
449 N N   . SER A 60 ? 0.2310 0.5333 0.5132 0.0370  -0.0724 -0.1018 72  SER A N   
450 C CA  . SER A 60 ? 0.2319 0.4990 0.4644 0.0358  -0.0606 -0.0891 72  SER A CA  
451 C C   . SER A 60 ? 0.2266 0.4836 0.4668 0.0197  -0.0373 -0.0840 72  SER A C   
452 O O   . SER A 60 ? 0.2172 0.4499 0.4298 0.0127  -0.0333 -0.0793 72  SER A O   
453 C CB  . SER A 60 ? 0.2282 0.4831 0.4350 0.0505  -0.0565 -0.0781 72  SER A CB  
454 O OG  . SER A 60 ? 0.2718 0.4951 0.4371 0.0480  -0.0460 -0.0676 72  SER A OG  
455 N N   . ASP A 61 ? 0.2260 0.5022 0.5038 0.0148  -0.0215 -0.0838 73  ASP A N   
456 C CA  . ASP A 61 ? 0.2340 0.5037 0.5216 0.0000  0.0024  -0.0760 73  ASP A CA  
457 C C   . ASP A 61 ? 0.2369 0.5006 0.5410 -0.0154 -0.0020 -0.0812 73  ASP A C   
458 O O   . ASP A 61 ? 0.2269 0.4674 0.5132 -0.0241 0.0094  -0.0719 73  ASP A O   
459 C CB  . ASP A 61 ? 0.2434 0.5411 0.5755 -0.0028 0.0207  -0.0758 73  ASP A CB  
460 C CG  . ASP A 61 ? 0.2668 0.5665 0.5812 0.0117  0.0318  -0.0710 73  ASP A CG  
461 O OD1 . ASP A 61 ? 0.2917 0.5669 0.5590 0.0208  0.0281  -0.0656 73  ASP A OD1 
462 O OD2 . ASP A 61 ? 0.2949 0.6214 0.6465 0.0134  0.0450  -0.0738 73  ASP A OD2 
463 N N   . ASP A 62 ? 0.2416 0.5269 0.5821 -0.0179 -0.0201 -0.0974 74  ASP A N   
464 C CA  . ASP A 62 ? 0.2515 0.5332 0.6158 -0.0325 -0.0266 -0.1078 74  ASP A CA  
465 C C   . ASP A 62 ? 0.2532 0.5062 0.5708 -0.0299 -0.0384 -0.1097 74  ASP A C   
466 O O   . ASP A 62 ? 0.2608 0.4945 0.5798 -0.0414 -0.0321 -0.1090 74  ASP A O   
467 C CB  . ASP A 62 ? 0.2651 0.5800 0.6803 -0.0341 -0.0469 -0.1286 74  ASP A CB  
468 C CG  . ASP A 62 ? 0.2819 0.6282 0.7586 -0.0410 -0.0326 -0.1285 74  ASP A CG  
469 O OD1 . ASP A 62 ? 0.3214 0.6617 0.8068 -0.0496 -0.0037 -0.1129 74  ASP A OD1 
470 O OD2 . ASP A 62 ? 0.2991 0.6779 0.8163 -0.0370 -0.0503 -0.1441 74  ASP A OD2 
471 N N   . ILE A 63 ? 0.2431 0.4929 0.5210 -0.0143 -0.0539 -0.1109 75  ILE A N   
472 C CA  . ILE A 63 ? 0.2388 0.4632 0.4696 -0.0100 -0.0615 -0.1107 75  ILE A CA  
473 C C   . ILE A 63 ? 0.2334 0.4292 0.4361 -0.0134 -0.0415 -0.0933 75  ILE A C   
474 O O   . ILE A 63 ? 0.2281 0.4036 0.4162 -0.0186 -0.0400 -0.0939 75  ILE A O   
475 C CB  . ILE A 63 ? 0.2413 0.4679 0.4349 0.0079  -0.0780 -0.1101 75  ILE A CB  
476 C CG1 . ILE A 63 ? 0.2682 0.5226 0.4829 0.0134  -0.1029 -0.1283 75  ILE A CG1 
477 C CG2 . ILE A 63 ? 0.2349 0.4349 0.3796 0.0118  -0.0788 -0.1060 75  ILE A CG2 
478 C CD1 . ILE A 63 ? 0.2860 0.5468 0.4716 0.0327  -0.1184 -0.1236 75  ILE A CD1 
479 N N   . TYR A 64 ? 0.2200 0.4155 0.4164 -0.0096 -0.0271 -0.0794 76  TYR A N   
480 C CA  . TYR A 64 ? 0.2149 0.3858 0.3826 -0.0111 -0.0113 -0.0641 76  TYR A CA  
481 C C   . TYR A 64 ? 0.2269 0.3860 0.4113 -0.0255 0.0004  -0.0600 76  TYR A C   
482 O O   . TYR A 64 ? 0.2261 0.3616 0.3871 -0.0269 0.0035  -0.0535 76  TYR A O   
483 C CB  . TYR A 64 ? 0.2198 0.3964 0.3827 -0.0051 0.0016  -0.0541 76  TYR A CB  
484 C CG  . TYR A 64 ? 0.1960 0.3496 0.3256 -0.0044 0.0141  -0.0405 76  TYR A CG  
485 C CD1 . TYR A 64 ? 0.1977 0.3343 0.2915 0.0044  0.0075  -0.0373 76  TYR A CD1 
486 C CD2 . TYR A 64 ? 0.2258 0.3759 0.3607 -0.0123 0.0320  -0.0301 76  TYR A CD2 
487 C CE1 . TYR A 64 ? 0.2004 0.3189 0.2682 0.0052  0.0159  -0.0274 76  TYR A CE1 
488 C CE2 . TYR A 64 ? 0.2201 0.3513 0.3220 -0.0098 0.0400  -0.0185 76  TYR A CE2 
489 C CZ  . TYR A 64 ? 0.2142 0.3306 0.2843 -0.0011 0.0305  -0.0189 76  TYR A CZ  
490 O OH  . TYR A 64 ? 0.2486 0.3489 0.2901 0.0014  0.0352  -0.0099 76  TYR A OH  
491 N N   . VAL A 65 ? 0.2432 0.4186 0.4719 -0.0358 0.0075  -0.0629 77  VAL A N   
492 C CA  . VAL A 65 ? 0.2660 0.4291 0.5176 -0.0503 0.0195  -0.0574 77  VAL A CA  
493 C C   . VAL A 65 ? 0.2704 0.4170 0.5207 -0.0541 0.0061  -0.0694 77  VAL A C   
494 O O   . VAL A 65 ? 0.2855 0.4075 0.5263 -0.0585 0.0135  -0.0606 77  VAL A O   
495 C CB  . VAL A 65 ? 0.2768 0.4627 0.5846 -0.0619 0.0287  -0.0601 77  VAL A CB  
496 C CG1 . VAL A 65 ? 0.3069 0.4764 0.6443 -0.0779 0.0389  -0.0551 77  VAL A CG1 
497 C CG2 . VAL A 65 ? 0.2979 0.4980 0.6048 -0.0580 0.0479  -0.0466 77  VAL A CG2 
498 N N   . ARG A 66 ? 0.2661 0.4263 0.5240 -0.0506 -0.0140 -0.0899 78  ARG A N   
499 C CA  . ARG A 66 ? 0.2842 0.4309 0.5360 -0.0520 -0.0270 -0.1051 78  ARG A CA  
500 C C   . ARG A 66 ? 0.2700 0.3926 0.4715 -0.0428 -0.0254 -0.0963 78  ARG A C   
501 O O   . ARG A 66 ? 0.2657 0.3679 0.4653 -0.0466 -0.0235 -0.0987 78  ARG A O   
502 C CB  . ARG A 66 ? 0.3002 0.4684 0.5603 -0.0472 -0.0506 -0.1294 78  ARG A CB  
503 C CG  . ARG A 66 ? 0.3506 0.5456 0.6690 -0.0571 -0.0552 -0.1417 78  ARG A CG  
504 C CD  . ARG A 66 ? 0.4342 0.6449 0.7676 -0.0560 -0.0814 -0.1711 78  ARG A CD  
505 N NE  . ARG A 66 ? 0.4896 0.7141 0.7838 -0.0384 -0.1006 -0.1769 78  ARG A NE  
506 C CZ  . ARG A 66 ? 0.5281 0.7813 0.8352 -0.0305 -0.1115 -0.1786 78  ARG A CZ  
507 N NH1 . ARG A 66 ? 0.5284 0.8028 0.8885 -0.0388 -0.1037 -0.1764 78  ARG A NH1 
508 N NH2 . ARG A 66 ? 0.5560 0.8167 0.8231 -0.0133 -0.1292 -0.1810 78  ARG A NH2 
509 N N   . LEU A 67 ? 0.2452 0.3701 0.4114 -0.0309 -0.0253 -0.0864 79  LEU A N   
510 C CA  . LEU A 67 ? 0.2426 0.3475 0.3671 -0.0229 -0.0235 -0.0780 79  LEU A CA  
511 C C   . LEU A 67 ? 0.2405 0.3245 0.3628 -0.0282 -0.0084 -0.0621 79  LEU A C   
512 O O   . LEU A 67 ? 0.2371 0.3034 0.3452 -0.0269 -0.0081 -0.0615 79  LEU A O   
513 C CB  . LEU A 67 ? 0.2320 0.3425 0.3272 -0.0107 -0.0257 -0.0699 79  LEU A CB  
514 C CG  . LEU A 67 ? 0.2612 0.3886 0.3484 -0.0013 -0.0417 -0.0804 79  LEU A CG  
515 C CD1 . LEU A 67 ? 0.2552 0.3840 0.3208 0.0100  -0.0409 -0.0686 79  LEU A CD1 
516 C CD2 . LEU A 67 ? 0.3025 0.4231 0.3681 0.0026  -0.0514 -0.0916 79  LEU A CD2 
517 N N   . THR A 68 ? 0.2390 0.3265 0.3749 -0.0332 0.0042  -0.0492 80  THR A N   
518 C CA  . THR A 68 ? 0.2538 0.3221 0.3834 -0.0366 0.0172  -0.0318 80  THR A CA  
519 C C   . THR A 68 ? 0.2718 0.3239 0.4258 -0.0459 0.0189  -0.0344 80  THR A C   
520 O O   . THR A 68 ? 0.2859 0.3174 0.4281 -0.0446 0.0224  -0.0247 80  THR A O   
521 C CB  . THR A 68 ? 0.2594 0.3354 0.3934 -0.0391 0.0324  -0.0165 80  THR A CB  
522 O OG1 . THR A 68 ? 0.2979 0.3867 0.4744 -0.0502 0.0393  -0.0192 80  THR A OG1 
523 C CG2 . THR A 68 ? 0.2432 0.3336 0.3568 -0.0290 0.0307  -0.0172 80  THR A CG2 
524 N N   . ARG A 69 ? 0.2775 0.3390 0.4685 -0.0546 0.0147  -0.0488 81  ARG A N   
525 C CA  . ARG A 69 ? 0.2956 0.3408 0.5178 -0.0644 0.0159  -0.0542 81  ARG A CA  
526 C C   . ARG A 69 ? 0.2923 0.3255 0.5038 -0.0595 0.0036  -0.0722 81  ARG A C   
527 O O   . ARG A 69 ? 0.3042 0.3179 0.5357 -0.0648 0.0054  -0.0754 81  ARG A O   
528 C CB  . ARG A 69 ? 0.3121 0.3732 0.5841 -0.0766 0.0145  -0.0670 81  ARG A CB  
529 C CG  . ARG A 69 ? 0.3552 0.4284 0.6502 -0.0842 0.0308  -0.0503 81  ARG A CG  
530 C CD  . ARG A 69 ? 0.4143 0.5074 0.7655 -0.0962 0.0263  -0.0677 81  ARG A CD  
531 N NE  . ARG A 69 ? 0.4855 0.5960 0.8656 -0.1038 0.0438  -0.0535 81  ARG A NE  
532 C CZ  . ARG A 69 ? 0.5515 0.6499 0.9554 -0.1149 0.0653  -0.0325 81  ARG A CZ  
533 N NH1 . ARG A 69 ? 0.5919 0.6582 0.9961 -0.1192 0.0701  -0.0225 81  ARG A NH1 
534 N NH2 . ARG A 69 ? 0.5667 0.6854 0.9953 -0.1208 0.0832  -0.0204 81  ARG A NH2 
535 N N   . ASP A 70 ? 0.2712 0.3156 0.4525 -0.0492 -0.0079 -0.0838 82  ASP A N   
536 C CA  . ASP A 70 ? 0.2777 0.3138 0.4428 -0.0428 -0.0171 -0.1010 82  ASP A CA  
537 C C   . ASP A 70 ? 0.2729 0.2847 0.4261 -0.0395 -0.0083 -0.0883 82  ASP A C   
538 O O   . ASP A 70 ? 0.2496 0.2574 0.3838 -0.0356 -0.0011 -0.0679 82  ASP A O   
539 C CB  . ASP A 70 ? 0.2737 0.3258 0.4023 -0.0310 -0.0265 -0.1069 82  ASP A CB  
540 C CG  . ASP A 70 ? 0.3174 0.3648 0.4241 -0.0234 -0.0336 -0.1237 82  ASP A CG  
541 O OD1 . ASP A 70 ? 0.3470 0.3788 0.4378 -0.0188 -0.0262 -0.1168 82  ASP A OD1 
542 O OD2 . ASP A 70 ? 0.3710 0.4325 0.4760 -0.0210 -0.0468 -0.1443 82  ASP A OD2 
543 N N   . SER A 71 ? 0.2866 0.2832 0.4536 -0.0405 -0.0102 -0.1022 83  SER A N   
544 C CA  . SER A 71 ? 0.2878 0.2614 0.4530 -0.0369 -0.0028 -0.0916 83  SER A CA  
545 C C   . SER A 71 ? 0.2776 0.2516 0.4078 -0.0244 -0.0032 -0.0918 83  SER A C   
546 O O   . SER A 71 ? 0.2677 0.2263 0.3989 -0.0202 0.0019  -0.0833 83  SER A O   
547 C CB  . SER A 71 ? 0.3200 0.2753 0.5206 -0.0423 -0.0036 -0.1074 83  SER A CB  
548 O OG  . SER A 71 ? 0.3517 0.3134 0.5436 -0.0371 -0.0128 -0.1364 83  SER A OG  
549 N N   . THR A 72 ? 0.2524 0.2439 0.3547 -0.0182 -0.0086 -0.0998 84  THR A N   
550 C CA  . THR A 72 ? 0.2364 0.2296 0.3079 -0.0079 -0.0056 -0.0940 84  THR A CA  
551 C C   . THR A 72 ? 0.2118 0.1977 0.2798 -0.0072 0.0008  -0.0696 84  THR A C   
552 O O   . THR A 72 ? 0.2128 0.2022 0.2832 -0.0116 0.0017  -0.0564 84  THR A O   
553 C CB  . THR A 72 ? 0.2306 0.2425 0.2730 -0.0023 -0.0110 -0.0976 84  THR A CB  
554 O OG1 . THR A 72 ? 0.2258 0.2470 0.2685 -0.0020 -0.0202 -0.1208 84  THR A OG1 
555 C CG2 . THR A 72 ? 0.2302 0.2423 0.2454 0.0069  -0.0054 -0.0908 84  THR A CG2 
556 N N   . PRO A 73 ? 0.2099 0.1875 0.2737 -0.0012 0.0050  -0.0648 85  PRO A N   
557 C CA  . PRO A 73 ? 0.1955 0.1694 0.2544 0.0007  0.0073  -0.0444 85  PRO A CA  
558 C C   . PRO A 73 ? 0.1872 0.1737 0.2253 0.0014  0.0057  -0.0359 85  PRO A C   
559 O O   . PRO A 73 ? 0.1768 0.1739 0.1989 0.0045  0.0042  -0.0428 85  PRO A O   
560 C CB  . PRO A 73 ? 0.1923 0.1625 0.2511 0.0082  0.0105  -0.0462 85  PRO A CB  
561 C CG  . PRO A 73 ? 0.2219 0.1851 0.2957 0.0089  0.0121  -0.0640 85  PRO A CG  
562 C CD  . PRO A 73 ? 0.2150 0.1868 0.2825 0.0045  0.0077  -0.0790 85  PRO A CD  
563 N N   . GLU A 74 ? 0.1783 0.1628 0.2152 -0.0005 0.0059  -0.0209 86  GLU A N   
564 C CA  . GLU A 74 ? 0.1775 0.1728 0.1978 0.0005  0.0047  -0.0156 86  GLU A CA  
565 C C   . GLU A 74 ? 0.1633 0.1627 0.1689 0.0065  0.0034  -0.0159 86  GLU A C   
566 O O   . GLU A 74 ? 0.1634 0.1715 0.1576 0.0083  0.0021  -0.0178 86  GLU A O   
567 C CB  . GLU A 74 ? 0.1864 0.1786 0.2039 -0.0008 0.0062  -0.0010 86  GLU A CB  
568 C CG  . GLU A 74 ? 0.2076 0.1969 0.2394 -0.0076 0.0110  0.0037  86  GLU A CG  
569 C CD  . GLU A 74 ? 0.2180 0.2211 0.2573 -0.0122 0.0119  -0.0055 86  GLU A CD  
570 O OE1 . GLU A 74 ? 0.2326 0.2474 0.2587 -0.0090 0.0108  -0.0059 86  GLU A OE1 
571 O OE2 . GLU A 74 ? 0.2239 0.2259 0.2853 -0.0185 0.0125  -0.0133 86  GLU A OE2 
572 N N   . TYR A 75 ? 0.1557 0.1490 0.1655 0.0097  0.0043  -0.0133 87  TYR A N   
573 C CA  . TYR A 75 ? 0.1464 0.1437 0.1491 0.0138  0.0052  -0.0121 87  TYR A CA  
574 C C   . TYR A 75 ? 0.1541 0.1574 0.1471 0.0160  0.0090  -0.0204 87  TYR A C   
575 O O   . TYR A 75 ? 0.1552 0.1627 0.1376 0.0184  0.0103  -0.0168 87  TYR A O   
576 C CB  . TYR A 75 ? 0.1464 0.1394 0.1626 0.0165  0.0053  -0.0083 87  TYR A CB  
577 C CG  . TYR A 75 ? 0.1314 0.1233 0.1592 0.0192  0.0115  -0.0160 87  TYR A CG  
578 C CD1 . TYR A 75 ? 0.1346 0.1329 0.1605 0.0220  0.0188  -0.0188 87  TYR A CD1 
579 C CD2 . TYR A 75 ? 0.1453 0.1292 0.1869 0.0192  0.0118  -0.0204 87  TYR A CD2 
580 C CE1 . TYR A 75 ? 0.1601 0.1595 0.1947 0.0256  0.0273  -0.0274 87  TYR A CE1 
581 C CE2 . TYR A 75 ? 0.1576 0.1405 0.2108 0.0231  0.0184  -0.0310 87  TYR A CE2 
582 C CZ  . TYR A 75 ? 0.1338 0.1259 0.1816 0.0266  0.0266  -0.0351 87  TYR A CZ  
583 O OH  . TYR A 75 ? 0.1307 0.1237 0.1881 0.0315  0.0354  -0.0464 87  TYR A OH  
584 N N   . ILE A 76 ? 0.1587 0.1618 0.1543 0.0157  0.0103  -0.0314 88  ILE A N   
585 C CA  . ILE A 76 ? 0.1686 0.1788 0.1482 0.0195  0.0124  -0.0407 88  ILE A CA  
586 C C   . ILE A 76 ? 0.1748 0.1936 0.1411 0.0195  0.0059  -0.0409 88  ILE A C   
587 O O   . ILE A 76 ? 0.1730 0.1978 0.1204 0.0245  0.0063  -0.0390 88  ILE A O   
588 C CB  . ILE A 76 ? 0.1880 0.1958 0.1741 0.0202  0.0139  -0.0569 88  ILE A CB  
589 C CG1 . ILE A 76 ? 0.1871 0.1892 0.1856 0.0235  0.0223  -0.0566 88  ILE A CG1 
590 C CG2 . ILE A 76 ? 0.1901 0.2077 0.1531 0.0250  0.0128  -0.0697 88  ILE A CG2 
591 C CD1 . ILE A 76 ? 0.1968 0.1930 0.2086 0.0251  0.0247  -0.0732 88  ILE A CD1 
592 N N   . LYS A 77 ? 0.1790 0.1988 0.1568 0.0143  0.0006  -0.0413 89  LYS A N   
593 C CA  . LYS A 77 ? 0.1782 0.2085 0.1505 0.0147  -0.0054 -0.0411 89  LYS A CA  
594 C C   . LYS A 77 ? 0.1698 0.2004 0.1300 0.0192  -0.0043 -0.0294 89  LYS A C   
595 O O   . LYS A 77 ? 0.1635 0.2009 0.1107 0.0246  -0.0078 -0.0287 89  LYS A O   
596 C CB  . LYS A 77 ? 0.1731 0.2054 0.1642 0.0079  -0.0069 -0.0401 89  LYS A CB  
597 C CG  . LYS A 77 ? 0.1965 0.2273 0.2071 0.0017  -0.0081 -0.0514 89  LYS A CG  
598 C CD  . LYS A 77 ? 0.1713 0.2043 0.2027 -0.0060 -0.0060 -0.0465 89  LYS A CD  
599 C CE  . LYS A 77 ? 0.1867 0.2146 0.2447 -0.0138 -0.0059 -0.0558 89  LYS A CE  
600 N NZ  . LYS A 77 ? 0.1680 0.1953 0.2482 -0.0222 0.0008  -0.0458 89  LYS A NZ  
601 N N   . CYS A 78 ? 0.1639 0.1867 0.1296 0.0176  -0.0008 -0.0207 90  CYS A N   
602 C CA  . CYS A 78 ? 0.1727 0.1933 0.1326 0.0209  -0.0004 -0.0121 90  CYS A CA  
603 C C   . CYS A 78 ? 0.1843 0.2035 0.1337 0.0255  0.0036  -0.0087 90  CYS A C   
604 O O   . CYS A 78 ? 0.1814 0.2012 0.1226 0.0298  0.0025  -0.0030 90  CYS A O   
605 C CB  . CYS A 78 ? 0.1705 0.1838 0.1386 0.0186  0.0004  -0.0071 90  CYS A CB  
606 S SG  . CYS A 78 ? 0.1880 0.2025 0.1601 0.0152  -0.0017 -0.0060 90  CYS A SG  
607 N N   . ARG A 79 ? 0.1895 0.2069 0.1400 0.0253  0.0095  -0.0111 91  ARG A N   
608 C CA  . ARG A 79 ? 0.1950 0.2122 0.1349 0.0296  0.0175  -0.0059 91  ARG A CA  
609 C C   . ARG A 79 ? 0.2205 0.2442 0.1366 0.0357  0.0154  -0.0074 91  ARG A C   
610 O O   . ARG A 79 ? 0.2265 0.2490 0.1296 0.0405  0.0193  0.0031  91  ARG A O   
611 C CB  . ARG A 79 ? 0.2042 0.2204 0.1527 0.0290  0.0264  -0.0097 91  ARG A CB  
612 C CG  . ARG A 79 ? 0.1869 0.1983 0.1593 0.0252  0.0269  -0.0051 91  ARG A CG  
613 C CD  . ARG A 79 ? 0.2275 0.2397 0.2157 0.0257  0.0349  -0.0084 91  ARG A CD  
614 N NE  . ARG A 79 ? 0.2083 0.2181 0.2202 0.0228  0.0317  -0.0029 91  ARG A NE  
615 C CZ  . ARG A 79 ? 0.1960 0.2072 0.2217 0.0216  0.0366  0.0040  91  ARG A CZ  
616 N NH1 . ARG A 79 ? 0.1902 0.2034 0.2083 0.0230  0.0487  0.0100  91  ARG A NH1 
617 N NH2 . ARG A 79 ? 0.1978 0.2084 0.2460 0.0191  0.0289  0.0052  91  ARG A NH2 
618 N N   . GLU A 80 ? 0.2262 0.2568 0.1379 0.0357  0.0083  -0.0202 92  GLU A N   
619 C CA  . GLU A 80 ? 0.2461 0.2860 0.1355 0.0424  0.0016  -0.0246 92  GLU A CA  
620 C C   . GLU A 80 ? 0.2416 0.2842 0.1285 0.0461  -0.0062 -0.0155 92  GLU A C   
621 O O   . GLU A 80 ? 0.2610 0.3056 0.1270 0.0544  -0.0074 -0.0070 92  GLU A O   
622 C CB  . GLU A 80 ? 0.2509 0.2982 0.1447 0.0401  -0.0067 -0.0439 92  GLU A CB  
623 C CG  . GLU A 80 ? 0.2785 0.3226 0.1715 0.0396  0.0005  -0.0558 92  GLU A CG  
624 C CD  . GLU A 80 ? 0.3520 0.4016 0.2121 0.0490  0.0051  -0.0591 92  GLU A CD  
625 O OE1 . GLU A 80 ? 0.3676 0.4217 0.2032 0.0562  0.0037  -0.0478 92  GLU A OE1 
626 O OE2 . GLU A 80 ? 0.4013 0.4502 0.2588 0.0502  0.0111  -0.0728 92  GLU A OE2 
627 N N   . PHE A 81 ? 0.2246 0.2673 0.1321 0.0412  -0.0107 -0.0161 93  PHE A N   
628 C CA  . PHE A 81 ? 0.2307 0.2769 0.1406 0.0456  -0.0172 -0.0100 93  PHE A CA  
629 C C   . PHE A 81 ? 0.2366 0.2711 0.1432 0.0494  -0.0116 0.0051  93  PHE A C   
630 O O   . PHE A 81 ? 0.2471 0.2822 0.1459 0.0573  -0.0161 0.0129  93  PHE A O   
631 C CB  . PHE A 81 ? 0.2124 0.2632 0.1445 0.0400  -0.0203 -0.0155 93  PHE A CB  
632 C CG  . PHE A 81 ? 0.2261 0.2891 0.1694 0.0356  -0.0261 -0.0289 93  PHE A CG  
633 C CD1 . PHE A 81 ? 0.3012 0.3749 0.2354 0.0396  -0.0349 -0.0381 93  PHE A CD1 
634 C CD2 . PHE A 81 ? 0.2444 0.3084 0.2083 0.0276  -0.0230 -0.0321 93  PHE A CD2 
635 C CE1 . PHE A 81 ? 0.3388 0.4240 0.2907 0.0341  -0.0417 -0.0530 93  PHE A CE1 
636 C CE2 . PHE A 81 ? 0.2605 0.3345 0.2420 0.0217  -0.0267 -0.0431 93  PHE A CE2 
637 C CZ  . PHE A 81 ? 0.2903 0.3748 0.2690 0.0243  -0.0365 -0.0548 93  PHE A CZ  
638 N N   . ASN A 82 ? 0.2364 0.2602 0.1522 0.0440  -0.0029 0.0093  94  ASN A N   
639 C CA  . ASN A 82 ? 0.2433 0.2551 0.1632 0.0457  0.0027  0.0220  94  ASN A CA  
640 C C   . ASN A 82 ? 0.2785 0.2875 0.1795 0.0522  0.0085  0.0345  94  ASN A C   
641 O O   . ASN A 82 ? 0.2888 0.2891 0.1896 0.0571  0.0091  0.0471  94  ASN A O   
642 C CB  . ASN A 82 ? 0.2343 0.2383 0.1719 0.0383  0.0091  0.0218  94  ASN A CB  
643 C CG  . ASN A 82 ? 0.2221 0.2246 0.1743 0.0347  0.0031  0.0154  94  ASN A CG  
644 O OD1 . ASN A 82 ? 0.2544 0.2567 0.2081 0.0381  -0.0019 0.0145  94  ASN A OD1 
645 N ND2 . ASN A 82 ? 0.2051 0.2066 0.1676 0.0291  0.0039  0.0110  94  ASN A ND2 
646 N N   . ARG A 83 ? 0.2933 0.3084 0.1773 0.0532  0.0134  0.0312  95  ARG A N   
647 C CA  . ARG A 83 ? 0.3404 0.3553 0.1982 0.0610  0.0203  0.0431  95  ARG A CA  
648 C C   . ARG A 83 ? 0.3639 0.3852 0.1997 0.0715  0.0079  0.0462  95  ARG A C   
649 O O   . ARG A 83 ? 0.3850 0.3995 0.2071 0.0795  0.0102  0.0642  95  ARG A O   
650 C CB  . ARG A 83 ? 0.3583 0.3801 0.2019 0.0604  0.0290  0.0345  95  ARG A CB  
651 C CG  . ARG A 83 ? 0.4465 0.4696 0.2569 0.0693  0.0394  0.0464  95  ARG A CG  
652 C CD  . ARG A 83 ? 0.5086 0.5402 0.3042 0.0701  0.0483  0.0333  95  ARG A CD  
653 N NE  . ARG A 83 ? 0.6083 0.6430 0.3652 0.0801  0.0600  0.0449  95  ARG A NE  
654 C CZ  . ARG A 83 ? 0.6614 0.6949 0.4147 0.0801  0.0826  0.0540  95  ARG A CZ  
655 N NH1 . ARG A 83 ? 0.6713 0.7016 0.4618 0.0705  0.0942  0.0517  95  ARG A NH1 
656 N NH2 . ARG A 83 ? 0.7184 0.7557 0.4302 0.0905  0.0940  0.0659  95  ARG A NH2 
657 N N   . ARG A 84 ? 0.3589 0.3937 0.1941 0.0720  -0.0055 0.0295  96  ARG A N   
658 C CA  . ARG A 84 ? 0.4062 0.4525 0.2225 0.0825  -0.0203 0.0284  96  ARG A CA  
659 C C   . ARG A 84 ? 0.4025 0.4463 0.2323 0.0882  -0.0293 0.0378  96  ARG A C   
660 O O   . ARG A 84 ? 0.4084 0.4562 0.2200 0.1003  -0.0384 0.0469  96  ARG A O   
661 C CB  . ARG A 84 ? 0.4118 0.4742 0.2324 0.0794  -0.0323 0.0051  96  ARG A CB  
662 C CG  . ARG A 84 ? 0.4835 0.5485 0.2876 0.0773  -0.0256 -0.0067 96  ARG A CG  
663 C CD  . ARG A 84 ? 0.6073 0.6869 0.3803 0.0870  -0.0380 -0.0177 96  ARG A CD  
664 N NE  . ARG A 84 ? 0.6811 0.7618 0.4362 0.0864  -0.0299 -0.0313 96  ARG A NE  
665 C CZ  . ARG A 84 ? 0.7069 0.7872 0.4845 0.0768  -0.0280 -0.0506 96  ARG A CZ  
666 N NH1 . ARG A 84 ? 0.6776 0.7563 0.4937 0.0664  -0.0328 -0.0564 96  ARG A NH1 
667 N NH2 . ARG A 84 ? 0.7402 0.8207 0.5014 0.0785  -0.0200 -0.0637 96  ARG A NH2 
668 N N   . LEU A 85 ? 0.3755 0.4128 0.2358 0.0810  -0.0269 0.0356  97  LEU A N   
669 C CA  . LEU A 85 ? 0.3890 0.4252 0.2662 0.0868  -0.0347 0.0398  97  LEU A CA  
670 C C   . LEU A 85 ? 0.4168 0.4327 0.2955 0.0920  -0.0279 0.0599  97  LEU A C   
671 O O   . LEU A 85 ? 0.4266 0.4377 0.3224 0.0975  -0.0330 0.0631  97  LEU A O   
672 C CB  . LEU A 85 ? 0.3580 0.3984 0.2640 0.0784  -0.0350 0.0261  97  LEU A CB  
673 C CG  . LEU A 85 ? 0.3545 0.4151 0.2689 0.0745  -0.0430 0.0090  97  LEU A CG  
674 C CD1 . LEU A 85 ? 0.3534 0.4154 0.2918 0.0653  -0.0381 0.0000  97  LEU A CD1 
675 C CD2 . LEU A 85 ? 0.3905 0.4669 0.3075 0.0852  -0.0576 0.0072  97  LEU A CD2 
676 N N   . VAL A 86 ? 0.4377 0.4417 0.3015 0.0905  -0.0155 0.0733  98  VAL A N   
677 C CA  . VAL A 86 ? 0.4649 0.4477 0.3371 0.0925  -0.0065 0.0929  98  VAL A CA  
678 C C   . VAL A 86 ? 0.4992 0.4771 0.3679 0.1068  -0.0165 0.1065  98  VAL A C   
679 O O   . VAL A 86 ? 0.5052 0.4685 0.3992 0.1082  -0.0169 0.1107  98  VAL A O   
680 C CB  . VAL A 86 ? 0.4849 0.4592 0.3411 0.0895  0.0108  0.1079  98  VAL A CB  
681 C CG1 . VAL A 86 ? 0.5211 0.4732 0.3863 0.0925  0.0204  0.1324  98  VAL A CG1 
682 C CG2 . VAL A 86 ? 0.4591 0.4351 0.3325 0.0756  0.0204  0.0951  98  VAL A CG2 
683 N N   . PRO A 87 ? 0.5387 0.5289 0.3776 0.1185  -0.0261 0.1119  99  PRO A N   
684 C CA  . PRO A 87 ? 0.5717 0.5591 0.4091 0.1342  -0.0387 0.1253  99  PRO A CA  
685 C C   . PRO A 87 ? 0.5558 0.5502 0.4276 0.1368  -0.0510 0.1107  99  PRO A C   
686 O O   . PRO A 87 ? 0.5641 0.5429 0.4549 0.1443  -0.0525 0.1213  99  PRO A O   
687 C CB  . PRO A 87 ? 0.6050 0.6115 0.4027 0.1454  -0.0507 0.1263  99  PRO A CB  
688 C CG  . PRO A 87 ? 0.6066 0.6147 0.3788 0.1371  -0.0364 0.1244  99  PRO A CG  
689 C CD  . PRO A 87 ? 0.5490 0.5547 0.3528 0.1197  -0.0265 0.1071  99  PRO A CD  
690 N N   . PHE A 88 ? 0.5353 0.5518 0.4167 0.1309  -0.0585 0.0871  100 PHE A N   
691 C CA  . PHE A 88 ? 0.5208 0.5477 0.4349 0.1329  -0.0667 0.0727  100 PHE A CA  
692 C C   . PHE A 88 ? 0.5101 0.5186 0.4512 0.1260  -0.0555 0.0698  100 PHE A C   
693 O O   . PHE A 88 ? 0.5108 0.5149 0.4751 0.1339  -0.0593 0.0688  100 PHE A O   
694 C CB  . PHE A 88 ? 0.4960 0.5493 0.4175 0.1251  -0.0725 0.0499  100 PHE A CB  
695 C CG  . PHE A 88 ? 0.4843 0.5526 0.4400 0.1272  -0.0784 0.0363  100 PHE A CG  
696 C CD1 . PHE A 88 ? 0.4998 0.5788 0.4685 0.1427  -0.0923 0.0396  100 PHE A CD1 
697 C CD2 . PHE A 88 ? 0.4535 0.5273 0.4286 0.1149  -0.0694 0.0207  100 PHE A CD2 
698 C CE1 . PHE A 88 ? 0.4832 0.5792 0.4878 0.1453  -0.0954 0.0260  100 PHE A CE1 
699 C CE2 . PHE A 88 ? 0.4470 0.5368 0.4525 0.1172  -0.0711 0.0087  100 PHE A CE2 
700 C CZ  . PHE A 88 ? 0.4661 0.5680 0.4885 0.1323  -0.0833 0.0105  100 PHE A CZ  
701 N N   . ILE A 89 ? 0.5028 0.5014 0.4417 0.1125  -0.0430 0.0668  101 ILE A N   
702 C CA  . ILE A 89 ? 0.4947 0.4768 0.4566 0.1057  -0.0347 0.0614  101 ILE A CA  
703 C C   . ILE A 89 ? 0.5332 0.4899 0.5068 0.1134  -0.0326 0.0777  101 ILE A C   
704 O O   . ILE A 89 ? 0.5363 0.4821 0.5348 0.1146  -0.0323 0.0700  101 ILE A O   
705 C CB  . ILE A 89 ? 0.4747 0.4525 0.4326 0.0908  -0.0242 0.0567  101 ILE A CB  
706 C CG1 . ILE A 89 ? 0.4498 0.4487 0.4028 0.0835  -0.0262 0.0402  101 ILE A CG1 
707 C CG2 . ILE A 89 ? 0.4580 0.4183 0.4383 0.0851  -0.0188 0.0518  101 ILE A CG2 
708 C CD1 . ILE A 89 ? 0.4207 0.4171 0.3683 0.0714  -0.0179 0.0370  101 ILE A CD1 
709 N N   . GLY A 90 ? 0.5777 0.5246 0.5330 0.1192  -0.0307 0.1002  102 GLY A N   
710 C CA  . GLY A 90 ? 0.6211 0.5422 0.5875 0.1282  -0.0287 0.1209  102 GLY A CA  
711 C C   . GLY A 90 ? 0.6430 0.5648 0.6265 0.1438  -0.0413 0.1199  102 GLY A C   
712 O O   . GLY A 90 ? 0.6548 0.5538 0.6645 0.1485  -0.0398 0.1244  102 GLY A O   
713 N N   . GLU A 91 ? 0.6530 0.6011 0.6258 0.1521  -0.0541 0.1127  103 GLU A N   
714 C CA  . GLU A 91 ? 0.6741 0.6302 0.6688 0.1671  -0.0669 0.1076  103 GLU A CA  
715 C C   . GLU A 91 ? 0.6551 0.6158 0.6819 0.1620  -0.0635 0.0821  103 GLU A C   
716 O O   . GLU A 91 ? 0.6634 0.6157 0.7180 0.1726  -0.0666 0.0786  103 GLU A O   
717 C CB  . GLU A 91 ? 0.6792 0.6668 0.6584 0.1758  -0.0824 0.1042  103 GLU A CB  
718 C CG  . GLU A 91 ? 0.7327 0.7177 0.6755 0.1861  -0.0892 0.1287  103 GLU A CG  
719 C CD  . GLU A 91 ? 0.7929 0.7538 0.7416 0.2033  -0.0932 0.1547  103 GLU A CD  
720 O OE1 . GLU A 91 ? 0.8057 0.7753 0.7770 0.2185  -0.1074 0.1524  103 GLU A OE1 
721 O OE2 . GLU A 91 ? 0.8263 0.7596 0.7607 0.2016  -0.0810 0.1782  103 GLU A OE2 
722 N N   . LEU A 92 ? 0.6329 0.6066 0.6545 0.1468  -0.0570 0.0647  104 LEU A N   
723 C CA  . LEU A 92 ? 0.6198 0.5995 0.6623 0.1413  -0.0520 0.0418  104 LEU A CA  
724 C C   . LEU A 92 ? 0.6430 0.5944 0.7041 0.1402  -0.0454 0.0391  104 LEU A C   
725 O O   . LEU A 92 ? 0.6481 0.5982 0.7320 0.1469  -0.0455 0.0249  104 LEU A O   
726 C CB  . LEU A 92 ? 0.5864 0.5811 0.6150 0.1253  -0.0457 0.0292  104 LEU A CB  
727 C CG  . LEU A 92 ? 0.5648 0.5897 0.5862 0.1237  -0.0514 0.0226  104 LEU A CG  
728 C CD1 . LEU A 92 ? 0.5195 0.5521 0.5307 0.1078  -0.0436 0.0123  104 LEU A CD1 
729 C CD2 . LEU A 92 ? 0.5539 0.5992 0.6006 0.1334  -0.0565 0.0112  104 LEU A CD2 
730 N N   . LEU A 93 ? 0.6688 0.5983 0.7220 0.1318  -0.0391 0.0513  105 LEU A N   
731 C CA  . LEU A 93 ? 0.6932 0.5960 0.7678 0.1275  -0.0336 0.0465  105 LEU A CA  
732 C C   . LEU A 93 ? 0.7406 0.6159 0.8356 0.1395  -0.0356 0.0628  105 LEU A C   
733 O O   . LEU A 93 ? 0.7594 0.6112 0.8811 0.1385  -0.0332 0.0551  105 LEU A O   
734 C CB  . LEU A 93 ? 0.6849 0.5794 0.7507 0.1112  -0.0256 0.0501  105 LEU A CB  
735 C CG  . LEU A 93 ? 0.6576 0.5737 0.7077 0.0995  -0.0238 0.0342  105 LEU A CG  
736 C CD1 . LEU A 93 ? 0.6417 0.5503 0.6877 0.0859  -0.0169 0.0398  105 LEU A CD1 
737 C CD2 . LEU A 93 ? 0.6493 0.5717 0.7099 0.0993  -0.0255 0.0089  105 LEU A CD2 
738 N N   . ALA A 94 ? 0.7718 0.6495 0.8554 0.1515  -0.0411 0.0847  106 ALA A N   
739 C CA  . ALA A 94 ? 0.8196 0.6698 0.9197 0.1647  -0.0432 0.1062  106 ALA A CA  
740 C C   . ALA A 94 ? 0.8354 0.6747 0.9727 0.1755  -0.0474 0.0896  106 ALA A C   
741 O O   . ALA A 94 ? 0.8648 0.6709 1.0291 0.1769  -0.0440 0.0943  106 ALA A O   
742 C CB  . ALA A 94 ? 0.8418 0.7029 0.9181 0.1790  -0.0522 0.1300  106 ALA A CB  
743 O OXT . ALA A 94 ? 0.8275 0.6902 0.9710 0.1831  -0.0534 0.0705  106 ALA A OXT 
# 
